data_4ETU
# 
_entry.id   4ETU 
# 
_audit_conform.dict_name       mmcif_pdbx.dic 
_audit_conform.dict_version    5.379 
_audit_conform.dict_location   http://mmcif.pdb.org/dictionaries/ascii/mmcif_pdbx.dic 
# 
loop_
_database_2.database_id 
_database_2.database_code 
_database_2.pdbx_database_accession 
_database_2.pdbx_DOI 
PDB   4ETU         pdb_00004etu 10.2210/pdb4etu/pdb 
RCSB  RCSB072061   ?            ?                   
WWPDB D_1000072061 ?            ?                   
# 
loop_
_pdbx_database_related.db_name 
_pdbx_database_related.db_id 
_pdbx_database_related.details 
_pdbx_database_related.content_type 
PDB 4ERT 'RyR1 2734-2940' unspecified 
PDB 4ERV 'RyR3 2597-2800' unspecified 
PDB 4ETT 'RyR1 E2764K'    unspecified 
PDB 4ESU 'RyR1 S2776M'    unspecified 
PDB 4ETV 'RyR2 K2879A'    unspecified 
# 
_pdbx_database_status.entry_id                        4ETU 
_pdbx_database_status.status_code                     REL 
_pdbx_database_status.deposit_site                    RCSB 
_pdbx_database_status.process_site                    RCSB 
_pdbx_database_status.recvd_initial_deposition_date   2012-04-24 
_pdbx_database_status.status_code_sf                  REL 
_pdbx_database_status.status_code_mr                  ? 
_pdbx_database_status.SG_entry                        ? 
_pdbx_database_status.status_code_cs                  ? 
_pdbx_database_status.methods_development_category    ? 
_pdbx_database_status.pdb_format_compatible           Y 
_pdbx_database_status.status_code_nmr_data            ? 
# 
loop_
_audit_author.name 
_audit_author.pdbx_ordinal 
'Yuchi, Z.'       1 
'Lau, K.'         2 
'Van Petegem, F.' 3 
# 
_citation.id                        primary 
_citation.title                     
'Disease mutations in the ryanodine receptor central region: crystal structures of a phosphorylation hot spot domain.' 
_citation.journal_abbrev            Structure 
_citation.journal_volume            20 
_citation.page_first                1201 
_citation.page_last                 1211 
_citation.year                      2012 
_citation.journal_id_ASTM           STRUE6 
_citation.country                   UK 
_citation.journal_id_ISSN           0969-2126 
_citation.journal_id_CSD            2005 
_citation.book_publisher            ? 
_citation.pdbx_database_id_PubMed   22705209 
_citation.pdbx_database_id_DOI      10.1016/j.str.2012.04.015 
# 
loop_
_citation_author.citation_id 
_citation_author.name 
_citation_author.ordinal 
_citation_author.identifier_ORCID 
primary 'Yuchi, Z.'       1 ? 
primary 'Lau, K.'         2 ? 
primary 'Van Petegem, F.' 3 ? 
# 
_cell.length_a           32.341 
_cell.length_b           56.463 
_cell.length_c           116.420 
_cell.angle_alpha        90.000 
_cell.angle_beta         90.000 
_cell.angle_gamma        90.000 
_cell.entry_id           4ETU 
_cell.pdbx_unique_axis   ? 
_cell.Z_PDB              4 
_cell.length_a_esd       ? 
_cell.length_b_esd       ? 
_cell.length_c_esd       ? 
_cell.angle_alpha_esd    ? 
_cell.angle_beta_esd     ? 
_cell.angle_gamma_esd    ? 
# 
_symmetry.space_group_name_H-M             'P 2 21 21' 
_symmetry.entry_id                         4ETU 
_symmetry.Int_Tables_number                18 
_symmetry.pdbx_full_space_group_name_H-M   ? 
_symmetry.cell_setting                     ? 
_symmetry.space_group_name_Hall            ? 
# 
loop_
_entity.id 
_entity.type 
_entity.src_method 
_entity.pdbx_description 
_entity.formula_weight 
_entity.pdbx_number_of_molecules 
_entity.pdbx_ec 
_entity.pdbx_mutation 
_entity.pdbx_fragment 
_entity.details 
1 polymer     man 'Ryanodine receptor 1' 24591.633 1  ? R2939S ? ? 
2 non-polymer syn GLYCEROL               92.094    3  ? ?      ? ? 
3 water       nat water                  18.015    88 ? ?      ? ? 
# 
_entity_name_com.entity_id   1 
_entity_name_com.name        
;RYR-1, RyR1, Skeletal muscle calcium release channel, Skeletal muscle ryanodine receptor, Skeletal muscle-type ryanodine receptor, Type 1 ryanodine receptor
;
# 
_entity_poly.entity_id                      1 
_entity_poly.type                           'polypeptide(L)' 
_entity_poly.nstd_linkage                   no 
_entity_poly.nstd_monomer                   no 
_entity_poly.pdbx_seq_one_letter_code       
;SNANFDPRPVETLNVIIPEKLDSFINKFAEYTHEKWAFDKIQNNWSYGENVDEELKTHPMLRPYKTFSEKDKEIYRWPIK
ESLKAMIAWEWTIEKAREGEEERTEKKKTRKISQTAQTYDPREGYNPQPPDLSGVTLSRELQAMAEQLAENYHNTWGRKK
KQELEAKGGGTHPLLVPYDTLTAKEKARDREKAQELLKFLQMNGYAVTSG
;
_entity_poly.pdbx_seq_one_letter_code_can   
;SNANFDPRPVETLNVIIPEKLDSFINKFAEYTHEKWAFDKIQNNWSYGENVDEELKTHPMLRPYKTFSEKDKEIYRWPIK
ESLKAMIAWEWTIEKAREGEEERTEKKKTRKISQTAQTYDPREGYNPQPPDLSGVTLSRELQAMAEQLAENYHNTWGRKK
KQELEAKGGGTHPLLVPYDTLTAKEKARDREKAQELLKFLQMNGYAVTSG
;
_entity_poly.pdbx_strand_id                 A 
_entity_poly.pdbx_target_identifier         ? 
# 
loop_
_entity_poly_seq.entity_id 
_entity_poly_seq.num 
_entity_poly_seq.mon_id 
_entity_poly_seq.hetero 
1 1   SER n 
1 2   ASN n 
1 3   ALA n 
1 4   ASN n 
1 5   PHE n 
1 6   ASP n 
1 7   PRO n 
1 8   ARG n 
1 9   PRO n 
1 10  VAL n 
1 11  GLU n 
1 12  THR n 
1 13  LEU n 
1 14  ASN n 
1 15  VAL n 
1 16  ILE n 
1 17  ILE n 
1 18  PRO n 
1 19  GLU n 
1 20  LYS n 
1 21  LEU n 
1 22  ASP n 
1 23  SER n 
1 24  PHE n 
1 25  ILE n 
1 26  ASN n 
1 27  LYS n 
1 28  PHE n 
1 29  ALA n 
1 30  GLU n 
1 31  TYR n 
1 32  THR n 
1 33  HIS n 
1 34  GLU n 
1 35  LYS n 
1 36  TRP n 
1 37  ALA n 
1 38  PHE n 
1 39  ASP n 
1 40  LYS n 
1 41  ILE n 
1 42  GLN n 
1 43  ASN n 
1 44  ASN n 
1 45  TRP n 
1 46  SER n 
1 47  TYR n 
1 48  GLY n 
1 49  GLU n 
1 50  ASN n 
1 51  VAL n 
1 52  ASP n 
1 53  GLU n 
1 54  GLU n 
1 55  LEU n 
1 56  LYS n 
1 57  THR n 
1 58  HIS n 
1 59  PRO n 
1 60  MET n 
1 61  LEU n 
1 62  ARG n 
1 63  PRO n 
1 64  TYR n 
1 65  LYS n 
1 66  THR n 
1 67  PHE n 
1 68  SER n 
1 69  GLU n 
1 70  LYS n 
1 71  ASP n 
1 72  LYS n 
1 73  GLU n 
1 74  ILE n 
1 75  TYR n 
1 76  ARG n 
1 77  TRP n 
1 78  PRO n 
1 79  ILE n 
1 80  LYS n 
1 81  GLU n 
1 82  SER n 
1 83  LEU n 
1 84  LYS n 
1 85  ALA n 
1 86  MET n 
1 87  ILE n 
1 88  ALA n 
1 89  TRP n 
1 90  GLU n 
1 91  TRP n 
1 92  THR n 
1 93  ILE n 
1 94  GLU n 
1 95  LYS n 
1 96  ALA n 
1 97  ARG n 
1 98  GLU n 
1 99  GLY n 
1 100 GLU n 
1 101 GLU n 
1 102 GLU n 
1 103 ARG n 
1 104 THR n 
1 105 GLU n 
1 106 LYS n 
1 107 LYS n 
1 108 LYS n 
1 109 THR n 
1 110 ARG n 
1 111 LYS n 
1 112 ILE n 
1 113 SER n 
1 114 GLN n 
1 115 THR n 
1 116 ALA n 
1 117 GLN n 
1 118 THR n 
1 119 TYR n 
1 120 ASP n 
1 121 PRO n 
1 122 ARG n 
1 123 GLU n 
1 124 GLY n 
1 125 TYR n 
1 126 ASN n 
1 127 PRO n 
1 128 GLN n 
1 129 PRO n 
1 130 PRO n 
1 131 ASP n 
1 132 LEU n 
1 133 SER n 
1 134 GLY n 
1 135 VAL n 
1 136 THR n 
1 137 LEU n 
1 138 SER n 
1 139 ARG n 
1 140 GLU n 
1 141 LEU n 
1 142 GLN n 
1 143 ALA n 
1 144 MET n 
1 145 ALA n 
1 146 GLU n 
1 147 GLN n 
1 148 LEU n 
1 149 ALA n 
1 150 GLU n 
1 151 ASN n 
1 152 TYR n 
1 153 HIS n 
1 154 ASN n 
1 155 THR n 
1 156 TRP n 
1 157 GLY n 
1 158 ARG n 
1 159 LYS n 
1 160 LYS n 
1 161 LYS n 
1 162 GLN n 
1 163 GLU n 
1 164 LEU n 
1 165 GLU n 
1 166 ALA n 
1 167 LYS n 
1 168 GLY n 
1 169 GLY n 
1 170 GLY n 
1 171 THR n 
1 172 HIS n 
1 173 PRO n 
1 174 LEU n 
1 175 LEU n 
1 176 VAL n 
1 177 PRO n 
1 178 TYR n 
1 179 ASP n 
1 180 THR n 
1 181 LEU n 
1 182 THR n 
1 183 ALA n 
1 184 LYS n 
1 185 GLU n 
1 186 LYS n 
1 187 ALA n 
1 188 ARG n 
1 189 ASP n 
1 190 ARG n 
1 191 GLU n 
1 192 LYS n 
1 193 ALA n 
1 194 GLN n 
1 195 GLU n 
1 196 LEU n 
1 197 LEU n 
1 198 LYS n 
1 199 PHE n 
1 200 LEU n 
1 201 GLN n 
1 202 MET n 
1 203 ASN n 
1 204 GLY n 
1 205 TYR n 
1 206 ALA n 
1 207 VAL n 
1 208 THR n 
1 209 SER n 
1 210 GLY n 
# 
_entity_src_gen.entity_id                          1 
_entity_src_gen.pdbx_src_id                        1 
_entity_src_gen.pdbx_alt_source_flag               sample 
_entity_src_gen.pdbx_seq_type                      ? 
_entity_src_gen.pdbx_beg_seq_num                   ? 
_entity_src_gen.pdbx_end_seq_num                   ? 
_entity_src_gen.gene_src_common_name               rabbit 
_entity_src_gen.gene_src_genus                     ? 
_entity_src_gen.pdbx_gene_src_gene                 RYR1 
_entity_src_gen.gene_src_species                   ? 
_entity_src_gen.gene_src_strain                    ? 
_entity_src_gen.gene_src_tissue                    ? 
_entity_src_gen.gene_src_tissue_fraction           ? 
_entity_src_gen.gene_src_details                   ? 
_entity_src_gen.pdbx_gene_src_fragment             ? 
_entity_src_gen.pdbx_gene_src_scientific_name      'Oryctolagus cuniculus' 
_entity_src_gen.pdbx_gene_src_ncbi_taxonomy_id     9986 
_entity_src_gen.pdbx_gene_src_variant              ? 
_entity_src_gen.pdbx_gene_src_cell_line            ? 
_entity_src_gen.pdbx_gene_src_atcc                 ? 
_entity_src_gen.pdbx_gene_src_organ                ? 
_entity_src_gen.pdbx_gene_src_organelle            ? 
_entity_src_gen.pdbx_gene_src_cell                 ? 
_entity_src_gen.pdbx_gene_src_cellular_location    ? 
_entity_src_gen.host_org_common_name               ? 
_entity_src_gen.pdbx_host_org_scientific_name      'Escherichia coli' 
_entity_src_gen.pdbx_host_org_ncbi_taxonomy_id     562 
_entity_src_gen.host_org_genus                     ? 
_entity_src_gen.pdbx_host_org_gene                 ? 
_entity_src_gen.pdbx_host_org_organ                ? 
_entity_src_gen.host_org_species                   ? 
_entity_src_gen.pdbx_host_org_tissue               ? 
_entity_src_gen.pdbx_host_org_tissue_fraction      ? 
_entity_src_gen.pdbx_host_org_strain               'Rosetta(DE3)pLacI' 
_entity_src_gen.pdbx_host_org_variant              ? 
_entity_src_gen.pdbx_host_org_cell_line            ? 
_entity_src_gen.pdbx_host_org_atcc                 ? 
_entity_src_gen.pdbx_host_org_culture_collection   ? 
_entity_src_gen.pdbx_host_org_cell                 ? 
_entity_src_gen.pdbx_host_org_organelle            ? 
_entity_src_gen.pdbx_host_org_cellular_location    ? 
_entity_src_gen.pdbx_host_org_vector_type          plasmid 
_entity_src_gen.pdbx_host_org_vector               ? 
_entity_src_gen.host_org_details                   ? 
_entity_src_gen.expression_system_id               ? 
_entity_src_gen.plasmid_name                       pET28HMT 
_entity_src_gen.plasmid_details                    ? 
_entity_src_gen.pdbx_description                   ? 
# 
_struct_ref.id                         1 
_struct_ref.db_name                    UNP 
_struct_ref.db_code                    RYR1_RABIT 
_struct_ref.pdbx_db_accession          P11716 
_struct_ref.entity_id                  1 
_struct_ref.pdbx_seq_one_letter_code   
;NFDPRPVETLNVIIPEKLDSFINKFAEYTHEKWAFDKIQNNWSYGENVDEELKTHPMLRPYKTFSEKDKEIYRWPIKESL
KAMIAWEWTIEKAREGEEERTEKKKTRKISQTAQTYDPREGYNPQPPDLSGVTLSRELQAMAEQLAENYHNTWGRKKKQE
LEAKGGGTHPLLVPYDTLTAKEKARDREKAQELLKFLQMNGYAVTRG
;
_struct_ref.pdbx_align_begin           2734 
_struct_ref.pdbx_db_isoform            ? 
# 
_struct_ref_seq.align_id                      1 
_struct_ref_seq.ref_id                        1 
_struct_ref_seq.pdbx_PDB_id_code              4ETU 
_struct_ref_seq.pdbx_strand_id                A 
_struct_ref_seq.seq_align_beg                 4 
_struct_ref_seq.pdbx_seq_align_beg_ins_code   ? 
_struct_ref_seq.seq_align_end                 210 
_struct_ref_seq.pdbx_seq_align_end_ins_code   ? 
_struct_ref_seq.pdbx_db_accession             P11716 
_struct_ref_seq.db_align_beg                  2734 
_struct_ref_seq.pdbx_db_align_beg_ins_code    ? 
_struct_ref_seq.db_align_end                  2940 
_struct_ref_seq.pdbx_db_align_end_ins_code    ? 
_struct_ref_seq.pdbx_auth_seq_align_beg       2734 
_struct_ref_seq.pdbx_auth_seq_align_end       2940 
# 
loop_
_struct_ref_seq_dif.align_id 
_struct_ref_seq_dif.pdbx_pdb_id_code 
_struct_ref_seq_dif.mon_id 
_struct_ref_seq_dif.pdbx_pdb_strand_id 
_struct_ref_seq_dif.seq_num 
_struct_ref_seq_dif.pdbx_pdb_ins_code 
_struct_ref_seq_dif.pdbx_seq_db_name 
_struct_ref_seq_dif.pdbx_seq_db_accession_code 
_struct_ref_seq_dif.db_mon_id 
_struct_ref_seq_dif.pdbx_seq_db_seq_num 
_struct_ref_seq_dif.details 
_struct_ref_seq_dif.pdbx_auth_seq_num 
_struct_ref_seq_dif.pdbx_ordinal 
1 4ETU SER A 1   ? UNP P11716 ?   ?    'expression tag'      2731 1 
1 4ETU ASN A 2   ? UNP P11716 ?   ?    'expression tag'      2732 2 
1 4ETU ALA A 3   ? UNP P11716 ?   ?    'expression tag'      2733 3 
1 4ETU SER A 209 ? UNP P11716 ARG 2939 'engineered mutation' 2939 4 
# 
loop_
_chem_comp.id 
_chem_comp.type 
_chem_comp.mon_nstd_flag 
_chem_comp.name 
_chem_comp.pdbx_synonyms 
_chem_comp.formula 
_chem_comp.formula_weight 
ALA 'L-peptide linking' y ALANINE         ?                               'C3 H7 N O2'     89.093  
ARG 'L-peptide linking' y ARGININE        ?                               'C6 H15 N4 O2 1' 175.209 
ASN 'L-peptide linking' y ASPARAGINE      ?                               'C4 H8 N2 O3'    132.118 
ASP 'L-peptide linking' y 'ASPARTIC ACID' ?                               'C4 H7 N O4'     133.103 
GLN 'L-peptide linking' y GLUTAMINE       ?                               'C5 H10 N2 O3'   146.144 
GLU 'L-peptide linking' y 'GLUTAMIC ACID' ?                               'C5 H9 N O4'     147.129 
GLY 'peptide linking'   y GLYCINE         ?                               'C2 H5 N O2'     75.067  
GOL non-polymer         . GLYCEROL        'GLYCERIN; PROPANE-1,2,3-TRIOL' 'C3 H8 O3'       92.094  
HIS 'L-peptide linking' y HISTIDINE       ?                               'C6 H10 N3 O2 1' 156.162 
HOH non-polymer         . WATER           ?                               'H2 O'           18.015  
ILE 'L-peptide linking' y ISOLEUCINE      ?                               'C6 H13 N O2'    131.173 
LEU 'L-peptide linking' y LEUCINE         ?                               'C6 H13 N O2'    131.173 
LYS 'L-peptide linking' y LYSINE          ?                               'C6 H15 N2 O2 1' 147.195 
MET 'L-peptide linking' y METHIONINE      ?                               'C5 H11 N O2 S'  149.211 
PHE 'L-peptide linking' y PHENYLALANINE   ?                               'C9 H11 N O2'    165.189 
PRO 'L-peptide linking' y PROLINE         ?                               'C5 H9 N O2'     115.130 
SER 'L-peptide linking' y SERINE          ?                               'C3 H7 N O3'     105.093 
THR 'L-peptide linking' y THREONINE       ?                               'C4 H9 N O3'     119.119 
TRP 'L-peptide linking' y TRYPTOPHAN      ?                               'C11 H12 N2 O2'  204.225 
TYR 'L-peptide linking' y TYROSINE        ?                               'C9 H11 N O3'    181.189 
VAL 'L-peptide linking' y VALINE          ?                               'C5 H11 N O2'    117.146 
# 
_exptl.crystals_number   1 
_exptl.entry_id          4ETU 
_exptl.method            'X-RAY DIFFRACTION' 
# 
_exptl_crystal.id                    1 
_exptl_crystal.density_Matthews      2.16 
_exptl_crystal.density_meas          ? 
_exptl_crystal.density_percent_sol   43.09 
_exptl_crystal.description           ? 
_exptl_crystal.F_000                 ? 
_exptl_crystal.preparation           ? 
# 
_exptl_crystal_grow.crystal_id      1 
_exptl_crystal_grow.method          'VAPOR DIFFUSION, HANGING DROP' 
_exptl_crystal_grow.pH              7.0 
_exptl_crystal_grow.temp            295 
_exptl_crystal_grow.pdbx_details    
'15% PEG3350, 25% Glycerol, 0.1M HEPES, pH 7.0, vapor diffusion, hanging drop, temperature 295K' 
_exptl_crystal_grow.temp_details    ? 
_exptl_crystal_grow.pdbx_pH_range   ? 
# 
_diffrn.id                     1 
_diffrn.ambient_temp           100 
_diffrn.ambient_temp_details   ? 
_diffrn.crystal_id             1 
# 
_diffrn_detector.diffrn_id              1 
_diffrn_detector.detector               CCD 
_diffrn_detector.type                   'RIGAKU SATURN 944+' 
_diffrn_detector.pdbx_collection_date   2012-02-08 
_diffrn_detector.details                'Double Crystal Monochromator, mirrors' 
# 
_diffrn_radiation.diffrn_id                        1 
_diffrn_radiation.pdbx_diffrn_protocol             'SINGLE WAVELENGTH' 
_diffrn_radiation.monochromator                    'VARIMAX VHF' 
_diffrn_radiation.wavelength_id                    1 
_diffrn_radiation.pdbx_monochromatic_or_laue_m_l   M 
_diffrn_radiation.pdbx_scattering_type             x-ray 
# 
_diffrn_radiation_wavelength.id           1 
_diffrn_radiation_wavelength.wavelength   1.542 
_diffrn_radiation_wavelength.wt           1.0 
# 
_diffrn_source.diffrn_id                   1 
_diffrn_source.source                      'ROTATING ANODE' 
_diffrn_source.type                        'RIGAKU MICROMAX-007 HF' 
_diffrn_source.pdbx_wavelength_list        1.542 
_diffrn_source.pdbx_wavelength             ? 
_diffrn_source.pdbx_synchrotron_site       ? 
_diffrn_source.pdbx_synchrotron_beamline   ? 
# 
_reflns.entry_id                     4ETU 
_reflns.d_resolution_high            2.1900 
_reflns.d_resolution_low             116.4200 
_reflns.number_obs                   11073 
_reflns.pdbx_Rmerge_I_obs            0.062 
_reflns.pdbx_netI_over_sigmaI        12.600 
_reflns.pdbx_chi_squared             1.004 
_reflns.pdbx_redundancy              3.500 
_reflns.percent_possible_obs         96.200 
_reflns.observed_criterion_sigma_F   ? 
_reflns.observed_criterion_sigma_I   -3.0 
_reflns.number_all                   11510 
_reflns.pdbx_Rsym_value              ? 
_reflns.B_iso_Wilson_estimate        ? 
_reflns.R_free_details               ? 
_reflns.limit_h_max                  ? 
_reflns.limit_h_min                  ? 
_reflns.limit_k_max                  ? 
_reflns.limit_k_min                  ? 
_reflns.limit_l_max                  ? 
_reflns.limit_l_min                  ? 
_reflns.observed_criterion_F_max     ? 
_reflns.observed_criterion_F_min     ? 
_reflns.pdbx_scaling_rejects         ? 
_reflns.pdbx_ordinal                 1 
_reflns.pdbx_diffrn_id               1 
# 
loop_
_reflns_shell.d_res_high 
_reflns_shell.d_res_low 
_reflns_shell.number_measured_obs 
_reflns_shell.number_measured_all 
_reflns_shell.number_unique_obs 
_reflns_shell.Rmerge_I_obs 
_reflns_shell.meanI_over_sigI_obs 
_reflns_shell.pdbx_Rsym_value 
_reflns_shell.pdbx_chi_squared 
_reflns_shell.pdbx_redundancy 
_reflns_shell.percent_possible_obs 
_reflns_shell.number_unique_all 
_reflns_shell.percent_possible_all 
_reflns_shell.pdbx_ordinal 
_reflns_shell.pdbx_diffrn_id 
2.200 2.280  ? ? ? 0.326 ? ? 0.961 1.700 ? 858  77.200  1  1 
2.280 2.370  ? ? ? 0.301 ? ? 0.958 1.900 ? 1017 90.900  2  1 
2.370 2.480  ? ? ? 0.251 ? ? 0.965 2.100 ? 1097 97.000  3  1 
2.480 2.610  ? ? ? 0.210 ? ? 0.970 2.500 ? 1106 98.200  4  1 
2.610 2.770  ? ? ? 0.166 ? ? 0.979 3.200 ? 1108 98.500  5  1 
2.770 2.990  ? ? ? 0.124 ? ? 0.992 3.600 ? 1136 99.500  6  1 
2.990 3.290  ? ? ? 0.089 ? ? 0.983 4.000 ? 1154 100.000 7  1 
3.290 3.760  ? ? ? 0.059 ? ? 1.009 5.000 ? 1147 100.000 8  1 
3.760 4.740  ? ? ? 0.043 ? ? 1.000 5.500 ? 1189 100.000 9  1 
4.740 50.000 ? ? ? 0.045 ? ? 1.071 5.000 ? 1261 99.500  10 1 
# 
_refine.entry_id                                 4ETU 
_refine.ls_d_res_high                            2.1900 
_refine.ls_d_res_low                             116.4200 
_refine.pdbx_ls_sigma_F                          0.000 
_refine.pdbx_data_cutoff_high_absF               ? 
_refine.pdbx_data_cutoff_low_absF                ? 
_refine.ls_percent_reflns_obs                    95.8600 
_refine.ls_number_reflns_obs                     11036 
_refine.ls_number_reflns_all                     11510 
_refine.pdbx_ls_cross_valid_method               THROUGHOUT 
_refine.pdbx_R_Free_selection_details            RANDOM 
_refine.details                                  
'HYDROGENS HAVE BEEN USED IF PRESENT IN THE INPUT U VALUES      : REFINED INDIVIDUALLY' 
_refine.ls_R_factor_all                          ? 
_refine.ls_R_factor_obs                          0.2137 
_refine.ls_R_factor_R_work                       0.2113 
_refine.ls_wR_factor_R_work                      ? 
_refine.ls_R_factor_R_free                       0.2620 
_refine.ls_wR_factor_R_free                      ? 
_refine.ls_percent_reflns_R_free                 4.7000 
_refine.ls_number_reflns_R_free                  520 
_refine.ls_R_factor_R_free_error                 ? 
_refine.B_iso_mean                               39.9603 
_refine.solvent_model_param_bsol                 ? 
_refine.solvent_model_param_ksol                 ? 
_refine.pdbx_isotropic_thermal_model             ? 
_refine.aniso_B[1][1]                            -1.2500 
_refine.aniso_B[2][2]                            -0.1900 
_refine.aniso_B[3][3]                            1.4400 
_refine.aniso_B[1][2]                            0.0000 
_refine.aniso_B[1][3]                            -0.0000 
_refine.aniso_B[2][3]                            -0.0000 
_refine.correlation_coeff_Fo_to_Fc               0.9390 
_refine.correlation_coeff_Fo_to_Fc_free          0.9010 
_refine.overall_SU_R_Cruickshank_DPI             ? 
_refine.overall_SU_R_free                        ? 
_refine.pdbx_overall_ESU_R                       0.3000 
_refine.pdbx_overall_ESU_R_Free                  0.2320 
_refine.overall_SU_ML                            ? 
_refine.overall_SU_B                             ? 
_refine.solvent_model_details                    MASK 
_refine.pdbx_solvent_vdw_probe_radii             1.2000 
_refine.pdbx_solvent_ion_probe_radii             0.8000 
_refine.pdbx_solvent_shrinkage_radii             0.8000 
_refine.ls_number_parameters                     ? 
_refine.ls_number_restraints                     ? 
_refine.pdbx_starting_model                      4ERT 
_refine.pdbx_method_to_determine_struct          'MOLECULAR REPLACEMENT' 
_refine.pdbx_stereochemistry_target_values       'MAXIMUM LIKELIHOOD' 
_refine.pdbx_stereochem_target_val_spec_case     ? 
_refine.overall_FOM_work_R_set                   ? 
_refine.B_iso_max                                67.700 
_refine.B_iso_min                                21.250 
_refine.pdbx_overall_phase_error                 ? 
_refine.occupancy_max                            1.000 
_refine.occupancy_min                            0.500 
_refine.pdbx_ls_sigma_I                          ? 
_refine.ls_redundancy_reflns_obs                 ? 
_refine.ls_R_factor_R_free_error_details         ? 
_refine.pdbx_data_cutoff_high_rms_absF           ? 
_refine.overall_FOM_free_R_set                   ? 
_refine.pdbx_diffrn_id                           1 
_refine.pdbx_refine_id                           'X-RAY DIFFRACTION' 
_refine.pdbx_TLS_residual_ADP_flag               ? 
_refine.pdbx_overall_SU_R_free_Cruickshank_DPI   ? 
_refine.pdbx_overall_SU_R_Blow_DPI               ? 
_refine.pdbx_overall_SU_R_free_Blow_DPI          ? 
# 
_refine_hist.pdbx_refine_id                   'X-RAY DIFFRACTION' 
_refine_hist.cycle_id                         LAST 
_refine_hist.pdbx_number_atoms_protein        1478 
_refine_hist.pdbx_number_atoms_nucleic_acid   0 
_refine_hist.pdbx_number_atoms_ligand         18 
_refine_hist.number_atoms_solvent             88 
_refine_hist.number_atoms_total               1584 
_refine_hist.d_res_high                       2.1900 
_refine_hist.d_res_low                        116.4200 
# 
loop_
_refine_ls_restr.type 
_refine_ls_restr.number 
_refine_ls_restr.dev_ideal 
_refine_ls_restr.dev_ideal_target 
_refine_ls_restr.weight 
_refine_ls_restr.pdbx_restraint_function 
_refine_ls_restr.pdbx_refine_id 
r_bond_refined_d       1560 0.014  0.020  ? ? 'X-RAY DIFFRACTION' 
r_angle_refined_deg    2116 1.299  1.956  ? ? 'X-RAY DIFFRACTION' 
r_dihedral_angle_1_deg 187  4.847  5.000  ? ? 'X-RAY DIFFRACTION' 
r_dihedral_angle_2_deg 76   40.663 24.868 ? ? 'X-RAY DIFFRACTION' 
r_dihedral_angle_3_deg 266  14.705 15.000 ? ? 'X-RAY DIFFRACTION' 
r_dihedral_angle_4_deg 7    21.865 15.000 ? ? 'X-RAY DIFFRACTION' 
r_chiral_restr         222  0.089  0.200  ? ? 'X-RAY DIFFRACTION' 
r_gen_planes_refined   1191 0.005  0.021  ? ? 'X-RAY DIFFRACTION' 
# 
_refine_ls_shell.d_res_high                       2.1940 
_refine_ls_shell.d_res_low                        2.2510 
_refine_ls_shell.pdbx_total_number_of_bins_used   20 
_refine_ls_shell.percent_reflns_obs               70.8900 
_refine_ls_shell.number_reflns_R_work             551 
_refine_ls_shell.R_factor_all                     ? 
_refine_ls_shell.R_factor_R_work                  0.2750 
_refine_ls_shell.R_factor_R_free                  0.3110 
_refine_ls_shell.percent_reflns_R_free            ? 
_refine_ls_shell.number_reflns_R_free             31 
_refine_ls_shell.R_factor_R_free_error            ? 
_refine_ls_shell.number_reflns_all                582 
_refine_ls_shell.number_reflns_obs                858 
_refine_ls_shell.redundancy_reflns_obs            ? 
_refine_ls_shell.pdbx_refine_id                   'X-RAY DIFFRACTION' 
# 
_struct.entry_id                  4ETU 
_struct.title                     'Crystal structure of rabbit ryanodine receptor 1 mutant R2939S' 
_struct.pdbx_model_details        ? 
_struct.pdbx_CASP_flag            ? 
_struct.pdbx_model_type_details   ? 
# 
_struct_keywords.entry_id        4ETU 
_struct_keywords.text            'Ryanodine Receptor Calcium Release Channel, Phosphorylation, Muscle, Skeletal, METAL TRANSPORT' 
_struct_keywords.pdbx_keywords   'METAL TRANSPORT' 
# 
loop_
_struct_asym.id 
_struct_asym.pdbx_blank_PDB_chainid_flag 
_struct_asym.pdbx_modified 
_struct_asym.entity_id 
_struct_asym.details 
A N N 1 ? 
B N N 2 ? 
C N N 2 ? 
D N N 2 ? 
E N N 3 ? 
# 
_struct_biol.id        1 
_struct_biol.details   ? 
# 
loop_
_struct_conf.conf_type_id 
_struct_conf.id 
_struct_conf.pdbx_PDB_helix_id 
_struct_conf.beg_label_comp_id 
_struct_conf.beg_label_asym_id 
_struct_conf.beg_label_seq_id 
_struct_conf.pdbx_beg_PDB_ins_code 
_struct_conf.end_label_comp_id 
_struct_conf.end_label_asym_id 
_struct_conf.end_label_seq_id 
_struct_conf.pdbx_end_PDB_ins_code 
_struct_conf.beg_auth_comp_id 
_struct_conf.beg_auth_asym_id 
_struct_conf.beg_auth_seq_id 
_struct_conf.end_auth_comp_id 
_struct_conf.end_auth_asym_id 
_struct_conf.end_auth_seq_id 
_struct_conf.pdbx_PDB_helix_class 
_struct_conf.details 
_struct_conf.pdbx_PDB_helix_length 
HELX_P HELX_P1 1 PRO A 18  ? LYS A 20  ? PRO A 2748 LYS A 2750 5 ? 3  
HELX_P HELX_P2 2 LEU A 21  ? ASN A 43  ? LEU A 2751 ASN A 2773 1 ? 23 
HELX_P HELX_P3 3 PRO A 63  ? PHE A 67  ? PRO A 2793 PHE A 2797 5 ? 5  
HELX_P HELX_P4 4 SER A 68  ? TRP A 89  ? SER A 2798 TRP A 2819 1 ? 22 
HELX_P HELX_P5 5 SER A 138 ? LYS A 167 ? SER A 2868 LYS A 2897 1 ? 30 
HELX_P HELX_P6 6 PRO A 177 ? LEU A 181 ? PRO A 2907 LEU A 2911 5 ? 5  
HELX_P HELX_P7 7 THR A 182 ? ASN A 203 ? THR A 2912 ASN A 2933 1 ? 22 
# 
_struct_conf_type.id          HELX_P 
_struct_conf_type.criteria    ? 
_struct_conf_type.reference   ? 
# 
_struct_sheet.id               A 
_struct_sheet.type             ? 
_struct_sheet.number_strands   2 
_struct_sheet.details          ? 
# 
_struct_sheet_order.sheet_id     A 
_struct_sheet_order.range_id_1   1 
_struct_sheet_order.range_id_2   2 
_struct_sheet_order.offset       ? 
_struct_sheet_order.sense        anti-parallel 
# 
loop_
_struct_sheet_range.sheet_id 
_struct_sheet_range.id 
_struct_sheet_range.beg_label_comp_id 
_struct_sheet_range.beg_label_asym_id 
_struct_sheet_range.beg_label_seq_id 
_struct_sheet_range.pdbx_beg_PDB_ins_code 
_struct_sheet_range.end_label_comp_id 
_struct_sheet_range.end_label_asym_id 
_struct_sheet_range.end_label_seq_id 
_struct_sheet_range.pdbx_end_PDB_ins_code 
_struct_sheet_range.beg_auth_comp_id 
_struct_sheet_range.beg_auth_asym_id 
_struct_sheet_range.beg_auth_seq_id 
_struct_sheet_range.end_auth_comp_id 
_struct_sheet_range.end_auth_asym_id 
_struct_sheet_range.end_auth_seq_id 
A 1 THR A 92  ? LYS A 95  ? THR A 2822 LYS A 2825 
A 2 TYR A 205 ? THR A 208 ? TYR A 2935 THR A 2938 
# 
_pdbx_struct_sheet_hbond.sheet_id                A 
_pdbx_struct_sheet_hbond.range_id_1              1 
_pdbx_struct_sheet_hbond.range_id_2              2 
_pdbx_struct_sheet_hbond.range_1_label_atom_id   N 
_pdbx_struct_sheet_hbond.range_1_label_comp_id   GLU 
_pdbx_struct_sheet_hbond.range_1_label_asym_id   A 
_pdbx_struct_sheet_hbond.range_1_label_seq_id    94 
_pdbx_struct_sheet_hbond.range_1_PDB_ins_code    ? 
_pdbx_struct_sheet_hbond.range_1_auth_atom_id    N 
_pdbx_struct_sheet_hbond.range_1_auth_comp_id    GLU 
_pdbx_struct_sheet_hbond.range_1_auth_asym_id    A 
_pdbx_struct_sheet_hbond.range_1_auth_seq_id     2824 
_pdbx_struct_sheet_hbond.range_2_label_atom_id   O 
_pdbx_struct_sheet_hbond.range_2_label_comp_id   ALA 
_pdbx_struct_sheet_hbond.range_2_label_asym_id   A 
_pdbx_struct_sheet_hbond.range_2_label_seq_id    206 
_pdbx_struct_sheet_hbond.range_2_PDB_ins_code    ? 
_pdbx_struct_sheet_hbond.range_2_auth_atom_id    O 
_pdbx_struct_sheet_hbond.range_2_auth_comp_id    ALA 
_pdbx_struct_sheet_hbond.range_2_auth_asym_id    A 
_pdbx_struct_sheet_hbond.range_2_auth_seq_id     2936 
# 
loop_
_struct_site.id 
_struct_site.pdbx_evidence_code 
_struct_site.pdbx_auth_asym_id 
_struct_site.pdbx_auth_comp_id 
_struct_site.pdbx_auth_seq_id 
_struct_site.pdbx_auth_ins_code 
_struct_site.pdbx_num_residues 
_struct_site.details 
AC1 Software A GOL 3001 ? 8 'BINDING SITE FOR RESIDUE GOL A 3001' 
AC2 Software A GOL 3002 ? 4 'BINDING SITE FOR RESIDUE GOL A 3002' 
AC3 Software A GOL 3003 ? 4 'BINDING SITE FOR RESIDUE GOL A 3003' 
# 
loop_
_struct_site_gen.id 
_struct_site_gen.site_id 
_struct_site_gen.pdbx_num_res 
_struct_site_gen.label_comp_id 
_struct_site_gen.label_asym_id 
_struct_site_gen.label_seq_id 
_struct_site_gen.pdbx_auth_ins_code 
_struct_site_gen.auth_comp_id 
_struct_site_gen.auth_asym_id 
_struct_site_gen.auth_seq_id 
_struct_site_gen.label_atom_id 
_struct_site_gen.label_alt_id 
_struct_site_gen.symmetry 
_struct_site_gen.details 
1  AC1 8 ASP A 6   ? ASP A 2736 . ? 1_555 ? 
2  AC1 8 ARG A 8   ? ARG A 2738 . ? 1_555 ? 
3  AC1 8 LYS A 95  ? LYS A 2825 . ? 3_554 ? 
4  AC1 8 ALA A 96  ? ALA A 2826 . ? 3_554 ? 
5  AC1 8 GLU A 150 ? GLU A 2880 . ? 1_555 ? 
6  AC1 8 ASN A 154 ? ASN A 2884 . ? 1_555 ? 
7  AC1 8 HOH E .   ? HOH A 3104 . ? 1_555 ? 
8  AC1 8 HOH E .   ? HOH A 3175 . ? 1_555 ? 
9  AC2 4 LEU A 55  ? LEU A 2785 . ? 2_545 ? 
10 AC2 4 HIS A 153 ? HIS A 2883 . ? 1_555 ? 
11 AC2 4 LEU A 174 ? LEU A 2904 . ? 1_555 ? 
12 AC2 4 ASP A 189 ? ASP A 2919 . ? 1_555 ? 
13 AC3 4 VAL A 10  ? VAL A 2740 . ? 1_555 ? 
14 AC3 4 GLU A 11  ? GLU A 2741 . ? 1_555 ? 
15 AC3 4 THR A 12  ? THR A 2742 . ? 1_555 ? 
16 AC3 4 LEU A 13  ? LEU A 2743 . ? 1_555 ? 
# 
_atom_sites.entry_id                    4ETU 
_atom_sites.fract_transf_matrix[1][1]   0.00862821 
_atom_sites.fract_transf_matrix[1][2]   -0.02954309 
_atom_sites.fract_transf_matrix[1][3]   0.00297798 
_atom_sites.fract_transf_matrix[2][1]   -0.01042628 
_atom_sites.fract_transf_matrix[2][2]   -0.00161106 
_atom_sites.fract_transf_matrix[2][3]   0.01422592 
_atom_sites.fract_transf_matrix[3][1]   -0.00651698 
_atom_sites.fract_transf_matrix[3][2]   -0.00241232 
_atom_sites.fract_transf_matrix[3][3]   -0.00504953 
_atom_sites.fract_transf_vector[1]      -0.128368 
_atom_sites.fract_transf_vector[2]      -0.492566 
_atom_sites.fract_transf_vector[3]      -0.151459 
# 
loop_
_atom_type.symbol 
C 
N 
O 
S 
# 
loop_
_atom_site.group_PDB 
_atom_site.id 
_atom_site.type_symbol 
_atom_site.label_atom_id 
_atom_site.label_alt_id 
_atom_site.label_comp_id 
_atom_site.label_asym_id 
_atom_site.label_entity_id 
_atom_site.label_seq_id 
_atom_site.pdbx_PDB_ins_code 
_atom_site.Cartn_x 
_atom_site.Cartn_y 
_atom_site.Cartn_z 
_atom_site.occupancy 
_atom_site.B_iso_or_equiv 
_atom_site.pdbx_formal_charge 
_atom_site.auth_seq_id 
_atom_site.auth_comp_id 
_atom_site.auth_asym_id 
_atom_site.auth_atom_id 
_atom_site.pdbx_PDB_model_num 
ATOM   1    N N   . ASN A 1 4   ? -17.277 10.302  18.149  1.00 48.00 ? 2734 ASN A N   1 
ATOM   2    C CA  . ASN A 1 4   ? -15.914 10.454  18.744  1.00 47.82 ? 2734 ASN A CA  1 
ATOM   3    C C   . ASN A 1 4   ? -14.846 9.707   17.949  1.00 47.23 ? 2734 ASN A C   1 
ATOM   4    O O   . ASN A 1 4   ? -14.443 8.579   18.322  1.00 48.48 ? 2734 ASN A O   1 
ATOM   5    C CB  . ASN A 1 4   ? -15.889 9.995   20.211  1.00 47.87 ? 2734 ASN A CB  1 
ATOM   6    N N   . PHE A 1 5   ? -14.395 10.321  16.852  1.00 45.30 ? 2735 PHE A N   1 
ATOM   7    C CA  . PHE A 1 5   ? -13.222 9.823   16.106  1.00 42.67 ? 2735 PHE A CA  1 
ATOM   8    C C   . PHE A 1 5   ? -12.379 11.007  15.619  1.00 41.39 ? 2735 PHE A C   1 
ATOM   9    O O   . PHE A 1 5   ? -12.857 11.837  14.867  1.00 40.72 ? 2735 PHE A O   1 
ATOM   10   C CB  . PHE A 1 5   ? -13.645 8.899   14.957  1.00 41.92 ? 2735 PHE A CB  1 
ATOM   11   C CG  . PHE A 1 5   ? -12.488 8.273   14.187  1.00 41.03 ? 2735 PHE A CG  1 
ATOM   12   C CD1 . PHE A 1 5   ? -11.386 7.726   14.844  1.00 38.88 ? 2735 PHE A CD1 1 
ATOM   13   C CD2 . PHE A 1 5   ? -12.522 8.218   12.795  1.00 40.30 ? 2735 PHE A CD2 1 
ATOM   14   C CE1 . PHE A 1 5   ? -10.335 7.149   14.120  1.00 40.49 ? 2735 PHE A CE1 1 
ATOM   15   C CE2 . PHE A 1 5   ? -11.479 7.634   12.051  1.00 38.21 ? 2735 PHE A CE2 1 
ATOM   16   C CZ  . PHE A 1 5   ? -10.388 7.093   12.711  1.00 39.49 ? 2735 PHE A CZ  1 
ATOM   17   N N   . ASP A 1 6   ? -11.127 11.087  16.073  1.00 40.31 ? 2736 ASP A N   1 
ATOM   18   C CA  . ASP A 1 6   ? -10.227 12.189  15.700  1.00 39.98 ? 2736 ASP A CA  1 
ATOM   19   C C   . ASP A 1 6   ? -8.943  11.560  15.121  1.00 38.93 ? 2736 ASP A C   1 
ATOM   20   O O   . ASP A 1 6   ? -7.921  11.464  15.807  1.00 38.46 ? 2736 ASP A O   1 
ATOM   21   C CB  . ASP A 1 6   ? -9.989  13.111  16.926  1.00 40.04 ? 2736 ASP A CB  1 
ATOM   22   C CG  . ASP A 1 6   ? -9.028  14.288  16.656  1.00 41.74 ? 2736 ASP A CG  1 
ATOM   23   O OD1 . ASP A 1 6   ? -9.180  15.014  15.646  1.00 42.58 ? 2736 ASP A OD1 1 
ATOM   24   O OD2 . ASP A 1 6   ? -8.134  14.517  17.510  1.00 43.04 ? 2736 ASP A OD2 1 
ATOM   25   N N   . PRO A 1 7   ? -9.009  11.107  13.851  1.00 38.19 ? 2737 PRO A N   1 
ATOM   26   C CA  . PRO A 1 7   ? -7.874  10.403  13.244  1.00 37.99 ? 2737 PRO A CA  1 
ATOM   27   C C   . PRO A 1 7   ? -6.694  11.338  13.095  1.00 37.97 ? 2737 PRO A C   1 
ATOM   28   O O   . PRO A 1 7   ? -6.848  12.451  12.588  1.00 37.53 ? 2737 PRO A O   1 
ATOM   29   C CB  . PRO A 1 7   ? -8.401  9.995   11.865  1.00 38.32 ? 2737 PRO A CB  1 
ATOM   30   C CG  . PRO A 1 7   ? -9.498  10.948  11.578  1.00 37.29 ? 2737 PRO A CG  1 
ATOM   31   C CD  . PRO A 1 7   ? -10.125 11.260  12.901  1.00 37.75 ? 2737 PRO A CD  1 
ATOM   32   N N   . ARG A 1 8   ? -5.542  10.903  13.602  1.00 37.81 ? 2738 ARG A N   1 
ATOM   33   C CA  . ARG A 1 8   ? -4.316  11.669  13.525  1.00 37.26 ? 2738 ARG A CA  1 
ATOM   34   C C   . ARG A 1 8   ? -3.242  10.756  12.946  1.00 36.30 ? 2738 ARG A C   1 
ATOM   35   O O   . ARG A 1 8   ? -2.427  10.199  13.695  1.00 36.58 ? 2738 ARG A O   1 
ATOM   36   C CB  . ARG A 1 8   ? -3.886  12.175  14.911  1.00 37.95 ? 2738 ARG A CB  1 
ATOM   37   C CG  . ARG A 1 8   ? -4.887  13.033  15.647  1.00 40.94 ? 2738 ARG A CG  1 
ATOM   38   C CD  . ARG A 1 8   ? -4.745  14.505  15.342  1.00 43.75 ? 2738 ARG A CD  1 
ATOM   39   N NE  . ARG A 1 8   ? -4.707  15.277  16.594  1.00 49.48 ? 2738 ARG A NE  1 
ATOM   40   C CZ  . ARG A 1 8   ? -3.622  15.896  17.070  1.00 50.73 ? 2738 ARG A CZ  1 
ATOM   41   N NH1 . ARG A 1 8   ? -2.473  15.858  16.395  1.00 51.25 ? 2738 ARG A NH1 1 
ATOM   42   N NH2 . ARG A 1 8   ? -3.683  16.567  18.217  1.00 51.46 ? 2738 ARG A NH2 1 
ATOM   43   N N   . PRO A 1 9   ? -3.240  10.584  11.612  1.00 35.50 ? 2739 PRO A N   1 
ATOM   44   C CA  . PRO A 1 9   ? -2.173  9.810   10.979  1.00 34.94 ? 2739 PRO A CA  1 
ATOM   45   C C   . PRO A 1 9   ? -0.809  10.429  11.293  1.00 34.47 ? 2739 PRO A C   1 
ATOM   46   O O   . PRO A 1 9   ? -0.708  11.646  11.484  1.00 34.45 ? 2739 PRO A O   1 
ATOM   47   C CB  . PRO A 1 9   ? -2.482  9.935   9.480   1.00 34.59 ? 2739 PRO A CB  1 
ATOM   48   C CG  . PRO A 1 9   ? -3.301  11.131  9.352   1.00 34.90 ? 2739 PRO A CG  1 
ATOM   49   C CD  . PRO A 1 9   ? -4.106  11.238  10.612  1.00 34.67 ? 2739 PRO A CD  1 
ATOM   50   N N   . VAL A 1 10  ? 0.226   9.600   11.356  1.00 34.24 ? 2740 VAL A N   1 
ATOM   51   C CA  . VAL A 1 10  ? 1.558   10.092  11.683  1.00 33.88 ? 2740 VAL A CA  1 
ATOM   52   C C   . VAL A 1 10  ? 2.048   11.051  10.583  1.00 33.92 ? 2740 VAL A C   1 
ATOM   53   O O   . VAL A 1 10  ? 1.846   10.831  9.378   1.00 33.31 ? 2740 VAL A O   1 
ATOM   54   C CB  . VAL A 1 10  ? 2.554   8.922   12.042  1.00 34.35 ? 2740 VAL A CB  1 
ATOM   55   C CG1 . VAL A 1 10  ? 2.848   8.045   10.845  1.00 32.07 ? 2740 VAL A CG1 1 
ATOM   56   C CG2 . VAL A 1 10  ? 3.861   9.453   12.729  1.00 34.62 ? 2740 VAL A CG2 1 
ATOM   57   N N   . GLU A 1 11  ? 2.638   12.149  11.015  1.00 33.76 ? 2741 GLU A N   1 
ATOM   58   C CA  . GLU A 1 11  ? 3.034   13.196  10.113  1.00 34.85 ? 2741 GLU A CA  1 
ATOM   59   C C   . GLU A 1 11  ? 4.349   12.812  9.498   1.00 35.28 ? 2741 GLU A C   1 
ATOM   60   O O   . GLU A 1 11  ? 5.256   12.368  10.204  1.00 35.93 ? 2741 GLU A O   1 
ATOM   61   C CB  . GLU A 1 11  ? 3.121   14.502  10.886  1.00 34.09 ? 2741 GLU A CB  1 
ATOM   62   C CG  . GLU A 1 11  ? 1.712   14.992  11.302  1.00 36.04 ? 2741 GLU A CG  1 
ATOM   63   C CD  . GLU A 1 11  ? 1.785   16.150  12.242  1.00 38.33 ? 2741 GLU A CD  1 
ATOM   64   O OE1 . GLU A 1 11  ? 2.927   16.549  12.619  1.00 38.31 ? 2741 GLU A OE1 1 
ATOM   65   O OE2 . GLU A 1 11  ? 0.714   16.681  12.615  1.00 36.17 ? 2741 GLU A OE2 1 
ATOM   66   N N   . THR A 1 12  ? 4.446   12.937  8.185   1.00 36.09 ? 2742 THR A N   1 
ATOM   67   C CA  . THR A 1 12  ? 5.617   12.423  7.488   1.00 36.93 ? 2742 THR A CA  1 
ATOM   68   C C   . THR A 1 12  ? 6.180   13.348  6.426   1.00 36.86 ? 2742 THR A C   1 
ATOM   69   O O   . THR A 1 12  ? 7.088   12.955  5.684   1.00 37.18 ? 2742 THR A O   1 
ATOM   70   C CB  . THR A 1 12  ? 5.312   11.098  6.814   1.00 37.30 ? 2742 THR A CB  1 
ATOM   71   O OG1 . THR A 1 12  ? 4.272   11.290  5.842   1.00 38.46 ? 2742 THR A OG1 1 
ATOM   72   C CG2 . THR A 1 12  ? 4.914   10.036  7.853   1.00 38.47 ? 2742 THR A CG2 1 
ATOM   73   N N   . LEU A 1 13  ? 5.652   14.559  6.342   1.00 37.04 ? 2743 LEU A N   1 
ATOM   74   C CA  . LEU A 1 13  ? 6.141   15.533  5.360   1.00 38.32 ? 2743 LEU A CA  1 
ATOM   75   C C   . LEU A 1 13  ? 7.659   15.756  5.435   1.00 38.43 ? 2743 LEU A C   1 
ATOM   76   O O   . LEU A 1 13  ? 8.293   15.913  4.408   1.00 39.06 ? 2743 LEU A O   1 
ATOM   77   C CB  . LEU A 1 13  ? 5.382   16.859  5.456   1.00 38.02 ? 2743 LEU A CB  1 
ATOM   78   C CG  . LEU A 1 13  ? 4.111   16.968  4.594   1.00 40.29 ? 2743 LEU A CG  1 
ATOM   79   C CD1 . LEU A 1 13  ? 3.665   15.656  3.906   1.00 41.26 ? 2743 LEU A CD1 1 
ATOM   80   C CD2 . LEU A 1 13  ? 2.961   17.576  5.415   1.00 40.77 ? 2743 LEU A CD2 1 
ATOM   81   N N   . ASN A 1 14  ? 8.239   15.734  6.629   1.00 38.24 ? 2744 ASN A N   1 
ATOM   82   C CA  . ASN A 1 14  ? 9.685   15.974  6.756   1.00 38.59 ? 2744 ASN A CA  1 
ATOM   83   C C   . ASN A 1 14  ? 10.526  14.719  7.065   1.00 37.63 ? 2744 ASN A C   1 
ATOM   84   O O   . ASN A 1 14  ? 11.670  14.830  7.534   1.00 37.44 ? 2744 ASN A O   1 
ATOM   85   C CB  . ASN A 1 14  ? 9.974   17.117  7.750   1.00 38.86 ? 2744 ASN A CB  1 
ATOM   86   C CG  . ASN A 1 14  ? 9.298   18.425  7.340   1.00 42.09 ? 2744 ASN A CG  1 
ATOM   87   O OD1 . ASN A 1 14  ? 9.414   18.872  6.191   1.00 47.61 ? 2744 ASN A OD1 1 
ATOM   88   N ND2 . ASN A 1 14  ? 8.573   19.029  8.266   1.00 45.53 ? 2744 ASN A ND2 1 
ATOM   89   N N   . VAL A 1 15  ? 9.955   13.547  6.780   1.00 35.95 ? 2745 VAL A N   1 
ATOM   90   C CA  . VAL A 1 15  ? 10.665  12.277  6.863   1.00 34.73 ? 2745 VAL A CA  1 
ATOM   91   C C   . VAL A 1 15  ? 11.380  12.035  5.532   1.00 34.27 ? 2745 VAL A C   1 
ATOM   92   O O   . VAL A 1 15  ? 10.776  12.090  4.458   1.00 34.00 ? 2745 VAL A O   1 
ATOM   93   C CB  . VAL A 1 15  ? 9.714   11.087  7.167   1.00 34.72 ? 2745 VAL A CB  1 
ATOM   94   C CG1 . VAL A 1 15  ? 10.497  9.787   7.285   1.00 34.36 ? 2745 VAL A CG1 1 
ATOM   95   C CG2 . VAL A 1 15  ? 8.893   11.324  8.449   1.00 35.31 ? 2745 VAL A CG2 1 
ATOM   96   N N   . ILE A 1 16  ? 12.673  11.771  5.598   1.00 33.63 ? 2746 ILE A N   1 
ATOM   97   C CA  . ILE A 1 16  ? 13.423  11.507  4.387   1.00 34.05 ? 2746 ILE A CA  1 
ATOM   98   C C   . ILE A 1 16  ? 13.741  10.024  4.339   1.00 33.36 ? 2746 ILE A C   1 
ATOM   99   O O   . ILE A 1 16  ? 14.321  9.485   5.267   1.00 33.80 ? 2746 ILE A O   1 
ATOM   100  C CB  . ILE A 1 16  ? 14.672  12.425  4.259   1.00 34.51 ? 2746 ILE A CB  1 
ATOM   101  C CG1 . ILE A 1 16  ? 14.208  13.888  4.159   1.00 35.09 ? 2746 ILE A CG1 1 
ATOM   102  C CG2 . ILE A 1 16  ? 15.506  12.054  3.023   1.00 34.07 ? 2746 ILE A CG2 1 
ATOM   103  C CD1 . ILE A 1 16  ? 15.281  14.897  4.424   1.00 36.68 ? 2746 ILE A CD1 1 
ATOM   104  N N   . ILE A 1 17  ? 13.261  9.367   3.294   1.00 32.24 ? 2747 ILE A N   1 
ATOM   105  C CA  . ILE A 1 17  ? 13.577  7.979   3.015   1.00 32.07 ? 2747 ILE A CA  1 
ATOM   106  C C   . ILE A 1 17  ? 15.033  7.873   2.531   1.00 32.67 ? 2747 ILE A C   1 
ATOM   107  O O   . ILE A 1 17  ? 15.407  8.571   1.572   1.00 32.76 ? 2747 ILE A O   1 
ATOM   108  C CB  . ILE A 1 17  ? 12.644  7.427   1.899   1.00 31.52 ? 2747 ILE A CB  1 
ATOM   109  C CG1 . ILE A 1 17  ? 11.169  7.526   2.324   1.00 30.83 ? 2747 ILE A CG1 1 
ATOM   110  C CG2 . ILE A 1 17  ? 13.035  5.981   1.520   1.00 29.33 ? 2747 ILE A CG2 1 
ATOM   111  C CD1 . ILE A 1 17  ? 10.194  6.874   1.358   1.00 27.30 ? 2747 ILE A CD1 1 
ATOM   112  N N   . PRO A 1 18  ? 15.858  7.006   3.169   1.00 33.24 ? 2748 PRO A N   1 
ATOM   113  C CA  . PRO A 1 18  ? 17.236  6.926   2.667   1.00 33.70 ? 2748 PRO A CA  1 
ATOM   114  C C   . PRO A 1 18  ? 17.240  6.497   1.215   1.00 33.44 ? 2748 PRO A C   1 
ATOM   115  O O   . PRO A 1 18  ? 16.447  5.626   0.805   1.00 33.56 ? 2748 PRO A O   1 
ATOM   116  C CB  . PRO A 1 18  ? 17.888  5.848   3.555   1.00 33.89 ? 2748 PRO A CB  1 
ATOM   117  C CG  . PRO A 1 18  ? 17.025  5.817   4.799   1.00 34.10 ? 2748 PRO A CG  1 
ATOM   118  C CD  . PRO A 1 18  ? 15.631  6.055   4.274   1.00 33.49 ? 2748 PRO A CD  1 
ATOM   119  N N   . GLU A 1 19  ? 18.100  7.154   0.447   1.00 33.84 ? 2749 GLU A N   1 
ATOM   120  C CA  . GLU A 1 19  ? 18.325  6.870   -0.971  1.00 34.33 ? 2749 GLU A CA  1 
ATOM   121  C C   . GLU A 1 19  ? 18.336  5.375   -1.312  1.00 34.21 ? 2749 GLU A C   1 
ATOM   122  O O   . GLU A 1 19  ? 17.714  4.946   -2.304  1.00 34.05 ? 2749 GLU A O   1 
ATOM   123  C CB  . GLU A 1 19  ? 19.640  7.534   -1.420  1.00 34.67 ? 2749 GLU A CB  1 
ATOM   124  C CG  . GLU A 1 19  ? 19.554  9.053   -1.630  1.00 36.50 ? 2749 GLU A CG  1 
ATOM   125  C CD  . GLU A 1 19  ? 19.715  9.876   -0.346  1.00 39.21 ? 2749 GLU A CD  1 
ATOM   126  O OE1 . GLU A 1 19  ? 19.907  9.290   0.741   1.00 39.27 ? 2749 GLU A OE1 1 
ATOM   127  O OE2 . GLU A 1 19  ? 19.653  11.125  -0.432  1.00 40.64 ? 2749 GLU A OE2 1 
ATOM   128  N N   . LYS A 1 20  ? 19.026  4.585   -0.482  1.00 34.08 ? 2750 LYS A N   1 
ATOM   129  C CA  . LYS A 1 20  ? 19.174  3.145   -0.732  1.00 34.09 ? 2750 LYS A CA  1 
ATOM   130  C C   . LYS A 1 20  ? 17.861  2.370   -0.915  1.00 33.88 ? 2750 LYS A C   1 
ATOM   131  O O   . LYS A 1 20  ? 17.846  1.337   -1.585  1.00 34.69 ? 2750 LYS A O   1 
ATOM   132  C CB  . LYS A 1 20  ? 20.049  2.487   0.351   1.00 34.10 ? 2750 LYS A CB  1 
ATOM   133  C CG  . LYS A 1 20  ? 20.332  0.999   0.092   1.00 35.01 ? 2750 LYS A CG  1 
ATOM   134  C CD  . LYS A 1 20  ? 21.584  0.507   0.805   1.00 37.21 ? 2750 LYS A CD  1 
ATOM   135  C CE  . LYS A 1 20  ? 21.932  -0.932  0.408   1.00 37.43 ? 2750 LYS A CE  1 
ATOM   136  N NZ  . LYS A 1 20  ? 20.874  -1.879  0.881   1.00 37.66 ? 2750 LYS A NZ  1 
ATOM   137  N N   . LEU A 1 21  ? 16.765  2.867   -0.333  1.00 33.86 ? 2751 LEU A N   1 
ATOM   138  C CA  . LEU A 1 21  ? 15.449  2.199   -0.403  1.00 32.90 ? 2751 LEU A CA  1 
ATOM   139  C C   . LEU A 1 21  ? 14.695  2.387   -1.721  1.00 32.77 ? 2751 LEU A C   1 
ATOM   140  O O   . LEU A 1 21  ? 13.671  1.745   -1.957  1.00 32.70 ? 2751 LEU A O   1 
ATOM   141  C CB  . LEU A 1 21  ? 14.557  2.609   0.787   1.00 32.62 ? 2751 LEU A CB  1 
ATOM   142  C CG  . LEU A 1 21  ? 14.901  1.896   2.102   1.00 34.35 ? 2751 LEU A CG  1 
ATOM   143  C CD1 . LEU A 1 21  ? 13.897  2.211   3.216   1.00 32.72 ? 2751 LEU A CD1 1 
ATOM   144  C CD2 . LEU A 1 21  ? 15.031  0.386   1.883   1.00 30.96 ? 2751 LEU A CD2 1 
ATOM   145  N N   . ASP A 1 22  ? 15.217  3.243   -2.600  1.00 33.17 ? 2752 ASP A N   1 
ATOM   146  C CA  . ASP A 1 22  ? 14.566  3.500   -3.882  1.00 33.23 ? 2752 ASP A CA  1 
ATOM   147  C C   . ASP A 1 22  ? 14.392  2.273   -4.755  1.00 32.70 ? 2752 ASP A C   1 
ATOM   148  O O   . ASP A 1 22  ? 13.356  2.102   -5.417  1.00 32.97 ? 2752 ASP A O   1 
ATOM   149  C CB  . ASP A 1 22  ? 15.271  4.624   -4.629  1.00 33.92 ? 2752 ASP A CB  1 
ATOM   150  C CG  . ASP A 1 22  ? 14.918  5.982   -4.068  1.00 35.82 ? 2752 ASP A CG  1 
ATOM   151  O OD1 . ASP A 1 22  ? 14.120  6.037   -3.094  1.00 38.81 ? 2752 ASP A OD1 1 
ATOM   152  O OD2 . ASP A 1 22  ? 15.455  6.984   -4.575  1.00 39.09 ? 2752 ASP A OD2 1 
ATOM   153  N N   . SER A 1 23  ? 15.392  1.411   -4.732  1.00 32.58 ? 2753 SER A N   1 
ATOM   154  C CA  . SER A 1 23  ? 15.315  0.102   -5.385  1.00 33.21 ? 2753 SER A CA  1 
ATOM   155  C C   . SER A 1 23  ? 14.098  -0.737  -4.913  1.00 31.67 ? 2753 SER A C   1 
ATOM   156  O O   . SER A 1 23  ? 13.375  -1.287  -5.713  1.00 32.13 ? 2753 SER A O   1 
ATOM   157  C CB  . SER A 1 23  ? 16.661  -0.643  -5.196  1.00 33.59 ? 2753 SER A CB  1 
ATOM   158  O OG  . SER A 1 23  ? 16.465  -2.012  -4.832  1.00 36.42 ? 2753 SER A OG  1 
ATOM   159  N N   . PHE A 1 24  ? 13.869  -0.812  -3.608  1.00 31.44 ? 2754 PHE A N   1 
ATOM   160  C CA  . PHE A 1 24  ? 12.695  -1.509  -3.067  1.00 29.75 ? 2754 PHE A CA  1 
ATOM   161  C C   . PHE A 1 24  ? 11.386  -0.843  -3.512  1.00 28.96 ? 2754 PHE A C   1 
ATOM   162  O O   . PHE A 1 24  ? 10.453  -1.516  -3.951  1.00 28.70 ? 2754 PHE A O   1 
ATOM   163  C CB  . PHE A 1 24  ? 12.745  -1.597  -1.534  1.00 29.69 ? 2754 PHE A CB  1 
ATOM   164  C CG  . PHE A 1 24  ? 11.503  -2.217  -0.941  1.00 30.00 ? 2754 PHE A CG  1 
ATOM   165  C CD1 . PHE A 1 24  ? 11.285  -3.599  -1.039  1.00 29.09 ? 2754 PHE A CD1 1 
ATOM   166  C CD2 . PHE A 1 24  ? 10.527  -1.418  -0.353  1.00 30.00 ? 2754 PHE A CD2 1 
ATOM   167  C CE1 . PHE A 1 24  ? 10.127  -4.177  -0.531  1.00 31.91 ? 2754 PHE A CE1 1 
ATOM   168  C CE2 . PHE A 1 24  ? 9.334   -1.988  0.161   1.00 31.50 ? 2754 PHE A CE2 1 
ATOM   169  C CZ  . PHE A 1 24  ? 9.131   -3.362  0.071   1.00 30.38 ? 2754 PHE A CZ  1 
ATOM   170  N N   . ILE A 1 25  ? 11.348  0.482   -3.429  1.00 28.84 ? 2755 ILE A N   1 
ATOM   171  C CA  . ILE A 1 25  ? 10.171  1.276   -3.812  1.00 28.70 ? 2755 ILE A CA  1 
ATOM   172  C C   . ILE A 1 25  ? 9.756   0.944   -5.229  1.00 29.47 ? 2755 ILE A C   1 
ATOM   173  O O   . ILE A 1 25  ? 8.617   0.561   -5.470  1.00 28.96 ? 2755 ILE A O   1 
ATOM   174  C CB  . ILE A 1 25  ? 10.409  2.821   -3.577  1.00 29.15 ? 2755 ILE A CB  1 
ATOM   175  C CG1 . ILE A 1 25  ? 10.518  3.131   -2.065  1.00 28.19 ? 2755 ILE A CG1 1 
ATOM   176  C CG2 . ILE A 1 25  ? 9.296   3.671   -4.176  1.00 26.87 ? 2755 ILE A CG2 1 
ATOM   177  C CD1 . ILE A 1 25  ? 11.155  4.499   -1.763  1.00 27.52 ? 2755 ILE A CD1 1 
ATOM   178  N N   . ASN A 1 26  ? 10.710  1.039   -6.155  1.00 30.61 ? 2756 ASN A N   1 
ATOM   179  C CA  . ASN A 1 26  ? 10.480  0.732   -7.551  1.00 31.63 ? 2756 ASN A CA  1 
ATOM   180  C C   . ASN A 1 26  ? 10.061  -0.699  -7.763  1.00 31.53 ? 2756 ASN A C   1 
ATOM   181  O O   . ASN A 1 26  ? 9.068   -0.951  -8.457  1.00 31.29 ? 2756 ASN A O   1 
ATOM   182  C CB  . ASN A 1 26  ? 11.732  1.075   -8.368  1.00 32.35 ? 2756 ASN A CB  1 
ATOM   183  C CG  . ASN A 1 26  ? 11.820  2.552   -8.661  1.00 35.30 ? 2756 ASN A CG  1 
ATOM   184  O OD1 . ASN A 1 26  ? 10.857  3.154   -9.180  1.00 38.49 ? 2756 ASN A OD1 1 
ATOM   185  N ND2 . ASN A 1 26  ? 12.962  3.161   -8.331  1.00 36.83 ? 2756 ASN A ND2 1 
ATOM   186  N N   . LYS A 1 27  ? 10.769  -1.627  -7.111  1.00 31.35 ? 2757 LYS A N   1 
ATOM   187  C CA  . LYS A 1 27  ? 10.405  -3.037  -7.186  1.00 31.86 ? 2757 LYS A CA  1 
ATOM   188  C C   . LYS A 1 27  ? 9.027   -3.328  -6.579  1.00 31.06 ? 2757 LYS A C   1 
ATOM   189  O O   . LYS A 1 27  ? 8.258   -4.076  -7.157  1.00 31.14 ? 2757 LYS A O   1 
ATOM   190  C CB  . LYS A 1 27  ? 11.477  -3.938  -6.544  1.00 32.68 ? 2757 LYS A CB  1 
ATOM   191  C CG  . LYS A 1 27  ? 12.840  -3.941  -7.267  1.00 36.62 ? 2757 LYS A CG  1 
ATOM   192  C CD  . LYS A 1 27  ? 13.850  -4.850  -6.557  1.00 41.98 ? 2757 LYS A CD  1 
ATOM   193  C CE  . LYS A 1 27  ? 15.205  -4.866  -7.266  1.00 44.43 ? 2757 LYS A CE  1 
ATOM   194  N NZ  . LYS A 1 27  ? 16.041  -6.023  -6.805  1.00 47.53 ? 2757 LYS A NZ  1 
ATOM   195  N N   . PHE A 1 28  ? 8.704   -2.750  -5.420  1.00 30.67 ? 2758 PHE A N   1 
ATOM   196  C CA  . PHE A 1 28  ? 7.367   -3.004  -4.820  1.00 30.02 ? 2758 PHE A CA  1 
ATOM   197  C C   . PHE A 1 28  ? 6.249   -2.281  -5.604  1.00 30.26 ? 2758 PHE A C   1 
ATOM   198  O O   . PHE A 1 28  ? 5.089   -2.734  -5.626  1.00 30.85 ? 2758 PHE A O   1 
ATOM   199  C CB  . PHE A 1 28  ? 7.359   -2.635  -3.336  1.00 29.64 ? 2758 PHE A CB  1 
ATOM   200  C CG  . PHE A 1 28  ? 6.089   -3.034  -2.585  1.00 28.59 ? 2758 PHE A CG  1 
ATOM   201  C CD1 . PHE A 1 28  ? 5.480   -4.271  -2.789  1.00 25.40 ? 2758 PHE A CD1 1 
ATOM   202  C CD2 . PHE A 1 28  ? 5.538   -2.170  -1.648  1.00 26.77 ? 2758 PHE A CD2 1 
ATOM   203  C CE1 . PHE A 1 28  ? 4.321   -4.635  -2.090  1.00 26.34 ? 2758 PHE A CE1 1 
ATOM   204  C CE2 . PHE A 1 28  ? 4.353   -2.517  -0.942  1.00 27.67 ? 2758 PHE A CE2 1 
ATOM   205  C CZ  . PHE A 1 28  ? 3.752   -3.755  -1.158  1.00 24.22 ? 2758 PHE A CZ  1 
ATOM   206  N N   . ALA A 1 29  ? 6.595   -1.170  -6.250  1.00 30.01 ? 2759 ALA A N   1 
ATOM   207  C CA  . ALA A 1 29  ? 5.636   -0.430  -7.077  1.00 31.14 ? 2759 ALA A CA  1 
ATOM   208  C C   . ALA A 1 29  ? 5.260   -1.242  -8.301  1.00 32.09 ? 2759 ALA A C   1 
ATOM   209  O O   . ALA A 1 29  ? 4.092   -1.327  -8.650  1.00 32.65 ? 2759 ALA A O   1 
ATOM   210  C CB  . ALA A 1 29  ? 6.188   0.954   -7.484  1.00 29.66 ? 2759 ALA A CB  1 
ATOM   211  N N   . GLU A 1 30  ? 6.266   -1.834  -8.940  1.00 34.29 ? 2760 GLU A N   1 
ATOM   212  C CA  . GLU A 1 30  ? 6.066   -2.705  -10.090 1.00 35.76 ? 2760 GLU A CA  1 
ATOM   213  C C   . GLU A 1 30  ? 5.205   -3.864  -9.664  1.00 36.01 ? 2760 GLU A C   1 
ATOM   214  O O   . GLU A 1 30  ? 4.198   -4.160  -10.315 1.00 36.00 ? 2760 GLU A O   1 
ATOM   215  C CB  . GLU A 1 30  ? 7.397   -3.234  -10.627 1.00 36.26 ? 2760 GLU A CB  1 
ATOM   216  C CG  . GLU A 1 30  ? 7.232   -4.149  -11.817 1.00 39.38 ? 2760 GLU A CG  1 
ATOM   217  C CD  . GLU A 1 30  ? 8.542   -4.372  -12.573 1.00 43.05 ? 2760 GLU A CD  1 
ATOM   218  O OE1 . GLU A 1 30  ? 9.524   -4.790  -11.934 1.00 46.39 ? 2760 GLU A OE1 1 
ATOM   219  O OE2 . GLU A 1 30  ? 8.589   -4.145  -13.801 1.00 43.19 ? 2760 GLU A OE2 1 
ATOM   220  N N   . TYR A 1 31  ? 5.595   -4.513  -8.562  1.00 35.98 ? 2761 TYR A N   1 
ATOM   221  C CA  . TYR A 1 31  ? 4.804   -5.607  -8.027  1.00 36.00 ? 2761 TYR A CA  1 
ATOM   222  C C   . TYR A 1 31  ? 3.328   -5.223  -7.851  1.00 36.32 ? 2761 TYR A C   1 
ATOM   223  O O   . TYR A 1 31  ? 2.444   -5.950  -8.287  1.00 36.55 ? 2761 TYR A O   1 
ATOM   224  C CB  . TYR A 1 31  ? 5.369   -6.115  -6.697  1.00 35.52 ? 2761 TYR A CB  1 
ATOM   225  C CG  . TYR A 1 31  ? 4.411   -7.053  -5.999  1.00 35.40 ? 2761 TYR A CG  1 
ATOM   226  C CD1 . TYR A 1 31  ? 4.353   -8.410  -6.343  1.00 36.38 ? 2761 TYR A CD1 1 
ATOM   227  C CD2 . TYR A 1 31  ? 3.538   -6.578  -5.023  1.00 35.21 ? 2761 TYR A CD2 1 
ATOM   228  C CE1 . TYR A 1 31  ? 3.451   -9.288  -5.707  1.00 36.43 ? 2761 TYR A CE1 1 
ATOM   229  C CE2 . TYR A 1 31  ? 2.625   -7.433  -4.389  1.00 37.54 ? 2761 TYR A CE2 1 
ATOM   230  C CZ  . TYR A 1 31  ? 2.592   -8.781  -4.730  1.00 39.37 ? 2761 TYR A CZ  1 
ATOM   231  O OH  . TYR A 1 31  ? 1.694   -9.604  -4.083  1.00 42.78 ? 2761 TYR A OH  1 
ATOM   232  N N   . THR A 1 32  ? 3.070   -4.098  -7.189  1.00 37.35 ? 2762 THR A N   1 
ATOM   233  C CA  . THR A 1 32  ? 1.686   -3.691  -6.875  1.00 38.19 ? 2762 THR A CA  1 
ATOM   234  C C   . THR A 1 32  ? 0.903   -3.432  -8.173  1.00 38.88 ? 2762 THR A C   1 
ATOM   235  O O   . THR A 1 32  ? -0.260  -3.842  -8.302  1.00 38.47 ? 2762 THR A O   1 
ATOM   236  C CB  . THR A 1 32  ? 1.644   -2.476  -5.875  1.00 38.10 ? 2762 THR A CB  1 
ATOM   237  O OG1 . THR A 1 32  ? 2.273   -2.859  -4.640  1.00 38.09 ? 2762 THR A OG1 1 
ATOM   238  C CG2 . THR A 1 32  ? 0.219   -2.073  -5.570  1.00 38.49 ? 2762 THR A CG2 1 
ATOM   239  N N   . HIS A 1 33  ? 1.550   -2.786  -9.148  1.00 40.12 ? 2763 HIS A N   1 
ATOM   240  C CA  . HIS A 1 33  ? 0.901   -2.609  -10.449 1.00 41.90 ? 2763 HIS A CA  1 
ATOM   241  C C   . HIS A 1 33  ? 0.616   -3.940  -11.138 1.00 42.97 ? 2763 HIS A C   1 
ATOM   242  O O   . HIS A 1 33  ? -0.492  -4.152  -11.646 1.00 43.64 ? 2763 HIS A O   1 
ATOM   243  C CB  . HIS A 1 33  ? 1.678   -1.700  -11.391 1.00 41.67 ? 2763 HIS A CB  1 
ATOM   244  C CG  . HIS A 1 33  ? 1.176   -1.771  -12.796 1.00 43.21 ? 2763 HIS A CG  1 
ATOM   245  N ND1 . HIS A 1 33  ? 1.892   -2.365  -13.814 1.00 44.34 ? 2763 HIS A ND1 1 
ATOM   246  C CD2 . HIS A 1 33  ? -0.008  -1.396  -13.339 1.00 43.89 ? 2763 HIS A CD2 1 
ATOM   247  C CE1 . HIS A 1 33  ? 1.188   -2.320  -14.928 1.00 44.59 ? 2763 HIS A CE1 1 
ATOM   248  N NE2 . HIS A 1 33  ? 0.033   -1.735  -14.668 1.00 45.37 ? 2763 HIS A NE2 1 
ATOM   249  N N   . GLU A 1 34  ? 1.601   -4.835  -11.132 1.00 44.42 ? 2764 GLU A N   1 
ATOM   250  C CA  . GLU A 1 34  ? 1.441   -6.163  -11.737 1.00 46.28 ? 2764 GLU A CA  1 
ATOM   251  C C   . GLU A 1 34  ? 0.356   -7.034  -11.075 1.00 46.66 ? 2764 GLU A C   1 
ATOM   252  O O   . GLU A 1 34  ? -0.254  -7.868  -11.745 1.00 47.29 ? 2764 GLU A O   1 
ATOM   253  C CB  . GLU A 1 34  ? 2.769   -6.934  -11.792 1.00 46.25 ? 2764 GLU A CB  1 
ATOM   254  C CG  . GLU A 1 34  ? 4.023   -6.222  -12.409 1.00 49.44 ? 2764 GLU A CG  1 
ATOM   255  C CD  . GLU A 1 34  ? 3.790   -5.362  -13.685 1.00 54.52 ? 2764 GLU A CD  1 
ATOM   256  O OE1 . GLU A 1 34  ? 3.409   -4.166  -13.552 1.00 54.75 ? 2764 GLU A OE1 1 
ATOM   257  O OE2 . GLU A 1 34  ? 4.062   -5.853  -14.817 1.00 55.99 ? 2764 GLU A OE2 1 
ATOM   258  N N   . LYS A 1 35  ? 0.121   -6.857  -9.775  1.00 47.11 ? 2765 LYS A N   1 
ATOM   259  C CA  . LYS A 1 35  ? -0.915  -7.624  -9.070  1.00 47.28 ? 2765 LYS A CA  1 
ATOM   260  C C   . LYS A 1 35  ? -2.301  -7.080  -9.397  1.00 47.55 ? 2765 LYS A C   1 
ATOM   261  O O   . LYS A 1 35  ? -3.253  -7.851  -9.559  1.00 47.70 ? 2765 LYS A O   1 
ATOM   262  C CB  . LYS A 1 35  ? -0.692  -7.628  -7.551  1.00 47.05 ? 2765 LYS A CB  1 
ATOM   263  N N   . TRP A 1 36  ? -2.401  -5.754  -9.478  1.00 47.47 ? 2766 TRP A N   1 
ATOM   264  C CA  . TRP A 1 36  ? -3.620  -5.073  -9.877  1.00 47.63 ? 2766 TRP A CA  1 
ATOM   265  C C   . TRP A 1 36  ? -3.982  -5.471  -11.313 1.00 47.93 ? 2766 TRP A C   1 
ATOM   266  O O   . TRP A 1 36  ? -5.142  -5.766  -11.612 1.00 47.10 ? 2766 TRP A O   1 
ATOM   267  C CB  . TRP A 1 36  ? -3.430  -3.557  -9.756  1.00 47.54 ? 2766 TRP A CB  1 
ATOM   268  C CG  . TRP A 1 36  ? -4.532  -2.753  -10.395 1.00 48.85 ? 2766 TRP A CG  1 
ATOM   269  C CD1 . TRP A 1 36  ? -5.709  -2.351  -9.807  1.00 49.35 ? 2766 TRP A CD1 1 
ATOM   270  C CD2 . TRP A 1 36  ? -4.571  -2.256  -11.742 1.00 48.31 ? 2766 TRP A CD2 1 
ATOM   271  N NE1 . TRP A 1 36  ? -6.469  -1.636  -10.709 1.00 48.78 ? 2766 TRP A NE1 1 
ATOM   272  C CE2 . TRP A 1 36  ? -5.799  -1.563  -11.900 1.00 48.67 ? 2766 TRP A CE2 1 
ATOM   273  C CE3 . TRP A 1 36  ? -3.691  -2.327  -12.829 1.00 46.61 ? 2766 TRP A CE3 1 
ATOM   274  C CZ2 . TRP A 1 36  ? -6.163  -0.944  -13.106 1.00 48.31 ? 2766 TRP A CZ2 1 
ATOM   275  C CZ3 . TRP A 1 36  ? -4.050  -1.716  -14.017 1.00 47.32 ? 2766 TRP A CZ3 1 
ATOM   276  C CH2 . TRP A 1 36  ? -5.281  -1.038  -14.149 1.00 47.12 ? 2766 TRP A CH2 1 
ATOM   277  N N   . ALA A 1 37  ? -2.970  -5.496  -12.179 1.00 48.73 ? 2767 ALA A N   1 
ATOM   278  C CA  . ALA A 1 37  ? -3.122  -5.872  -13.579 1.00 49.77 ? 2767 ALA A CA  1 
ATOM   279  C C   . ALA A 1 37  ? -3.582  -7.325  -13.747 1.00 50.87 ? 2767 ALA A C   1 
ATOM   280  O O   . ALA A 1 37  ? -4.492  -7.591  -14.523 1.00 50.28 ? 2767 ALA A O   1 
ATOM   281  C CB  . ALA A 1 37  ? -1.824  -5.624  -14.332 1.00 49.80 ? 2767 ALA A CB  1 
ATOM   282  N N   . PHE A 1 38  ? -2.951  -8.248  -13.012 1.00 52.21 ? 2768 PHE A N   1 
ATOM   283  C CA  . PHE A 1 38  ? -3.360  -9.658  -12.954 1.00 53.65 ? 2768 PHE A CA  1 
ATOM   284  C C   . PHE A 1 38  ? -4.835  -9.775  -12.598 1.00 54.51 ? 2768 PHE A C   1 
ATOM   285  O O   . PHE A 1 38  ? -5.599  -10.394 -13.340 1.00 54.98 ? 2768 PHE A O   1 
ATOM   286  C CB  . PHE A 1 38  ? -2.518  -10.418 -11.922 1.00 53.72 ? 2768 PHE A CB  1 
ATOM   287  C CG  . PHE A 1 38  ? -2.645  -11.919 -12.002 1.00 54.60 ? 2768 PHE A CG  1 
ATOM   288  C CD1 . PHE A 1 38  ? -1.782  -12.662 -12.809 1.00 55.28 ? 2768 PHE A CD1 1 
ATOM   289  C CD2 . PHE A 1 38  ? -3.611  -12.595 -11.250 1.00 55.85 ? 2768 PHE A CD2 1 
ATOM   290  C CE1 . PHE A 1 38  ? -1.887  -14.053 -12.880 1.00 56.08 ? 2768 PHE A CE1 1 
ATOM   291  C CE2 . PHE A 1 38  ? -3.723  -13.989 -11.312 1.00 55.46 ? 2768 PHE A CE2 1 
ATOM   292  C CZ  . PHE A 1 38  ? -2.864  -14.717 -12.131 1.00 55.91 ? 2768 PHE A CZ  1 
ATOM   293  N N   . ASP A 1 39  ? -5.226  -9.163  -11.478 1.00 55.28 ? 2769 ASP A N   1 
ATOM   294  C CA  . ASP A 1 39  ? -6.618  -9.147  -11.009 1.00 56.65 ? 2769 ASP A CA  1 
ATOM   295  C C   . ASP A 1 39  ? -7.606  -8.671  -12.091 1.00 57.33 ? 2769 ASP A C   1 
ATOM   296  O O   . ASP A 1 39  ? -8.654  -9.290  -12.313 1.00 57.67 ? 2769 ASP A O   1 
ATOM   297  C CB  . ASP A 1 39  ? -6.759  -8.236  -9.778  1.00 56.84 ? 2769 ASP A CB  1 
ATOM   298  C CG  . ASP A 1 39  ? -6.078  -8.797  -8.513  1.00 57.80 ? 2769 ASP A CG  1 
ATOM   299  O OD1 . ASP A 1 39  ? -5.536  -9.938  -8.525  1.00 57.39 ? 2769 ASP A OD1 1 
ATOM   300  O OD2 . ASP A 1 39  ? -6.096  -8.066  -7.492  1.00 57.47 ? 2769 ASP A OD2 1 
ATOM   301  N N   . LYS A 1 40  ? -7.254  -7.558  -12.740 1.00 57.91 ? 2770 LYS A N   1 
ATOM   302  C CA  . LYS A 1 40  ? -8.074  -6.908  -13.757 1.00 58.29 ? 2770 LYS A CA  1 
ATOM   303  C C   . LYS A 1 40  ? -8.176  -7.788  -15.004 1.00 58.83 ? 2770 LYS A C   1 
ATOM   304  O O   . LYS A 1 40  ? -9.254  -7.918  -15.589 1.00 58.52 ? 2770 LYS A O   1 
ATOM   305  C CB  . LYS A 1 40  ? -7.486  -5.529  -14.110 1.00 57.88 ? 2770 LYS A CB  1 
ATOM   306  C CG  . LYS A 1 40  ? -7.860  -4.381  -13.156 1.00 57.98 ? 2770 LYS A CG  1 
ATOM   307  C CD  . LYS A 1 40  ? -9.337  -3.965  -13.301 1.00 58.61 ? 2770 LYS A CD  1 
ATOM   308  C CE  . LYS A 1 40  ? -9.598  -2.513  -12.915 1.00 59.26 ? 2770 LYS A CE  1 
ATOM   309  N NZ  . LYS A 1 40  ? -9.717  -2.300  -11.439 1.00 60.25 ? 2770 LYS A NZ  1 
ATOM   310  N N   . ILE A 1 41  ? -7.058  -8.414  -15.374 1.00 59.33 ? 2771 ILE A N   1 
ATOM   311  C CA  . ILE A 1 41  ? -6.975  -9.246  -16.573 1.00 59.74 ? 2771 ILE A CA  1 
ATOM   312  C C   . ILE A 1 41  ? -7.720  -10.576 -16.460 1.00 60.60 ? 2771 ILE A C   1 
ATOM   313  O O   . ILE A 1 41  ? -8.406  -10.972 -17.408 1.00 60.91 ? 2771 ILE A O   1 
ATOM   314  C CB  . ILE A 1 41  ? -5.511  -9.438  -17.026 1.00 59.51 ? 2771 ILE A CB  1 
ATOM   315  C CG1 . ILE A 1 41  ? -5.079  -8.215  -17.843 1.00 59.32 ? 2771 ILE A CG1 1 
ATOM   316  C CG2 . ILE A 1 41  ? -5.339  -10.744 -17.808 1.00 59.28 ? 2771 ILE A CG2 1 
ATOM   317  C CD1 . ILE A 1 41  ? -3.597  -8.071  -18.060 1.00 58.87 ? 2771 ILE A CD1 1 
ATOM   318  N N   . GLN A 1 42  ? -7.606  -11.247 -15.309 1.00 61.34 ? 2772 GLN A N   1 
ATOM   319  C CA  . GLN A 1 42  ? -8.352  -12.490 -15.043 1.00 61.94 ? 2772 GLN A CA  1 
ATOM   320  C C   . GLN A 1 42  ? -9.866  -12.267 -15.060 1.00 62.17 ? 2772 GLN A C   1 
ATOM   321  O O   . GLN A 1 42  ? -10.633 -13.218 -15.210 1.00 62.44 ? 2772 GLN A O   1 
ATOM   322  C CB  . GLN A 1 42  ? -7.958  -13.137 -13.699 1.00 62.23 ? 2772 GLN A CB  1 
ATOM   323  C CG  . GLN A 1 42  ? -6.504  -13.626 -13.550 1.00 63.16 ? 2772 GLN A CG  1 
ATOM   324  C CD  . GLN A 1 42  ? -6.014  -14.535 -14.681 1.00 64.12 ? 2772 GLN A CD  1 
ATOM   325  O OE1 . GLN A 1 42  ? -5.502  -14.061 -15.697 1.00 65.31 ? 2772 GLN A OE1 1 
ATOM   326  N NE2 . GLN A 1 42  ? -6.127  -15.844 -14.482 1.00 64.40 ? 2772 GLN A NE2 1 
ATOM   327  N N   . ASN A 1 43  ? -10.285 -11.014 -14.889 1.00 62.44 ? 2773 ASN A N   1 
ATOM   328  C CA  . ASN A 1 43  ? -11.696 -10.635 -14.977 1.00 62.72 ? 2773 ASN A CA  1 
ATOM   329  C C   . ASN A 1 43  ? -12.042 -10.129 -16.380 1.00 62.65 ? 2773 ASN A C   1 
ATOM   330  O O   . ASN A 1 43  ? -13.105 -9.532  -16.594 1.00 62.83 ? 2773 ASN A O   1 
ATOM   331  C CB  . ASN A 1 43  ? -12.050 -9.578  -13.919 1.00 63.01 ? 2773 ASN A CB  1 
ATOM   332  C CG  . ASN A 1 43  ? -12.157 -10.158 -12.506 1.00 64.19 ? 2773 ASN A CG  1 
ATOM   333  O OD1 . ASN A 1 43  ? -11.169 -10.637 -11.925 1.00 64.45 ? 2773 ASN A OD1 1 
ATOM   334  N ND2 . ASN A 1 43  ? -13.358 -10.094 -11.940 1.00 64.94 ? 2773 ASN A ND2 1 
ATOM   335  N N   . ASN A 1 44  ? -11.126 -10.386 -17.319 1.00 62.32 ? 2774 ASN A N   1 
ATOM   336  C CA  . ASN A 1 44  ? -11.242 -10.029 -18.743 1.00 62.06 ? 2774 ASN A CA  1 
ATOM   337  C C   . ASN A 1 44  ? -11.259 -8.528  -19.064 1.00 61.47 ? 2774 ASN A C   1 
ATOM   338  O O   . ASN A 1 44  ? -12.104 -8.042  -19.812 1.00 61.58 ? 2774 ASN A O   1 
ATOM   339  C CB  . ASN A 1 44  ? -12.376 -10.812 -19.440 1.00 62.35 ? 2774 ASN A CB  1 
ATOM   340  C CG  . ASN A 1 44  ? -12.107 -12.316 -19.480 1.00 63.25 ? 2774 ASN A CG  1 
ATOM   341  O OD1 . ASN A 1 44  ? -11.072 -12.774 -19.990 1.00 63.56 ? 2774 ASN A OD1 1 
ATOM   342  N ND2 . ASN A 1 44  ? -13.035 -13.090 -18.930 1.00 63.95 ? 2774 ASN A ND2 1 
ATOM   343  N N   . TRP A 1 45  ? -10.307 -7.805  -18.478 1.00 60.78 ? 2775 TRP A N   1 
ATOM   344  C CA  . TRP A 1 45  ? -10.035 -6.426  -18.855 1.00 59.57 ? 2775 TRP A CA  1 
ATOM   345  C C   . TRP A 1 45  ? -8.931  -6.438  -19.904 1.00 59.60 ? 2775 TRP A C   1 
ATOM   346  O O   . TRP A 1 45  ? -8.165  -7.407  -19.992 1.00 59.51 ? 2775 TRP A O   1 
ATOM   347  C CB  . TRP A 1 45  ? -9.609  -5.599  -17.637 1.00 59.09 ? 2775 TRP A CB  1 
ATOM   348  C CG  . TRP A 1 45  ? -10.737 -5.213  -16.686 1.00 57.40 ? 2775 TRP A CG  1 
ATOM   349  C CD1 . TRP A 1 45  ? -11.452 -6.049  -15.859 1.00 56.82 ? 2775 TRP A CD1 1 
ATOM   350  C CD2 . TRP A 1 45  ? -11.253 -3.892  -16.454 1.00 55.35 ? 2775 TRP A CD2 1 
ATOM   351  N NE1 . TRP A 1 45  ? -12.379 -5.328  -15.142 1.00 55.37 ? 2775 TRP A NE1 1 
ATOM   352  C CE2 . TRP A 1 45  ? -12.282 -4.006  -15.489 1.00 54.62 ? 2775 TRP A CE2 1 
ATOM   353  C CE3 . TRP A 1 45  ? -10.955 -2.625  -16.978 1.00 54.00 ? 2775 TRP A CE3 1 
ATOM   354  C CZ2 . TRP A 1 45  ? -13.010 -2.902  -15.038 1.00 54.78 ? 2775 TRP A CZ2 1 
ATOM   355  C CZ3 . TRP A 1 45  ? -11.689 -1.528  -16.537 1.00 54.28 ? 2775 TRP A CZ3 1 
ATOM   356  C CH2 . TRP A 1 45  ? -12.699 -1.673  -15.569 1.00 54.56 ? 2775 TRP A CH2 1 
ATOM   357  N N   . SER A 1 46  ? -8.858  -5.379  -20.706 1.00 59.35 ? 2776 SER A N   1 
ATOM   358  C CA  . SER A 1 46  ? -7.790  -5.240  -21.705 1.00 59.69 ? 2776 SER A CA  1 
ATOM   359  C C   . SER A 1 46  ? -7.296  -3.803  -21.756 1.00 59.90 ? 2776 SER A C   1 
ATOM   360  O O   . SER A 1 46  ? -7.899  -2.918  -21.148 1.00 60.04 ? 2776 SER A O   1 
ATOM   361  C CB  . SER A 1 46  ? -8.266  -5.697  -23.094 1.00 59.59 ? 2776 SER A CB  1 
ATOM   362  O OG  . SER A 1 46  ? -9.546  -5.165  -23.400 1.00 58.89 ? 2776 SER A OG  1 
ATOM   363  N N   . TYR A 1 47  ? -6.195  -3.571  -22.465 1.00 60.31 ? 2777 TYR A N   1 
ATOM   364  C CA  . TYR A 1 47  ? -5.707  -2.212  -22.653 1.00 60.86 ? 2777 TYR A CA  1 
ATOM   365  C C   . TYR A 1 47  ? -6.669  -1.386  -23.509 1.00 61.29 ? 2777 TYR A C   1 
ATOM   366  O O   . TYR A 1 47  ? -7.123  -1.841  -24.563 1.00 61.24 ? 2777 TYR A O   1 
ATOM   367  C CB  . TYR A 1 47  ? -4.314  -2.177  -23.289 1.00 60.83 ? 2777 TYR A CB  1 
ATOM   368  C CG  . TYR A 1 47  ? -3.936  -0.768  -23.684 1.00 61.63 ? 2777 TYR A CG  1 
ATOM   369  C CD1 . TYR A 1 47  ? -3.378  0.112   -22.749 1.00 62.56 ? 2777 TYR A CD1 1 
ATOM   370  C CD2 . TYR A 1 47  ? -4.195  -0.288  -24.967 1.00 61.95 ? 2777 TYR A CD2 1 
ATOM   371  C CE1 . TYR A 1 47  ? -3.056  1.417   -23.089 1.00 62.43 ? 2777 TYR A CE1 1 
ATOM   372  C CE2 . TYR A 1 47  ? -3.872  1.021   -25.322 1.00 62.80 ? 2777 TYR A CE2 1 
ATOM   373  C CZ  . TYR A 1 47  ? -3.304  1.868   -24.375 1.00 63.52 ? 2777 TYR A CZ  1 
ATOM   374  O OH  . TYR A 1 47  ? -2.982  3.166   -24.713 1.00 64.40 ? 2777 TYR A OH  1 
ATOM   375  N N   . GLY A 1 48  ? -6.963  -0.174  -23.036 1.00 61.45 ? 2778 GLY A N   1 
ATOM   376  C CA  . GLY A 1 48  ? -7.728  0.817   -23.789 1.00 61.43 ? 2778 GLY A CA  1 
ATOM   377  C C   . GLY A 1 48  ? -7.131  2.184   -23.534 1.00 61.37 ? 2778 GLY A C   1 
ATOM   378  O O   . GLY A 1 48  ? -6.544  2.406   -22.482 1.00 61.15 ? 2778 GLY A O   1 
ATOM   379  N N   . GLU A 1 49  ? -7.277  3.106   -24.484 1.00 61.35 ? 2779 GLU A N   1 
ATOM   380  C CA  . GLU A 1 49  ? -6.674  4.435   -24.335 1.00 61.29 ? 2779 GLU A CA  1 
ATOM   381  C C   . GLU A 1 49  ? -7.403  5.256   -23.276 1.00 60.97 ? 2779 GLU A C   1 
ATOM   382  O O   . GLU A 1 49  ? -6.834  6.203   -22.735 1.00 61.14 ? 2779 GLU A O   1 
ATOM   383  C CB  . GLU A 1 49  ? -6.607  5.188   -25.676 1.00 61.30 ? 2779 GLU A CB  1 
ATOM   384  N N   . ASN A 1 50  ? -8.647  4.867   -22.982 1.00 60.57 ? 2780 ASN A N   1 
ATOM   385  C CA  . ASN A 1 50  ? -9.471  5.480   -21.931 1.00 60.28 ? 2780 ASN A CA  1 
ATOM   386  C C   . ASN A 1 50  ? -10.108 4.427   -21.015 1.00 60.21 ? 2780 ASN A C   1 
ATOM   387  O O   . ASN A 1 50  ? -10.292 3.281   -21.425 1.00 60.25 ? 2780 ASN A O   1 
ATOM   388  C CB  . ASN A 1 50  ? -10.558 6.373   -22.547 1.00 60.34 ? 2780 ASN A CB  1 
ATOM   389  N N   . VAL A 1 51  ? -10.432 4.821   -19.780 1.00 59.92 ? 2781 VAL A N   1 
ATOM   390  C CA  . VAL A 1 51  ? -11.022 3.921   -18.781 1.00 60.10 ? 2781 VAL A CA  1 
ATOM   391  C C   . VAL A 1 51  ? -12.525 3.736   -19.036 1.00 60.06 ? 2781 VAL A C   1 
ATOM   392  O O   . VAL A 1 51  ? -13.279 4.722   -19.111 1.00 60.02 ? 2781 VAL A O   1 
ATOM   393  C CB  . VAL A 1 51  ? -10.783 4.431   -17.322 1.00 60.16 ? 2781 VAL A CB  1 
ATOM   394  C CG1 . VAL A 1 51  ? -11.562 3.608   -16.317 1.00 60.54 ? 2781 VAL A CG1 1 
ATOM   395  C CG2 . VAL A 1 51  ? -9.301  4.408   -16.964 1.00 60.91 ? 2781 VAL A CG2 1 
ATOM   396  N N   . ASP A 1 52  ? -12.949 2.475   -19.152 1.00 59.45 ? 2782 ASP A N   1 
ATOM   397  C CA  . ASP A 1 52  ? -14.312 2.137   -19.553 1.00 59.05 ? 2782 ASP A CA  1 
ATOM   398  C C   . ASP A 1 52  ? -14.776 0.897   -18.791 1.00 58.99 ? 2782 ASP A C   1 
ATOM   399  O O   . ASP A 1 52  ? -14.263 -0.202  -19.023 1.00 59.01 ? 2782 ASP A O   1 
ATOM   400  C CB  . ASP A 1 52  ? -14.351 1.894   -21.074 1.00 58.92 ? 2782 ASP A CB  1 
ATOM   401  C CG  . ASP A 1 52  ? -15.740 2.096   -21.688 1.00 58.03 ? 2782 ASP A CG  1 
ATOM   402  O OD1 . ASP A 1 52  ? -15.806 2.705   -22.782 1.00 55.67 ? 2782 ASP A OD1 1 
ATOM   403  O OD2 . ASP A 1 52  ? -16.752 1.635   -21.106 1.00 57.29 ? 2782 ASP A OD2 1 
ATOM   404  N N   . GLU A 1 53  ? -15.736 1.071   -17.880 1.00 59.03 ? 2783 GLU A N   1 
ATOM   405  C CA  . GLU A 1 53  ? -16.215 -0.039  -17.037 1.00 59.14 ? 2783 GLU A CA  1 
ATOM   406  C C   . GLU A 1 53  ? -17.109 -1.003  -17.809 1.00 59.16 ? 2783 GLU A C   1 
ATOM   407  O O   . GLU A 1 53  ? -17.189 -2.187  -17.476 1.00 59.75 ? 2783 GLU A O   1 
ATOM   408  C CB  . GLU A 1 53  ? -16.939 0.474   -15.781 1.00 59.30 ? 2783 GLU A CB  1 
ATOM   409  N N   . GLU A 1 54  ? -17.775 -0.495  -18.845 1.00 59.03 ? 2784 GLU A N   1 
ATOM   410  C CA  . GLU A 1 54  ? -18.620 -1.322  -19.711 1.00 58.66 ? 2784 GLU A CA  1 
ATOM   411  C C   . GLU A 1 54  ? -17.758 -2.173  -20.641 1.00 57.96 ? 2784 GLU A C   1 
ATOM   412  O O   . GLU A 1 54  ? -17.939 -3.385  -20.716 1.00 57.76 ? 2784 GLU A O   1 
ATOM   413  C CB  . GLU A 1 54  ? -19.594 -0.436  -20.499 1.00 58.91 ? 2784 GLU A CB  1 
ATOM   414  C CG  . GLU A 1 54  ? -20.327 -1.137  -21.646 1.00 60.41 ? 2784 GLU A CG  1 
ATOM   415  C CD  . GLU A 1 54  ? -21.110 -0.172  -22.530 1.00 62.45 ? 2784 GLU A CD  1 
ATOM   416  O OE1 . GLU A 1 54  ? -20.643 0.982   -22.735 1.00 63.71 ? 2784 GLU A OE1 1 
ATOM   417  O OE2 . GLU A 1 54  ? -22.187 -0.573  -23.028 1.00 61.17 ? 2784 GLU A OE2 1 
ATOM   418  N N   . LEU A 1 55  ? -16.811 -1.531  -21.326 1.00 57.41 ? 2785 LEU A N   1 
ATOM   419  C CA  . LEU A 1 55  ? -15.874 -2.217  -22.227 1.00 56.75 ? 2785 LEU A CA  1 
ATOM   420  C C   . LEU A 1 55  ? -14.733 -2.923  -21.495 1.00 56.53 ? 2785 LEU A C   1 
ATOM   421  O O   . LEU A 1 55  ? -14.014 -3.739  -22.093 1.00 56.30 ? 2785 LEU A O   1 
ATOM   422  C CB  . LEU A 1 55  ? -15.277 -1.236  -23.245 1.00 56.63 ? 2785 LEU A CB  1 
ATOM   423  C CG  . LEU A 1 55  ? -16.202 -0.586  -24.277 1.00 56.27 ? 2785 LEU A CG  1 
ATOM   424  C CD1 . LEU A 1 55  ? -15.383 0.095   -25.362 1.00 54.17 ? 2785 LEU A CD1 1 
ATOM   425  C CD2 . LEU A 1 55  ? -17.131 -1.624  -24.871 1.00 54.44 ? 2785 LEU A CD2 1 
ATOM   426  N N   . LYS A 1 56  ? -14.570 -2.603  -20.212 1.00 56.09 ? 2786 LYS A N   1 
ATOM   427  C CA  . LYS A 1 56  ? -13.502 -3.173  -19.383 1.00 55.79 ? 2786 LYS A CA  1 
ATOM   428  C C   . LYS A 1 56  ? -12.116 -2.941  -20.011 1.00 55.11 ? 2786 LYS A C   1 
ATOM   429  O O   . LYS A 1 56  ? -11.320 -3.871  -20.189 1.00 54.59 ? 2786 LYS A O   1 
ATOM   430  C CB  . LYS A 1 56  ? -13.788 -4.650  -19.052 1.00 55.80 ? 2786 LYS A CB  1 
ATOM   431  C CG  . LYS A 1 56  ? -15.078 -4.832  -18.233 1.00 57.55 ? 2786 LYS A CG  1 
ATOM   432  C CD  . LYS A 1 56  ? -15.117 -6.146  -17.462 1.00 59.60 ? 2786 LYS A CD  1 
ATOM   433  C CE  . LYS A 1 56  ? -15.909 -7.215  -18.204 1.00 61.08 ? 2786 LYS A CE  1 
ATOM   434  N NZ  . LYS A 1 56  ? -15.855 -8.542  -17.505 1.00 61.53 ? 2786 LYS A NZ  1 
ATOM   435  N N   . THR A 1 57  ? -11.861 -1.677  -20.360 1.00 54.53 ? 2787 THR A N   1 
ATOM   436  C CA  . THR A 1 57  ? -10.546 -1.229  -20.836 1.00 53.85 ? 2787 THR A CA  1 
ATOM   437  C C   . THR A 1 57  ? -9.905  -0.281  -19.823 1.00 53.19 ? 2787 THR A C   1 
ATOM   438  O O   . THR A 1 57  ? -10.613 0.427   -19.085 1.00 53.35 ? 2787 THR A O   1 
ATOM   439  C CB  . THR A 1 57  ? -10.612 -0.479  -22.205 1.00 53.82 ? 2787 THR A CB  1 
ATOM   440  O OG1 . THR A 1 57  ? -11.393 0.713   -22.070 1.00 53.74 ? 2787 THR A OG1 1 
ATOM   441  C CG2 . THR A 1 57  ? -11.178 -1.371  -23.320 1.00 53.80 ? 2787 THR A CG2 1 
ATOM   442  N N   . HIS A 1 58  ? -8.572  -0.255  -19.812 1.00 52.26 ? 2788 HIS A N   1 
ATOM   443  C CA  . HIS A 1 58  ? -7.809  0.614   -18.914 1.00 51.53 ? 2788 HIS A CA  1 
ATOM   444  C C   . HIS A 1 58  ? -6.415  0.901   -19.483 1.00 50.78 ? 2788 HIS A C   1 
ATOM   445  O O   . HIS A 1 58  ? -5.699  -0.028  -19.862 1.00 50.46 ? 2788 HIS A O   1 
ATOM   446  C CB  . HIS A 1 58  ? -7.689  -0.024  -17.521 1.00 51.59 ? 2788 HIS A CB  1 
ATOM   447  C CG  . HIS A 1 58  ? -7.544  0.967   -16.408 1.00 51.76 ? 2788 HIS A CG  1 
ATOM   448  N ND1 . HIS A 1 58  ? -6.424  1.757   -16.253 1.00 52.32 ? 2788 HIS A ND1 1 
ATOM   449  C CD2 . HIS A 1 58  ? -8.372  1.286   -15.384 1.00 52.75 ? 2788 HIS A CD2 1 
ATOM   450  C CE1 . HIS A 1 58  ? -6.577  2.530   -15.191 1.00 52.93 ? 2788 HIS A CE1 1 
ATOM   451  N NE2 . HIS A 1 58  ? -7.746  2.259   -14.641 1.00 53.50 ? 2788 HIS A NE2 1 
ATOM   452  N N   . PRO A 1 59  ? -6.021  2.190   -19.539 1.00 50.47 ? 2789 PRO A N   1 
ATOM   453  C CA  . PRO A 1 59  ? -4.698  2.558   -20.069 1.00 50.30 ? 2789 PRO A CA  1 
ATOM   454  C C   . PRO A 1 59  ? -3.509  2.058   -19.231 1.00 50.04 ? 2789 PRO A C   1 
ATOM   455  O O   . PRO A 1 59  ? -2.383  2.015   -19.733 1.00 50.32 ? 2789 PRO A O   1 
ATOM   456  C CB  . PRO A 1 59  ? -4.739  4.089   -20.099 1.00 50.25 ? 2789 PRO A CB  1 
ATOM   457  C CG  . PRO A 1 59  ? -5.808  4.476   -19.131 1.00 50.38 ? 2789 PRO A CG  1 
ATOM   458  C CD  . PRO A 1 59  ? -6.816  3.375   -19.164 1.00 50.39 ? 2789 PRO A CD  1 
ATOM   459  N N   . MET A 1 60  ? -3.766  1.670   -17.985 1.00 49.80 ? 2790 MET A N   1 
ATOM   460  C CA  . MET A 1 60  ? -2.711  1.173   -17.092 1.00 50.14 ? 2790 MET A CA  1 
ATOM   461  C C   . MET A 1 60  ? -2.481  -0.332  -17.258 1.00 50.09 ? 2790 MET A C   1 
ATOM   462  O O   . MET A 1 60  ? -1.580  -0.896  -16.630 1.00 50.21 ? 2790 MET A O   1 
ATOM   463  C CB  . MET A 1 60  ? -3.017  1.507   -15.624 1.00 50.02 ? 2790 MET A CB  1 
ATOM   464  C CG  . MET A 1 60  ? -3.315  2.987   -15.364 1.00 50.73 ? 2790 MET A CG  1 
ATOM   465  S SD  . MET A 1 60  ? -1.823  3.992   -15.329 1.00 53.78 ? 2790 MET A SD  1 
ATOM   466  C CE  . MET A 1 60  ? -1.358  3.804   -13.618 1.00 50.14 ? 2790 MET A CE  1 
ATOM   467  N N   . LEU A 1 61  ? -3.298  -0.989  -18.082 1.00 49.54 ? 2791 LEU A N   1 
ATOM   468  C CA  . LEU A 1 61  ? -3.040  -2.391  -18.405 1.00 49.33 ? 2791 LEU A CA  1 
ATOM   469  C C   . LEU A 1 61  ? -1.958  -2.495  -19.490 1.00 49.30 ? 2791 LEU A C   1 
ATOM   470  O O   . LEU A 1 61  ? -2.209  -2.890  -20.637 1.00 49.44 ? 2791 LEU A O   1 
ATOM   471  C CB  . LEU A 1 61  ? -4.326  -3.138  -18.762 1.00 49.07 ? 2791 LEU A CB  1 
ATOM   472  C CG  . LEU A 1 61  ? -5.361  -3.288  -17.645 1.00 49.22 ? 2791 LEU A CG  1 
ATOM   473  C CD1 . LEU A 1 61  ? -6.669  -3.750  -18.236 1.00 49.45 ? 2791 LEU A CD1 1 
ATOM   474  C CD2 . LEU A 1 61  ? -4.928  -4.256  -16.530 1.00 49.34 ? 2791 LEU A CD2 1 
ATOM   475  N N   . ARG A 1 62  ? -0.755  -2.082  -19.098 1.00 49.39 ? 2792 ARG A N   1 
ATOM   476  C CA  . ARG A 1 62  ? 0.469   -2.195  -19.890 1.00 49.55 ? 2792 ARG A CA  1 
ATOM   477  C C   . ARG A 1 62  ? 1.671   -2.398  -18.943 1.00 49.32 ? 2792 ARG A C   1 
ATOM   478  O O   . ARG A 1 62  ? 1.520   -2.239  -17.727 1.00 49.07 ? 2792 ARG A O   1 
ATOM   479  C CB  . ARG A 1 62  ? 0.647   -0.974  -20.809 1.00 49.75 ? 2792 ARG A CB  1 
ATOM   480  C CG  . ARG A 1 62  ? 0.795   0.358   -20.107 1.00 50.56 ? 2792 ARG A CG  1 
ATOM   481  C CD  . ARG A 1 62  ? 0.822   1.470   -21.116 1.00 51.68 ? 2792 ARG A CD  1 
ATOM   482  N NE  . ARG A 1 62  ? 0.376   2.741   -20.558 1.00 51.51 ? 2792 ARG A NE  1 
ATOM   483  C CZ  . ARG A 1 62  ? 1.190   3.718   -20.174 1.00 53.71 ? 2792 ARG A CZ  1 
ATOM   484  N NH1 . ARG A 1 62  ? 2.507   3.573   -20.270 1.00 55.24 ? 2792 ARG A NH1 1 
ATOM   485  N NH2 . ARG A 1 62  ? 0.690   4.847   -19.683 1.00 54.39 ? 2792 ARG A NH2 1 
ATOM   486  N N   . PRO A 1 63  ? 2.853   -2.782  -19.478 1.00 49.33 ? 2793 PRO A N   1 
ATOM   487  C CA  . PRO A 1 63  ? 3.985   -3.045  -18.571 1.00 49.35 ? 2793 PRO A CA  1 
ATOM   488  C C   . PRO A 1 63  ? 4.418   -1.820  -17.776 1.00 49.38 ? 2793 PRO A C   1 
ATOM   489  O O   . PRO A 1 63  ? 4.454   -0.709  -18.321 1.00 49.12 ? 2793 PRO A O   1 
ATOM   490  C CB  . PRO A 1 63  ? 5.095   -3.488  -19.522 1.00 49.76 ? 2793 PRO A CB  1 
ATOM   491  C CG  . PRO A 1 63  ? 4.349   -4.074  -20.708 1.00 49.11 ? 2793 PRO A CG  1 
ATOM   492  C CD  . PRO A 1 63  ? 3.164   -3.180  -20.867 1.00 49.13 ? 2793 PRO A CD  1 
ATOM   493  N N   . TYR A 1 64  ? 4.722   -2.034  -16.495 1.00 49.26 ? 2794 TYR A N   1 
ATOM   494  C CA  . TYR A 1 64  ? 5.201   -0.980  -15.592 1.00 49.44 ? 2794 TYR A CA  1 
ATOM   495  C C   . TYR A 1 64  ? 6.410   -0.239  -16.154 1.00 50.05 ? 2794 TYR A C   1 
ATOM   496  O O   . TYR A 1 64  ? 6.541   0.968   -15.953 1.00 50.27 ? 2794 TYR A O   1 
ATOM   497  C CB  . TYR A 1 64  ? 5.537   -1.556  -14.219 1.00 49.01 ? 2794 TYR A CB  1 
ATOM   498  C CG  . TYR A 1 64  ? 5.992   -0.537  -13.193 1.00 47.61 ? 2794 TYR A CG  1 
ATOM   499  C CD1 . TYR A 1 64  ? 5.069   0.109   -12.356 1.00 45.55 ? 2794 TYR A CD1 1 
ATOM   500  C CD2 . TYR A 1 64  ? 7.349   -0.231  -13.043 1.00 45.11 ? 2794 TYR A CD2 1 
ATOM   501  C CE1 . TYR A 1 64  ? 5.494   1.043   -11.406 1.00 44.52 ? 2794 TYR A CE1 1 
ATOM   502  C CE2 . TYR A 1 64  ? 7.781   0.694   -12.106 1.00 44.02 ? 2794 TYR A CE2 1 
ATOM   503  C CZ  . TYR A 1 64  ? 6.850   1.328   -11.284 1.00 44.78 ? 2794 TYR A CZ  1 
ATOM   504  O OH  . TYR A 1 64  ? 7.287   2.253   -10.345 1.00 43.52 ? 2794 TYR A OH  1 
ATOM   505  N N   . LYS A 1 65  ? 7.285   -0.962  -16.856 1.00 50.75 ? 2795 LYS A N   1 
ATOM   506  C CA  . LYS A 1 65  ? 8.442   -0.359  -17.532 1.00 51.28 ? 2795 LYS A CA  1 
ATOM   507  C C   . LYS A 1 65  ? 8.037   0.671   -18.604 1.00 51.75 ? 2795 LYS A C   1 
ATOM   508  O O   . LYS A 1 65  ? 8.762   1.643   -18.830 1.00 52.14 ? 2795 LYS A O   1 
ATOM   509  C CB  . LYS A 1 65  ? 9.363   -1.442  -18.121 1.00 51.12 ? 2795 LYS A CB  1 
ATOM   510  N N   . THR A 1 66  ? 6.881   0.475   -19.248 1.00 51.92 ? 2796 THR A N   1 
ATOM   511  C CA  . THR A 1 66  ? 6.385   1.431   -20.264 1.00 51.67 ? 2796 THR A CA  1 
ATOM   512  C C   . THR A 1 66  ? 5.780   2.723   -19.675 1.00 51.38 ? 2796 THR A C   1 
ATOM   513  O O   . THR A 1 66  ? 5.356   3.607   -20.430 1.00 51.52 ? 2796 THR A O   1 
ATOM   514  C CB  . THR A 1 66  ? 5.329   0.792   -21.235 1.00 52.07 ? 2796 THR A CB  1 
ATOM   515  O OG1 . THR A 1 66  ? 4.094   0.547   -20.546 1.00 52.67 ? 2796 THR A OG1 1 
ATOM   516  C CG2 . THR A 1 66  ? 5.832   -0.512  -21.843 1.00 52.46 ? 2796 THR A CG2 1 
ATOM   517  N N   . PHE A 1 67  ? 5.735   2.832   -18.344 1.00 50.69 ? 2797 PHE A N   1 
ATOM   518  C CA  . PHE A 1 67  ? 5.121   3.987   -17.676 1.00 50.06 ? 2797 PHE A CA  1 
ATOM   519  C C   . PHE A 1 67  ? 6.047   5.195   -17.668 1.00 49.72 ? 2797 PHE A C   1 
ATOM   520  O O   . PHE A 1 67  ? 7.274   5.052   -17.638 1.00 49.87 ? 2797 PHE A O   1 
ATOM   521  C CB  . PHE A 1 67  ? 4.757   3.660   -16.213 1.00 50.16 ? 2797 PHE A CB  1 
ATOM   522  C CG  . PHE A 1 67  ? 3.501   2.821   -16.032 1.00 50.30 ? 2797 PHE A CG  1 
ATOM   523  C CD1 . PHE A 1 67  ? 3.122   2.404   -14.750 1.00 49.86 ? 2797 PHE A CD1 1 
ATOM   524  C CD2 . PHE A 1 67  ? 2.711   2.440   -17.106 1.00 50.66 ? 2797 PHE A CD2 1 
ATOM   525  C CE1 . PHE A 1 67  ? 1.982   1.646   -14.540 1.00 48.88 ? 2797 PHE A CE1 1 
ATOM   526  C CE2 . PHE A 1 67  ? 1.567   1.661   -16.905 1.00 50.61 ? 2797 PHE A CE2 1 
ATOM   527  C CZ  . PHE A 1 67  ? 1.202   1.268   -15.611 1.00 49.52 ? 2797 PHE A CZ  1 
ATOM   528  N N   . SER A 1 68  ? 5.454   6.386   -17.674 1.00 49.47 ? 2798 SER A N   1 
ATOM   529  C CA  . SER A 1 68  ? 6.178   7.637   -17.396 1.00 48.75 ? 2798 SER A CA  1 
ATOM   530  C C   . SER A 1 68  ? 6.479   7.692   -15.903 1.00 48.55 ? 2798 SER A C   1 
ATOM   531  O O   . SER A 1 68  ? 6.197   6.746   -15.183 1.00 48.70 ? 2798 SER A O   1 
ATOM   532  C CB  . SER A 1 68  ? 5.307   8.837   -17.769 1.00 48.86 ? 2798 SER A CB  1 
ATOM   533  O OG  . SER A 1 68  ? 4.081   8.805   -17.049 1.00 47.75 ? 2798 SER A OG  1 
ATOM   534  N N   . GLU A 1 69  ? 7.035   8.799   -15.431 1.00 48.41 ? 2799 GLU A N   1 
ATOM   535  C CA  . GLU A 1 69  ? 7.338   8.936   -14.013 1.00 48.25 ? 2799 GLU A CA  1 
ATOM   536  C C   . GLU A 1 69  ? 6.088   9.297   -13.218 1.00 47.45 ? 2799 GLU A C   1 
ATOM   537  O O   . GLU A 1 69  ? 5.997   8.982   -12.031 1.00 47.32 ? 2799 GLU A O   1 
ATOM   538  C CB  . GLU A 1 69  ? 8.452   9.967   -13.780 1.00 48.36 ? 2799 GLU A CB  1 
ATOM   539  C CG  . GLU A 1 69  ? 9.824   9.520   -14.315 1.00 49.98 ? 2799 GLU A CG  1 
ATOM   540  C CD  . GLU A 1 69  ? 10.327  8.250   -13.657 1.00 51.23 ? 2799 GLU A CD  1 
ATOM   541  O OE1 . GLU A 1 69  ? 10.839  7.372   -14.374 1.00 52.93 ? 2799 GLU A OE1 1 
ATOM   542  O OE2 . GLU A 1 69  ? 10.207  8.125   -12.422 1.00 52.77 ? 2799 GLU A OE2 1 
ATOM   543  N N   . LYS A 1 70  ? 5.145   9.966   -13.876 1.00 46.28 ? 2800 LYS A N   1 
ATOM   544  C CA  . LYS A 1 70  ? 3.882   10.355  -13.259 1.00 45.54 ? 2800 LYS A CA  1 
ATOM   545  C C   . LYS A 1 70  ? 3.009   9.130   -12.980 1.00 45.13 ? 2800 LYS A C   1 
ATOM   546  O O   . LYS A 1 70  ? 2.397   9.014   -11.898 1.00 45.20 ? 2800 LYS A O   1 
ATOM   547  C CB  . LYS A 1 70  ? 3.132   11.357  -14.144 1.00 45.22 ? 2800 LYS A CB  1 
ATOM   548  N N   . ASP A 1 71  ? 2.949   8.238   -13.966 1.00 43.98 ? 2801 ASP A N   1 
ATOM   549  C CA  . ASP A 1 71  ? 2.202   6.992   -13.867 1.00 43.46 ? 2801 ASP A CA  1 
ATOM   550  C C   . ASP A 1 71  ? 2.838   6.058   -12.838 1.00 42.63 ? 2801 ASP A C   1 
ATOM   551  O O   . ASP A 1 71  ? 2.129   5.467   -12.025 1.00 42.64 ? 2801 ASP A O   1 
ATOM   552  C CB  . ASP A 1 71  ? 2.121   6.301   -15.228 1.00 43.87 ? 2801 ASP A CB  1 
ATOM   553  C CG  . ASP A 1 71  ? 1.194   7.015   -16.198 1.00 44.49 ? 2801 ASP A CG  1 
ATOM   554  O OD1 . ASP A 1 71  ? 0.438   7.919   -15.772 1.00 47.48 ? 2801 ASP A OD1 1 
ATOM   555  O OD2 . ASP A 1 71  ? 1.225   6.665   -17.388 1.00 44.17 ? 2801 ASP A OD2 1 
ATOM   556  N N   . LYS A 1 72  ? 4.166   5.943   -12.869 1.00 41.13 ? 2802 LYS A N   1 
ATOM   557  C CA  . LYS A 1 72  ? 4.892   5.209   -11.832 1.00 40.17 ? 2802 LYS A CA  1 
ATOM   558  C C   . LYS A 1 72  ? 4.544   5.745   -10.447 1.00 39.08 ? 2802 LYS A C   1 
ATOM   559  O O   . LYS A 1 72  ? 4.292   4.982   -9.529  1.00 38.45 ? 2802 LYS A O   1 
ATOM   560  C CB  . LYS A 1 72  ? 6.399   5.259   -12.069 1.00 39.66 ? 2802 LYS A CB  1 
ATOM   561  C CG  . LYS A 1 72  ? 6.849   4.350   -13.178 1.00 40.07 ? 2802 LYS A CG  1 
ATOM   562  C CD  . LYS A 1 72  ? 8.293   4.579   -13.515 1.00 41.28 ? 2802 LYS A CD  1 
ATOM   563  C CE  . LYS A 1 72  ? 8.762   3.605   -14.576 1.00 41.66 ? 2802 LYS A CE  1 
ATOM   564  N NZ  . LYS A 1 72  ? 10.203  3.790   -14.872 1.00 42.29 ? 2802 LYS A NZ  1 
ATOM   565  N N   . GLU A 1 73  ? 4.488   7.065   -10.327 1.00 38.34 ? 2803 GLU A N   1 
ATOM   566  C CA  . GLU A 1 73  ? 4.222   7.720   -9.050  1.00 38.09 ? 2803 GLU A CA  1 
ATOM   567  C C   . GLU A 1 73  ? 2.869   7.340   -8.416  1.00 37.74 ? 2803 GLU A C   1 
ATOM   568  O O   . GLU A 1 73  ? 2.705   7.400   -7.188  1.00 37.55 ? 2803 GLU A O   1 
ATOM   569  C CB  . GLU A 1 73  ? 4.375   9.229   -9.208  1.00 38.66 ? 2803 GLU A CB  1 
ATOM   570  C CG  . GLU A 1 73  ? 4.748   9.967   -7.945  1.00 39.38 ? 2803 GLU A CG  1 
ATOM   571  C CD  . GLU A 1 73  ? 6.027   9.458   -7.261  1.00 39.13 ? 2803 GLU A CD  1 
ATOM   572  O OE1 . GLU A 1 73  ? 6.100   9.663   -6.042  1.00 38.73 ? 2803 GLU A OE1 1 
ATOM   573  O OE2 . GLU A 1 73  ? 6.943   8.875   -7.905  1.00 40.08 ? 2803 GLU A OE2 1 
ATOM   574  N N   . ILE A 1 74  ? 1.919   6.912   -9.243  1.00 36.97 ? 2804 ILE A N   1 
ATOM   575  C CA  . ILE A 1 74  ? 0.657   6.373   -8.739  1.00 36.69 ? 2804 ILE A CA  1 
ATOM   576  C C   . ILE A 1 74  ? 0.864   5.188   -7.777  1.00 35.83 ? 2804 ILE A C   1 
ATOM   577  O O   . ILE A 1 74  ? 0.142   5.043   -6.788  1.00 35.37 ? 2804 ILE A O   1 
ATOM   578  C CB  . ILE A 1 74  ? -0.308  6.015   -9.905  1.00 36.99 ? 2804 ILE A CB  1 
ATOM   579  C CG1 . ILE A 1 74  ? -0.721  7.313   -10.643 1.00 39.26 ? 2804 ILE A CG1 1 
ATOM   580  C CG2 . ILE A 1 74  ? -1.516  5.236   -9.391  1.00 36.11 ? 2804 ILE A CG2 1 
ATOM   581  C CD1 . ILE A 1 74  ? -1.796  7.148   -11.709 1.00 39.75 ? 2804 ILE A CD1 1 
ATOM   582  N N   . TYR A 1 75  ? 1.866   4.361   -8.067  1.00 35.28 ? 2805 TYR A N   1 
ATOM   583  C CA  . TYR A 1 75  ? 2.178   3.215   -7.236  1.00 34.80 ? 2805 TYR A CA  1 
ATOM   584  C C   . TYR A 1 75  ? 3.231   3.506   -6.168  1.00 34.15 ? 2805 TYR A C   1 
ATOM   585  O O   . TYR A 1 75  ? 3.168   2.932   -5.071  1.00 33.40 ? 2805 TYR A O   1 
ATOM   586  C CB  . TYR A 1 75  ? 2.585   2.033   -8.116  1.00 35.77 ? 2805 TYR A CB  1 
ATOM   587  C CG  . TYR A 1 75  ? 1.493   1.701   -9.102  1.00 38.47 ? 2805 TYR A CG  1 
ATOM   588  C CD1 . TYR A 1 75  ? 0.387   0.951   -8.704  1.00 40.30 ? 2805 TYR A CD1 1 
ATOM   589  C CD2 . TYR A 1 75  ? 1.532   2.191   -10.421 1.00 40.72 ? 2805 TYR A CD2 1 
ATOM   590  C CE1 . TYR A 1 75  ? -0.653  0.661   -9.591  1.00 43.74 ? 2805 TYR A CE1 1 
ATOM   591  C CE2 . TYR A 1 75  ? 0.487   1.908   -11.319 1.00 43.32 ? 2805 TYR A CE2 1 
ATOM   592  C CZ  . TYR A 1 75  ? -0.603  1.143   -10.888 1.00 44.42 ? 2805 TYR A CZ  1 
ATOM   593  O OH  . TYR A 1 75  ? -1.645  0.843   -11.743 1.00 48.72 ? 2805 TYR A OH  1 
ATOM   594  N N   . ARG A 1 76  ? 4.189   4.378   -6.494  1.00 32.86 ? 2806 ARG A N   1 
ATOM   595  C CA  . ARG A 1 76  ? 5.307   4.685   -5.599  1.00 33.09 ? 2806 ARG A CA  1 
ATOM   596  C C   . ARG A 1 76  ? 4.899   5.575   -4.404  1.00 33.12 ? 2806 ARG A C   1 
ATOM   597  O O   . ARG A 1 76  ? 5.433   5.386   -3.308  1.00 32.96 ? 2806 ARG A O   1 
ATOM   598  C CB  . ARG A 1 76  ? 6.478   5.339   -6.355  1.00 32.67 ? 2806 ARG A CB  1 
ATOM   599  C CG  . ARG A 1 76  ? 7.195   4.399   -7.348  1.00 33.92 ? 2806 ARG A CG  1 
ATOM   600  C CD  . ARG A 1 76  ? 8.511   4.982   -7.890  1.00 35.18 ? 2806 ARG A CD  1 
ATOM   601  N NE  . ARG A 1 76  ? 8.300   6.254   -8.572  1.00 37.77 ? 2806 ARG A NE  1 
ATOM   602  C CZ  . ARG A 1 76  ? 8.927   6.635   -9.688  1.00 40.73 ? 2806 ARG A CZ  1 
ATOM   603  N NH1 . ARG A 1 76  ? 9.811   5.828   -10.276 1.00 37.91 ? 2806 ARG A NH1 1 
ATOM   604  N NH2 . ARG A 1 76  ? 8.660   7.840   -10.220 1.00 40.35 ? 2806 ARG A NH2 1 
ATOM   605  N N   . TRP A 1 77  ? 3.971   6.522   -4.622  1.00 32.65 ? 2807 TRP A N   1 
ATOM   606  C CA  A TRP A 1 77  ? 3.531   7.447   -3.568  0.50 33.12 ? 2807 TRP A CA  1 
ATOM   607  C CA  B TRP A 1 77  ? 3.575   7.445   -3.554  0.50 33.51 ? 2807 TRP A CA  1 
ATOM   608  C C   . TRP A 1 77  ? 3.024   6.727   -2.308  1.00 32.58 ? 2807 TRP A C   1 
ATOM   609  O O   . TRP A 1 77  ? 3.542   6.943   -1.238  1.00 32.43 ? 2807 TRP A O   1 
ATOM   610  C CB  A TRP A 1 77  ? 2.485   8.463   -4.080  0.50 32.86 ? 2807 TRP A CB  1 
ATOM   611  C CB  B TRP A 1 77  ? 2.650   8.575   -4.058  0.50 33.69 ? 2807 TRP A CB  1 
ATOM   612  C CG  A TRP A 1 77  ? 1.996   9.366   -2.969  0.50 34.25 ? 2807 TRP A CG  1 
ATOM   613  C CG  B TRP A 1 77  ? 2.549   9.766   -3.098  0.50 36.45 ? 2807 TRP A CG  1 
ATOM   614  C CD1 A TRP A 1 77  ? 2.677   10.411  -2.400  0.50 33.54 ? 2807 TRP A CD1 1 
ATOM   615  C CD1 B TRP A 1 77  ? 1.451   10.132  -2.365  0.50 37.90 ? 2807 TRP A CD1 1 
ATOM   616  C CD2 A TRP A 1 77  ? 0.742   9.277   -2.272  0.50 33.51 ? 2807 TRP A CD2 1 
ATOM   617  C CD2 B TRP A 1 77  ? 3.582   10.713  -2.766  0.50 38.04 ? 2807 TRP A CD2 1 
ATOM   618  N NE1 A TRP A 1 77  ? 1.916   10.978  -1.401  0.50 35.79 ? 2807 TRP A NE1 1 
ATOM   619  N NE1 B TRP A 1 77  ? 1.735   11.250  -1.615  0.50 39.90 ? 2807 TRP A NE1 1 
ATOM   620  C CE2 A TRP A 1 77  ? 0.726   10.303  -1.305  0.50 34.70 ? 2807 TRP A CE2 1 
ATOM   621  C CE2 B TRP A 1 77  ? 3.034   11.624  -1.843  0.50 39.32 ? 2807 TRP A CE2 1 
ATOM   622  C CE3 A TRP A 1 77  ? -0.373  8.440   -2.384  0.50 34.84 ? 2807 TRP A CE3 1 
ATOM   623  C CE3 B TRP A 1 77  ? 4.915   10.880  -3.165  0.50 40.40 ? 2807 TRP A CE3 1 
ATOM   624  C CZ2 A TRP A 1 77  ? -0.359  10.513  -0.452  0.50 34.99 ? 2807 TRP A CZ2 1 
ATOM   625  C CZ2 B TRP A 1 77  ? 3.772   12.687  -1.310  0.50 40.66 ? 2807 TRP A CZ2 1 
ATOM   626  C CZ3 A TRP A 1 77  ? -1.453  8.649   -1.533  0.50 35.98 ? 2807 TRP A CZ3 1 
ATOM   627  C CZ3 B TRP A 1 77  ? 5.643   11.943  -2.645  0.50 40.83 ? 2807 TRP A CZ3 1 
ATOM   628  C CH2 A TRP A 1 77  ? -1.434  9.676   -0.580  0.50 35.74 ? 2807 TRP A CH2 1 
ATOM   629  C CH2 B TRP A 1 77  ? 5.072   12.830  -1.723  0.50 40.86 ? 2807 TRP A CH2 1 
ATOM   630  N N   . PRO A 1 78  ? 1.992   5.851   -2.445  1.00 32.64 ? 2808 PRO A N   1 
ATOM   631  C CA  . PRO A 1 78  ? 1.497   5.183   -1.220  1.00 32.40 ? 2808 PRO A CA  1 
ATOM   632  C C   . PRO A 1 78  ? 2.562   4.374   -0.458  1.00 31.91 ? 2808 PRO A C   1 
ATOM   633  O O   . PRO A 1 78  ? 2.512   4.313   0.762   1.00 32.07 ? 2808 PRO A O   1 
ATOM   634  C CB  . PRO A 1 78  ? 0.419   4.232   -1.748  1.00 32.01 ? 2808 PRO A CB  1 
ATOM   635  C CG  . PRO A 1 78  ? 0.015   4.803   -3.018  1.00 32.98 ? 2808 PRO A CG  1 
ATOM   636  C CD  . PRO A 1 78  ? 1.233   5.396   -3.626  1.00 32.40 ? 2808 PRO A CD  1 
ATOM   637  N N   . ILE A 1 79  ? 3.512   3.788   -1.190  1.00 31.50 ? 2809 ILE A N   1 
ATOM   638  C CA  . ILE A 1 79  ? 4.618   3.006   -0.617  1.00 31.16 ? 2809 ILE A CA  1 
ATOM   639  C C   . ILE A 1 79  ? 5.585   3.950   0.110   1.00 30.91 ? 2809 ILE A C   1 
ATOM   640  O O   . ILE A 1 79  ? 5.975   3.699   1.258   1.00 30.49 ? 2809 ILE A O   1 
ATOM   641  C CB  . ILE A 1 79  ? 5.330   2.166   -1.729  1.00 31.46 ? 2809 ILE A CB  1 
ATOM   642  C CG1 . ILE A 1 79  ? 4.362   1.115   -2.312  1.00 31.60 ? 2809 ILE A CG1 1 
ATOM   643  C CG2 . ILE A 1 79  ? 6.618   1.524   -1.231  1.00 32.63 ? 2809 ILE A CG2 1 
ATOM   644  C CD1 . ILE A 1 79  ? 4.786   0.581   -3.686  1.00 32.32 ? 2809 ILE A CD1 1 
ATOM   645  N N   . LYS A 1 80  ? 5.936   5.057   -0.529  1.00 30.03 ? 2810 LYS A N   1 
ATOM   646  C CA  . LYS A 1 80  ? 6.698   6.067   0.165   1.00 30.33 ? 2810 LYS A CA  1 
ATOM   647  C C   . LYS A 1 80  ? 5.979   6.498   1.442   1.00 29.62 ? 2810 LYS A C   1 
ATOM   648  O O   . LYS A 1 80  ? 6.629   6.683   2.471   1.00 28.92 ? 2810 LYS A O   1 
ATOM   649  C CB  . LYS A 1 80  ? 7.008   7.271   -0.727  1.00 30.37 ? 2810 LYS A CB  1 
ATOM   650  C CG  . LYS A 1 80  ? 8.166   7.005   -1.673  1.00 32.77 ? 2810 LYS A CG  1 
ATOM   651  C CD  . LYS A 1 80  ? 8.563   8.267   -2.417  1.00 33.29 ? 2810 LYS A CD  1 
ATOM   652  C CE  . LYS A 1 80  ? 7.749   8.403   -3.669  1.00 34.11 ? 2810 LYS A CE  1 
ATOM   653  N NZ  . LYS A 1 80  ? 7.884   9.811   -4.172  1.00 36.29 ? 2810 LYS A NZ  1 
ATOM   654  N N   . GLU A 1 81  ? 4.649   6.617   1.389   1.00 29.02 ? 2811 GLU A N   1 
ATOM   655  C CA  . GLU A 1 81  ? 3.898   7.047   2.585   1.00 29.19 ? 2811 GLU A CA  1 
ATOM   656  C C   . GLU A 1 81  ? 3.980   6.037   3.731   1.00 28.38 ? 2811 GLU A C   1 
ATOM   657  O O   . GLU A 1 81  ? 4.149   6.426   4.884   1.00 28.61 ? 2811 GLU A O   1 
ATOM   658  C CB  . GLU A 1 81  ? 2.446   7.421   2.265   1.00 28.59 ? 2811 GLU A CB  1 
ATOM   659  C CG  . GLU A 1 81  ? 2.342   8.703   1.461   1.00 31.24 ? 2811 GLU A CG  1 
ATOM   660  C CD  . GLU A 1 81  ? 2.753   9.928   2.246   1.00 34.20 ? 2811 GLU A CD  1 
ATOM   661  O OE1 . GLU A 1 81  ? 2.062   10.254  3.231   1.00 38.51 ? 2811 GLU A OE1 1 
ATOM   662  O OE2 . GLU A 1 81  ? 3.766   10.571  1.891   1.00 35.67 ? 2811 GLU A OE2 1 
ATOM   663  N N   . SER A 1 82  ? 3.875   4.759   3.379   1.00 28.30 ? 2812 SER A N   1 
ATOM   664  C CA  . SER A 1 82  ? 4.095   3.629   4.292   1.00 28.52 ? 2812 SER A CA  1 
ATOM   665  C C   . SER A 1 82  ? 5.480   3.639   4.945   1.00 27.29 ? 2812 SER A C   1 
ATOM   666  O O   . SER A 1 82  ? 5.600   3.578   6.161   1.00 27.32 ? 2812 SER A O   1 
ATOM   667  C CB  . SER A 1 82  ? 3.873   2.310   3.543   1.00 27.73 ? 2812 SER A CB  1 
ATOM   668  O OG  . SER A 1 82  ? 2.513   2.235   3.124   1.00 31.19 ? 2812 SER A OG  1 
ATOM   669  N N   . LEU A 1 83  ? 6.505   3.720   4.120   1.00 26.18 ? 2813 LEU A N   1 
ATOM   670  C CA  . LEU A 1 83  ? 7.890   3.737   4.583   1.00 26.38 ? 2813 LEU A CA  1 
ATOM   671  C C   . LEU A 1 83  ? 8.189   4.972   5.467   1.00 26.72 ? 2813 LEU A C   1 
ATOM   672  O O   . LEU A 1 83  ? 8.823   4.834   6.514   1.00 26.93 ? 2813 LEU A O   1 
ATOM   673  C CB  . LEU A 1 83  ? 8.849   3.641   3.381   1.00 25.32 ? 2813 LEU A CB  1 
ATOM   674  C CG  . LEU A 1 83  ? 8.743   2.308   2.603   1.00 25.67 ? 2813 LEU A CG  1 
ATOM   675  C CD1 . LEU A 1 83  ? 9.429   2.362   1.262   1.00 23.78 ? 2813 LEU A CD1 1 
ATOM   676  C CD2 . LEU A 1 83  ? 9.273   1.097   3.378   1.00 22.54 ? 2813 LEU A CD2 1 
ATOM   677  N N   . LYS A 1 84  ? 7.718   6.155   5.058   1.00 26.49 ? 2814 LYS A N   1 
ATOM   678  C CA  . LYS A 1 84  ? 7.830   7.367   5.890   1.00 27.80 ? 2814 LYS A CA  1 
ATOM   679  C C   . LYS A 1 84  ? 7.259   7.204   7.316   1.00 27.77 ? 2814 LYS A C   1 
ATOM   680  O O   . LYS A 1 84  ? 7.883   7.620   8.294   1.00 27.77 ? 2814 LYS A O   1 
ATOM   681  C CB  . LYS A 1 84  ? 7.238   8.584   5.160   1.00 27.84 ? 2814 LYS A CB  1 
ATOM   682  C CG  . LYS A 1 84  ? 8.176   9.126   4.049   1.00 29.99 ? 2814 LYS A CG  1 
ATOM   683  C CD  . LYS A 1 84  ? 7.541   10.144  3.058   1.00 31.87 ? 2814 LYS A CD  1 
ATOM   684  C CE  . LYS A 1 84  ? 8.641   10.708  2.118   1.00 35.13 ? 2814 LYS A CE  1 
ATOM   685  N NZ  . LYS A 1 84  ? 8.219   11.513  0.895   1.00 34.18 ? 2814 LYS A NZ  1 
ATOM   686  N N   . ALA A 1 85  ? 6.101   6.558   7.425   1.00 27.81 ? 2815 ALA A N   1 
ATOM   687  C CA  . ALA A 1 85  ? 5.493   6.240   8.720   1.00 27.69 ? 2815 ALA A CA  1 
ATOM   688  C C   . ALA A 1 85  ? 6.342   5.267   9.549   1.00 27.75 ? 2815 ALA A C   1 
ATOM   689  O O   . ALA A 1 85  ? 6.482   5.427   10.760  1.00 27.23 ? 2815 ALA A O   1 
ATOM   690  C CB  . ALA A 1 85  ? 4.049   5.669   8.506   1.00 27.36 ? 2815 ALA A CB  1 
ATOM   691  N N   . MET A 1 86  ? 6.893   4.241   8.901   1.00 28.09 ? 2816 MET A N   1 
ATOM   692  C CA  . MET A 1 86  ? 7.764   3.293   9.589   1.00 27.64 ? 2816 MET A CA  1 
ATOM   693  C C   . MET A 1 86  ? 8.972   4.021   10.184  1.00 28.87 ? 2816 MET A C   1 
ATOM   694  O O   . MET A 1 86  ? 9.263   3.906   11.411  1.00 28.00 ? 2816 MET A O   1 
ATOM   695  C CB  . MET A 1 86  ? 8.176   2.165   8.623   1.00 27.96 ? 2816 MET A CB  1 
ATOM   696  C CG  . MET A 1 86  ? 6.959   1.292   8.182   1.00 25.34 ? 2816 MET A CG  1 
ATOM   697  S SD  . MET A 1 86  ? 7.284   0.196   6.814   1.00 27.17 ? 2816 MET A SD  1 
ATOM   698  C CE  . MET A 1 86  ? 8.375   -1.000  7.605   1.00 21.25 ? 2816 MET A CE  1 
ATOM   699  N N   . ILE A 1 87  ? 9.645   4.795   9.317   1.00 28.88 ? 2817 ILE A N   1 
ATOM   700  C CA  . ILE A 1 87  ? 10.766  5.652   9.704   1.00 29.50 ? 2817 ILE A CA  1 
ATOM   701  C C   . ILE A 1 87  ? 10.380  6.625   10.838  1.00 29.61 ? 2817 ILE A C   1 
ATOM   702  O O   . ILE A 1 87  ? 11.094  6.761   11.835  1.00 29.22 ? 2817 ILE A O   1 
ATOM   703  C CB  . ILE A 1 87  ? 11.378  6.355   8.449   1.00 29.64 ? 2817 ILE A CB  1 
ATOM   704  C CG1 . ILE A 1 87  ? 12.012  5.282   7.535   1.00 30.07 ? 2817 ILE A CG1 1 
ATOM   705  C CG2 . ILE A 1 87  ? 12.410  7.398   8.858   1.00 29.28 ? 2817 ILE A CG2 1 
ATOM   706  C CD1 . ILE A 1 87  ? 12.238  5.693   6.098   1.00 30.86 ? 2817 ILE A CD1 1 
ATOM   707  N N   . ALA A 1 88  ? 9.215   7.255   10.717  1.00 29.95 ? 2818 ALA A N   1 
ATOM   708  C CA  . ALA A 1 88  ? 8.785   8.218   11.739  1.00 29.47 ? 2818 ALA A CA  1 
ATOM   709  C C   . ALA A 1 88  ? 8.588   7.505   13.080  1.00 29.39 ? 2818 ALA A C   1 
ATOM   710  O O   . ALA A 1 88  ? 8.841   8.080   14.133  1.00 29.18 ? 2818 ALA A O   1 
ATOM   711  C CB  . ALA A 1 88  ? 7.516   8.945   11.299  1.00 29.04 ? 2818 ALA A CB  1 
ATOM   712  N N   . TRP A 1 89  ? 8.154   6.247   13.026  1.00 29.71 ? 2819 TRP A N   1 
ATOM   713  C CA  . TRP A 1 89  ? 8.014   5.415   14.220  1.00 29.55 ? 2819 TRP A CA  1 
ATOM   714  C C   . TRP A 1 89  ? 9.370   4.865   14.714  1.00 29.82 ? 2819 TRP A C   1 
ATOM   715  O O   . TRP A 1 89  ? 9.434   4.159   15.717  1.00 29.07 ? 2819 TRP A O   1 
ATOM   716  C CB  . TRP A 1 89  ? 7.025   4.267   13.970  1.00 28.85 ? 2819 TRP A CB  1 
ATOM   717  C CG  . TRP A 1 89  ? 5.580   4.702   13.792  1.00 28.92 ? 2819 TRP A CG  1 
ATOM   718  C CD1 . TRP A 1 89  ? 4.963   5.763   14.387  1.00 26.93 ? 2819 TRP A CD1 1 
ATOM   719  C CD2 . TRP A 1 89  ? 4.577   4.067   12.966  1.00 27.34 ? 2819 TRP A CD2 1 
ATOM   720  N NE1 . TRP A 1 89  ? 3.660   5.845   13.968  1.00 24.07 ? 2819 TRP A NE1 1 
ATOM   721  C CE2 . TRP A 1 89  ? 3.388   4.809   13.115  1.00 25.91 ? 2819 TRP A CE2 1 
ATOM   722  C CE3 . TRP A 1 89  ? 4.579   2.947   12.113  1.00 28.88 ? 2819 TRP A CE3 1 
ATOM   723  C CZ2 . TRP A 1 89  ? 2.193   4.471   12.450  1.00 24.85 ? 2819 TRP A CZ2 1 
ATOM   724  C CZ3 . TRP A 1 89  ? 3.388   2.605   11.451  1.00 27.16 ? 2819 TRP A CZ3 1 
ATOM   725  C CH2 . TRP A 1 89  ? 2.213   3.386   11.619  1.00 25.32 ? 2819 TRP A CH2 1 
ATOM   726  N N   . GLU A 1 90  ? 10.434  5.179   13.977  1.00 30.81 ? 2820 GLU A N   1 
ATOM   727  C CA  . GLU A 1 90  ? 11.807  4.782   14.323  1.00 31.99 ? 2820 GLU A CA  1 
ATOM   728  C C   . GLU A 1 90  ? 12.040  3.269   14.253  1.00 32.16 ? 2820 GLU A C   1 
ATOM   729  O O   . GLU A 1 90  ? 12.830  2.702   15.021  1.00 32.66 ? 2820 GLU A O   1 
ATOM   730  C CB  . GLU A 1 90  ? 12.231  5.382   15.670  1.00 32.31 ? 2820 GLU A CB  1 
ATOM   731  C CG  . GLU A 1 90  ? 12.360  6.907   15.608  1.00 35.53 ? 2820 GLU A CG  1 
ATOM   732  C CD  . GLU A 1 90  ? 12.643  7.559   16.973  1.00 42.49 ? 2820 GLU A CD  1 
ATOM   733  O OE1 . GLU A 1 90  ? 12.889  6.843   17.972  1.00 45.08 ? 2820 GLU A OE1 1 
ATOM   734  O OE2 . GLU A 1 90  ? 12.604  8.804   17.040  1.00 45.94 ? 2820 GLU A OE2 1 
ATOM   735  N N   . TRP A 1 91  ? 11.327  2.633   13.329  1.00 31.66 ? 2821 TRP A N   1 
ATOM   736  C CA  . TRP A 1 91  ? 11.567  1.263   12.955  1.00 31.72 ? 2821 TRP A CA  1 
ATOM   737  C C   . TRP A 1 91  ? 12.837  1.240   12.117  1.00 32.47 ? 2821 TRP A C   1 
ATOM   738  O O   . TRP A 1 91  ? 13.168  2.232   11.452  1.00 32.27 ? 2821 TRP A O   1 
ATOM   739  C CB  . TRP A 1 91  ? 10.370  0.711   12.159  1.00 30.39 ? 2821 TRP A CB  1 
ATOM   740  C CG  . TRP A 1 91  ? 9.098   0.615   12.990  1.00 29.91 ? 2821 TRP A CG  1 
ATOM   741  C CD1 . TRP A 1 91  ? 8.935   0.993   14.308  1.00 28.86 ? 2821 TRP A CD1 1 
ATOM   742  C CD2 . TRP A 1 91  ? 7.812   0.140   12.556  1.00 28.66 ? 2821 TRP A CD2 1 
ATOM   743  N NE1 . TRP A 1 91  ? 7.638   0.774   14.702  1.00 28.76 ? 2821 TRP A NE1 1 
ATOM   744  C CE2 . TRP A 1 91  ? 6.931   0.260   13.646  1.00 26.87 ? 2821 TRP A CE2 1 
ATOM   745  C CE3 . TRP A 1 91  ? 7.322   -0.379  11.339  1.00 29.08 ? 2821 TRP A CE3 1 
ATOM   746  C CZ2 . TRP A 1 91  ? 5.585   -0.117  13.566  1.00 28.81 ? 2821 TRP A CZ2 1 
ATOM   747  C CZ3 . TRP A 1 91  ? 5.990   -0.758  11.263  1.00 27.90 ? 2821 TRP A CZ3 1 
ATOM   748  C CH2 . TRP A 1 91  ? 5.134   -0.619  12.367  1.00 28.77 ? 2821 TRP A CH2 1 
ATOM   749  N N   . THR A 1 92  ? 13.558  0.125   12.163  1.00 33.25 ? 2822 THR A N   1 
ATOM   750  C CA  . THR A 1 92  ? 14.719  -0.050  11.291  1.00 34.65 ? 2822 THR A CA  1 
ATOM   751  C C   . THR A 1 92  ? 14.348  -0.903  10.083  1.00 34.57 ? 2822 THR A C   1 
ATOM   752  O O   . THR A 1 92  ? 13.620  -1.889  10.206  1.00 34.52 ? 2822 THR A O   1 
ATOM   753  C CB  . THR A 1 92  ? 15.924  -0.701  12.024  1.00 34.82 ? 2822 THR A CB  1 
ATOM   754  O OG1 . THR A 1 92  ? 15.512  -1.948  12.603  1.00 36.63 ? 2822 THR A OG1 1 
ATOM   755  C CG2 . THR A 1 92  ? 16.456  0.210   13.096  1.00 34.92 ? 2822 THR A CG2 1 
ATOM   756  N N   . ILE A 1 93  ? 14.821  -0.499  8.913   1.00 34.72 ? 2823 ILE A N   1 
ATOM   757  C CA  . ILE A 1 93  ? 14.690  -1.321  7.713   1.00 35.14 ? 2823 ILE A CA  1 
ATOM   758  C C   . ILE A 1 93  ? 16.099  -1.472  7.141   1.00 35.93 ? 2823 ILE A C   1 
ATOM   759  O O   . ILE A 1 93  ? 16.699  -0.500  6.663   1.00 36.23 ? 2823 ILE A O   1 
ATOM   760  C CB  . ILE A 1 93  ? 13.731  -0.716  6.648   1.00 34.27 ? 2823 ILE A CB  1 
ATOM   761  C CG1 . ILE A 1 93  ? 12.333  -0.476  7.227   1.00 34.26 ? 2823 ILE A CG1 1 
ATOM   762  C CG2 . ILE A 1 93  ? 13.638  -1.629  5.434   1.00 33.86 ? 2823 ILE A CG2 1 
ATOM   763  C CD1 . ILE A 1 93  ? 11.513  0.630   6.478   1.00 33.86 ? 2823 ILE A CD1 1 
ATOM   764  N N   . GLU A 1 94  ? 16.622  -2.692  7.220   1.00 36.50 ? 2824 GLU A N   1 
ATOM   765  C CA  . GLU A 1 94  ? 17.966  -2.981  6.770   1.00 36.96 ? 2824 GLU A CA  1 
ATOM   766  C C   . GLU A 1 94  ? 17.931  -4.199  5.870   1.00 36.68 ? 2824 GLU A C   1 
ATOM   767  O O   . GLU A 1 94  ? 17.227  -5.173  6.148   1.00 36.12 ? 2824 GLU A O   1 
ATOM   768  C CB  . GLU A 1 94  ? 18.894  -3.190  7.988   1.00 37.81 ? 2824 GLU A CB  1 
ATOM   769  C CG  . GLU A 1 94  ? 19.273  -1.847  8.657   1.00 40.04 ? 2824 GLU A CG  1 
ATOM   770  C CD  . GLU A 1 94  ? 19.691  -1.944  10.125  1.00 43.89 ? 2824 GLU A CD  1 
ATOM   771  O OE1 . GLU A 1 94  ? 20.045  -3.044  10.622  1.00 41.66 ? 2824 GLU A OE1 1 
ATOM   772  O OE2 . GLU A 1 94  ? 19.668  -0.878  10.783  1.00 46.22 ? 2824 GLU A OE2 1 
ATOM   773  N N   . LYS A 1 95  ? 18.674  -4.134  4.773   1.00 36.72 ? 2825 LYS A N   1 
ATOM   774  C CA  . LYS A 1 95  ? 18.810  -5.277  3.888   1.00 36.91 ? 2825 LYS A CA  1 
ATOM   775  C C   . LYS A 1 95  ? 19.742  -6.282  4.590   1.00 37.23 ? 2825 LYS A C   1 
ATOM   776  O O   . LYS A 1 95  ? 20.941  -6.090  4.614   1.00 37.77 ? 2825 LYS A O   1 
ATOM   777  C CB  . LYS A 1 95  ? 19.364  -4.819  2.532   1.00 36.46 ? 2825 LYS A CB  1 
ATOM   778  C CG  . LYS A 1 95  ? 19.685  -5.939  1.552   1.00 36.02 ? 2825 LYS A CG  1 
ATOM   779  C CD  . LYS A 1 95  ? 18.625  -6.130  0.479   1.00 35.40 ? 2825 LYS A CD  1 
ATOM   780  C CE  . LYS A 1 95  ? 18.974  -7.369  -0.343  1.00 37.55 ? 2825 LYS A CE  1 
ATOM   781  N NZ  . LYS A 1 95  ? 18.186  -7.485  -1.582  1.00 40.38 ? 2825 LYS A NZ  1 
ATOM   782  N N   . ALA A 1 96  ? 19.179  -7.336  5.170   1.00 38.11 ? 2826 ALA A N   1 
ATOM   783  C CA  . ALA A 1 96  ? 19.951  -8.319  5.946   1.00 39.25 ? 2826 ALA A CA  1 
ATOM   784  C C   . ALA A 1 96  ? 20.464  -9.492  5.097   1.00 39.89 ? 2826 ALA A C   1 
ATOM   785  O O   . ALA A 1 96  ? 21.603  -9.938  5.241   1.00 39.52 ? 2826 ALA A O   1 
ATOM   786  C CB  . ALA A 1 96  ? 19.120  -8.838  7.116   1.00 38.51 ? 2826 ALA A CB  1 
ATOM   787  N N   . ARG A 1 97  ? 19.604  -9.967  4.205   1.00 40.86 ? 2827 ARG A N   1 
ATOM   788  C CA  . ARG A 1 97  ? 19.855  -11.175 3.454   1.00 42.02 ? 2827 ARG A CA  1 
ATOM   789  C C   . ARG A 1 97  ? 19.605  -10.894 1.991   1.00 42.33 ? 2827 ARG A C   1 
ATOM   790  O O   . ARG A 1 97  ? 18.992  -9.890  1.636   1.00 41.43 ? 2827 ARG A O   1 
ATOM   791  C CB  . ARG A 1 97  ? 18.891  -12.275 3.911   1.00 42.73 ? 2827 ARG A CB  1 
ATOM   792  C CG  . ARG A 1 97  ? 18.839  -12.480 5.406   1.00 44.82 ? 2827 ARG A CG  1 
ATOM   793  C CD  . ARG A 1 97  ? 17.517  -13.080 5.856   1.00 48.41 ? 2827 ARG A CD  1 
ATOM   794  N NE  . ARG A 1 97  ? 16.343  -12.222 5.640   1.00 53.48 ? 2827 ARG A NE  1 
ATOM   795  C CZ  . ARG A 1 97  ? 15.837  -11.373 6.540   1.00 54.73 ? 2827 ARG A CZ  1 
ATOM   796  N NH1 . ARG A 1 97  ? 16.397  -11.244 7.739   1.00 54.64 ? 2827 ARG A NH1 1 
ATOM   797  N NH2 . ARG A 1 97  ? 14.759  -10.648 6.239   1.00 56.94 ? 2827 ARG A NH2 1 
ATOM   798  N N   . GLU A 1 98  ? 20.108  -11.776 1.143   1.00 43.23 ? 2828 GLU A N   1 
ATOM   799  C CA  . GLU A 1 98  ? 19.623  -11.873 -0.225  1.00 44.56 ? 2828 GLU A CA  1 
ATOM   800  C C   . GLU A 1 98  ? 18.170  -12.377 -0.125  1.00 45.19 ? 2828 GLU A C   1 
ATOM   801  O O   . GLU A 1 98  ? 17.850  -13.199 0.738   1.00 45.52 ? 2828 GLU A O   1 
ATOM   802  C CB  . GLU A 1 98  ? 20.494  -12.861 -1.013  1.00 44.27 ? 2828 GLU A CB  1 
ATOM   803  C CG  . GLU A 1 98  ? 20.170  -12.939 -2.491  1.00 47.21 ? 2828 GLU A CG  1 
ATOM   804  C CD  . GLU A 1 98  ? 20.884  -14.084 -3.208  1.00 51.31 ? 2828 GLU A CD  1 
ATOM   805  O OE1 . GLU A 1 98  ? 20.798  -15.245 -2.718  1.00 51.91 ? 2828 GLU A OE1 1 
ATOM   806  O OE2 . GLU A 1 98  ? 21.508  -13.818 -4.278  1.00 51.14 ? 2828 GLU A OE2 1 
ATOM   807  N N   . GLY A 1 99  ? 17.300  -11.905 -1.011  1.00 46.24 ? 2829 GLY A N   1 
ATOM   808  C CA  . GLY A 1 99  ? 15.891  -12.288 -0.987  1.00 47.20 ? 2829 GLY A CA  1 
ATOM   809  C C   . GLY A 1 99  ? 15.540  -13.576 -1.711  1.00 48.18 ? 2829 GLY A C   1 
ATOM   810  O O   . GLY A 1 99  ? 16.251  -14.003 -2.629  1.00 48.04 ? 2829 GLY A O   1 
ATOM   811  N N   . GLU A 1 100 ? 14.441  -14.199 -1.285  1.00 48.97 ? 2830 GLU A N   1 
ATOM   812  C CA  . GLU A 1 100 ? 13.902  -15.387 -1.949  1.00 49.90 ? 2830 GLU A CA  1 
ATOM   813  C C   . GLU A 1 100 ? 13.697  -15.101 -3.431  1.00 50.48 ? 2830 GLU A C   1 
ATOM   814  O O   . GLU A 1 100 ? 14.059  -15.931 -4.270  1.00 50.83 ? 2830 GLU A O   1 
ATOM   815  C CB  . GLU A 1 100 ? 12.586  -15.834 -1.310  1.00 50.05 ? 2830 GLU A CB  1 
ATOM   816  N N   . GLU A 1 101 ? 13.139  -13.923 -3.733  1.00 51.01 ? 2831 GLU A N   1 
ATOM   817  C CA  . GLU A 1 101 ? 12.983  -13.413 -5.107  1.00 51.54 ? 2831 GLU A CA  1 
ATOM   818  C C   . GLU A 1 101 ? 14.140  -12.482 -5.482  1.00 51.76 ? 2831 GLU A C   1 
ATOM   819  O O   . GLU A 1 101 ? 15.215  -12.933 -5.883  1.00 51.81 ? 2831 GLU A O   1 
ATOM   820  C CB  . GLU A 1 101 ? 11.657  -12.650 -5.266  1.00 51.61 ? 2831 GLU A CB  1 
ATOM   821  N N   . TYR A 1 125 ? 0.580   -8.398  -23.444 1.00 60.89 ? 2855 TYR A N   1 
ATOM   822  C CA  . TYR A 1 125 ? 0.882   -8.137  -22.037 1.00 61.07 ? 2855 TYR A CA  1 
ATOM   823  C C   . TYR A 1 125 ? 0.315   -9.184  -21.075 1.00 61.08 ? 2855 TYR A C   1 
ATOM   824  O O   . TYR A 1 125 ? -0.894  -9.214  -20.800 1.00 60.74 ? 2855 TYR A O   1 
ATOM   825  C CB  . TYR A 1 125 ? 0.427   -6.731  -21.615 1.00 60.76 ? 2855 TYR A CB  1 
ATOM   826  C CG  . TYR A 1 125 ? 0.760   -6.399  -20.165 1.00 60.30 ? 2855 TYR A CG  1 
ATOM   827  C CD1 . TYR A 1 125 ? 2.052   -6.606  -19.664 1.00 58.76 ? 2855 TYR A CD1 1 
ATOM   828  C CD2 . TYR A 1 125 ? -0.215  -5.880  -19.297 1.00 59.08 ? 2855 TYR A CD2 1 
ATOM   829  C CE1 . TYR A 1 125 ? 2.371   -6.311  -18.342 1.00 58.30 ? 2855 TYR A CE1 1 
ATOM   830  C CE2 . TYR A 1 125 ? 0.096   -5.571  -17.966 1.00 58.68 ? 2855 TYR A CE2 1 
ATOM   831  C CZ  . TYR A 1 125 ? 1.397   -5.789  -17.502 1.00 58.18 ? 2855 TYR A CZ  1 
ATOM   832  O OH  . TYR A 1 125 ? 1.735   -5.506  -16.204 1.00 55.73 ? 2855 TYR A OH  1 
ATOM   833  N N   . ASN A 1 126 ? 1.209   -10.012 -20.537 1.00 61.52 ? 2856 ASN A N   1 
ATOM   834  C CA  . ASN A 1 126 ? 0.825   -11.051 -19.583 1.00 61.79 ? 2856 ASN A CA  1 
ATOM   835  C C   . ASN A 1 126 ? 1.591   -10.958 -18.249 1.00 61.35 ? 2856 ASN A C   1 
ATOM   836  O O   . ASN A 1 126 ? 2.713   -11.457 -18.136 1.00 61.54 ? 2856 ASN A O   1 
ATOM   837  C CB  . ASN A 1 126 ? 0.975   -12.427 -20.226 1.00 62.11 ? 2856 ASN A CB  1 
ATOM   838  C CG  . ASN A 1 126 ? 0.549   -13.551 -19.308 1.00 64.19 ? 2856 ASN A CG  1 
ATOM   839  O OD1 . ASN A 1 126 ? 1.317   -14.492 -19.074 1.00 66.75 ? 2856 ASN A OD1 1 
ATOM   840  N ND2 . ASN A 1 126 ? -0.678  -13.466 -18.777 1.00 64.83 ? 2856 ASN A ND2 1 
ATOM   841  N N   . PRO A 1 127 ? 0.987   -10.295 -17.242 1.00 60.97 ? 2857 PRO A N   1 
ATOM   842  C CA  . PRO A 1 127 ? 1.645   -10.086 -15.951 1.00 60.66 ? 2857 PRO A CA  1 
ATOM   843  C C   . PRO A 1 127 ? 1.619   -11.335 -15.071 1.00 60.35 ? 2857 PRO A C   1 
ATOM   844  O O   . PRO A 1 127 ? 0.541   -11.895 -14.812 1.00 60.27 ? 2857 PRO A O   1 
ATOM   845  C CB  . PRO A 1 127 ? 0.833   -8.949  -15.315 1.00 60.55 ? 2857 PRO A CB  1 
ATOM   846  C CG  . PRO A 1 127 ? -0.506  -9.028  -15.937 1.00 60.90 ? 2857 PRO A CG  1 
ATOM   847  C CD  . PRO A 1 127 ? -0.352  -9.676  -17.292 1.00 61.03 ? 2857 PRO A CD  1 
ATOM   848  N N   . GLN A 1 128 ? 2.808   -11.758 -14.627 1.00 59.89 ? 2858 GLN A N   1 
ATOM   849  C CA  . GLN A 1 128 ? 2.970   -12.919 -13.745 1.00 59.47 ? 2858 GLN A CA  1 
ATOM   850  C C   . GLN A 1 128 ? 3.670   -12.506 -12.436 1.00 58.61 ? 2858 GLN A C   1 
ATOM   851  O O   . GLN A 1 128 ? 4.872   -12.740 -12.275 1.00 58.30 ? 2858 GLN A O   1 
ATOM   852  C CB  . GLN A 1 128 ? 3.755   -14.051 -14.448 1.00 59.83 ? 2858 GLN A CB  1 
ATOM   853  C CG  . GLN A 1 128 ? 3.168   -14.554 -15.786 1.00 60.90 ? 2858 GLN A CG  1 
ATOM   854  C CD  . GLN A 1 128 ? 1.817   -15.274 -15.632 1.00 63.02 ? 2858 GLN A CD  1 
ATOM   855  O OE1 . GLN A 1 128 ? 1.459   -15.744 -14.545 1.00 63.65 ? 2858 GLN A OE1 1 
ATOM   856  N NE2 . GLN A 1 128 ? 1.067   -15.362 -16.728 1.00 62.56 ? 2858 GLN A NE2 1 
ATOM   857  N N   . PRO A 1 129 ? 2.919   -11.873 -11.505 1.00 57.59 ? 2859 PRO A N   1 
ATOM   858  C CA  . PRO A 1 129 ? 3.496   -11.453 -10.234 1.00 57.08 ? 2859 PRO A CA  1 
ATOM   859  C C   . PRO A 1 129 ? 3.771   -12.639 -9.291  1.00 56.26 ? 2859 PRO A C   1 
ATOM   860  O O   . PRO A 1 129 ? 2.961   -13.582 -9.228  1.00 55.93 ? 2859 PRO A O   1 
ATOM   861  C CB  . PRO A 1 129 ? 2.409   -10.545 -9.643  1.00 56.94 ? 2859 PRO A CB  1 
ATOM   862  C CG  . PRO A 1 129 ? 1.149   -11.063 -10.195 1.00 57.03 ? 2859 PRO A CG  1 
ATOM   863  C CD  . PRO A 1 129 ? 1.491   -11.514 -11.593 1.00 57.68 ? 2859 PRO A CD  1 
ATOM   864  N N   . PRO A 1 130 ? 4.903   -12.590 -8.557  1.00 55.43 ? 2860 PRO A N   1 
ATOM   865  C CA  . PRO A 1 130 ? 5.243   -13.665 -7.617  1.00 54.66 ? 2860 PRO A CA  1 
ATOM   866  C C   . PRO A 1 130 ? 4.151   -13.821 -6.569  1.00 54.01 ? 2860 PRO A C   1 
ATOM   867  O O   . PRO A 1 130 ? 3.549   -12.826 -6.159  1.00 53.71 ? 2860 PRO A O   1 
ATOM   868  C CB  . PRO A 1 130 ? 6.554   -13.178 -6.986  1.00 54.92 ? 2860 PRO A CB  1 
ATOM   869  C CG  . PRO A 1 130 ? 6.559   -11.691 -7.203  1.00 54.95 ? 2860 PRO A CG  1 
ATOM   870  C CD  . PRO A 1 130 ? 5.902   -11.504 -8.529  1.00 55.22 ? 2860 PRO A CD  1 
ATOM   871  N N   . ASP A 1 131 ? 3.854   -15.062 -6.182  1.00 53.38 ? 2861 ASP A N   1 
ATOM   872  C CA  . ASP A 1 131 ? 2.827   -15.306 -5.162  1.00 52.56 ? 2861 ASP A CA  1 
ATOM   873  C C   . ASP A 1 131 ? 3.398   -15.048 -3.766  1.00 51.63 ? 2861 ASP A C   1 
ATOM   874  O O   . ASP A 1 131 ? 4.417   -15.625 -3.380  1.00 51.12 ? 2861 ASP A O   1 
ATOM   875  C CB  . ASP A 1 131 ? 2.269   -16.732 -5.255  1.00 52.87 ? 2861 ASP A CB  1 
ATOM   876  C CG  . ASP A 1 131 ? 1.151   -16.997 -4.254  1.00 53.95 ? 2861 ASP A CG  1 
ATOM   877  O OD1 . ASP A 1 131 ? 1.238   -18.006 -3.516  1.00 56.31 ? 2861 ASP A OD1 1 
ATOM   878  O OD2 . ASP A 1 131 ? 0.185   -16.202 -4.191  1.00 55.41 ? 2861 ASP A OD2 1 
ATOM   879  N N   . LEU A 1 132 ? 2.734   -14.170 -3.026  1.00 50.56 ? 2862 LEU A N   1 
ATOM   880  C CA  . LEU A 1 132 ? 3.132   -13.862 -1.671  1.00 49.83 ? 2862 LEU A CA  1 
ATOM   881  C C   . LEU A 1 132 ? 2.341   -14.693 -0.653  1.00 49.42 ? 2862 LEU A C   1 
ATOM   882  O O   . LEU A 1 132 ? 2.415   -14.443 0.547   1.00 49.26 ? 2862 LEU A O   1 
ATOM   883  C CB  . LEU A 1 132 ? 2.950   -12.364 -1.408  1.00 49.56 ? 2862 LEU A CB  1 
ATOM   884  C CG  . LEU A 1 132 ? 4.113   -11.375 -1.628  1.00 49.31 ? 2862 LEU A CG  1 
ATOM   885  C CD1 . LEU A 1 132 ? 4.896   -11.588 -2.926  1.00 48.72 ? 2862 LEU A CD1 1 
ATOM   886  C CD2 . LEU A 1 132 ? 3.572   -9.944  -1.562  1.00 47.98 ? 2862 LEU A CD2 1 
ATOM   887  N N   . SER A 1 133 ? 1.587   -15.680 -1.132  1.00 48.91 ? 2863 SER A N   1 
ATOM   888  C CA  . SER A 1 133 ? 0.715   -16.461 -0.240  1.00 48.46 ? 2863 SER A CA  1 
ATOM   889  C C   . SER A 1 133 ? 1.462   -17.369 0.712   1.00 47.11 ? 2863 SER A C   1 
ATOM   890  O O   . SER A 1 133 ? 0.963   -17.647 1.794   1.00 47.45 ? 2863 SER A O   1 
ATOM   891  C CB  . SER A 1 133 ? -0.324  -17.262 -1.012  1.00 48.68 ? 2863 SER A CB  1 
ATOM   892  O OG  . SER A 1 133 ? -1.446  -16.441 -1.285  1.00 51.65 ? 2863 SER A OG  1 
ATOM   893  N N   . GLY A 1 134 ? 2.650   -17.816 0.307   1.00 45.65 ? 2864 GLY A N   1 
ATOM   894  C CA  . GLY A 1 134 ? 3.497   -18.664 1.140   1.00 43.55 ? 2864 GLY A CA  1 
ATOM   895  C C   . GLY A 1 134 ? 4.433   -17.927 2.083   1.00 42.39 ? 2864 GLY A C   1 
ATOM   896  O O   . GLY A 1 134 ? 5.275   -18.555 2.739   1.00 42.32 ? 2864 GLY A O   1 
ATOM   897  N N   . VAL A 1 135 ? 4.299   -16.603 2.172   1.00 41.02 ? 2865 VAL A N   1 
ATOM   898  C CA  . VAL A 1 135 ? 5.134   -15.826 3.094   1.00 39.72 ? 2865 VAL A CA  1 
ATOM   899  C C   . VAL A 1 135 ? 4.445   -15.703 4.450   1.00 39.13 ? 2865 VAL A C   1 
ATOM   900  O O   . VAL A 1 135 ? 3.304   -15.254 4.548   1.00 38.70 ? 2865 VAL A O   1 
ATOM   901  C CB  . VAL A 1 135 ? 5.503   -14.440 2.539   1.00 39.67 ? 2865 VAL A CB  1 
ATOM   902  C CG1 . VAL A 1 135 ? 6.441   -13.731 3.473   1.00 38.79 ? 2865 VAL A CG1 1 
ATOM   903  C CG2 . VAL A 1 135 ? 6.154   -14.564 1.163   1.00 39.67 ? 2865 VAL A CG2 1 
ATOM   904  N N   . THR A 1 136 ? 5.153   -16.139 5.488   1.00 38.36 ? 2866 THR A N   1 
ATOM   905  C CA  . THR A 1 136 ? 4.677   -16.046 6.855   1.00 36.83 ? 2866 THR A CA  1 
ATOM   906  C C   . THR A 1 136 ? 5.386   -14.923 7.593   1.00 35.74 ? 2866 THR A C   1 
ATOM   907  O O   . THR A 1 136 ? 6.610   -14.822 7.578   1.00 34.49 ? 2866 THR A O   1 
ATOM   908  C CB  . THR A 1 136 ? 4.898   -17.369 7.612   1.00 37.32 ? 2866 THR A CB  1 
ATOM   909  O OG1 . THR A 1 136 ? 4.527   -18.468 6.768   1.00 39.65 ? 2866 THR A OG1 1 
ATOM   910  C CG2 . THR A 1 136 ? 4.035   -17.409 8.848   1.00 36.11 ? 2866 THR A CG2 1 
ATOM   911  N N   . LEU A 1 137 ? 4.605   -14.076 8.248   1.00 35.05 ? 2867 LEU A N   1 
ATOM   912  C CA  . LEU A 1 137 ? 5.172   -13.015 9.042   1.00 34.93 ? 2867 LEU A CA  1 
ATOM   913  C C   . LEU A 1 137 ? 5.170   -13.523 10.451  1.00 35.06 ? 2867 LEU A C   1 
ATOM   914  O O   . LEU A 1 137 ? 4.227   -14.201 10.845  1.00 35.44 ? 2867 LEU A O   1 
ATOM   915  C CB  . LEU A 1 137 ? 4.326   -11.736 8.952   1.00 34.57 ? 2867 LEU A CB  1 
ATOM   916  C CG  . LEU A 1 137 ? 4.113   -11.141 7.550   1.00 33.34 ? 2867 LEU A CG  1 
ATOM   917  C CD1 . LEU A 1 137 ? 3.053   -10.054 7.625   1.00 30.27 ? 2867 LEU A CD1 1 
ATOM   918  C CD2 . LEU A 1 137 ? 5.421   -10.589 6.961   1.00 32.05 ? 2867 LEU A CD2 1 
ATOM   919  N N   . SER A 1 138 ? 6.224   -13.192 11.191  1.00 35.08 ? 2868 SER A N   1 
ATOM   920  C CA  . SER A 1 138 ? 6.319   -13.437 12.618  1.00 35.99 ? 2868 SER A CA  1 
ATOM   921  C C   . SER A 1 138 ? 5.192   -12.714 13.359  1.00 37.71 ? 2868 SER A C   1 
ATOM   922  O O   . SER A 1 138 ? 4.520   -11.839 12.787  1.00 37.94 ? 2868 SER A O   1 
ATOM   923  C CB  . SER A 1 138 ? 7.694   -12.997 13.140  1.00 35.66 ? 2868 SER A CB  1 
ATOM   924  O OG  . SER A 1 138 ? 7.934   -11.600 12.989  1.00 33.96 ? 2868 SER A OG  1 
ATOM   925  N N   . ARG A 1 139 ? 4.966   -13.085 14.621  1.00 38.75 ? 2869 ARG A N   1 
ATOM   926  C CA  . ARG A 1 139 ? 3.939   -12.428 15.430  1.00 39.42 ? 2869 ARG A CA  1 
ATOM   927  C C   . ARG A 1 139 ? 4.227   -10.923 15.470  1.00 38.79 ? 2869 ARG A C   1 
ATOM   928  O O   . ARG A 1 139 ? 3.317   -10.111 15.309  1.00 39.06 ? 2869 ARG A O   1 
ATOM   929  C CB  . ARG A 1 139 ? 3.906   -12.979 16.865  1.00 40.11 ? 2869 ARG A CB  1 
ATOM   930  C CG  . ARG A 1 139 ? 2.881   -12.250 17.757  1.00 42.15 ? 2869 ARG A CG  1 
ATOM   931  C CD  . ARG A 1 139 ? 3.394   -11.977 19.190  1.00 44.80 ? 2869 ARG A CD  1 
ATOM   932  N NE  . ARG A 1 139 ? 2.478   -11.126 19.979  1.00 44.34 ? 2869 ARG A NE  1 
ATOM   933  C CZ  . ARG A 1 139 ? 1.252   -11.458 20.405  1.00 42.18 ? 2869 ARG A CZ  1 
ATOM   934  N NH1 . ARG A 1 139 ? 0.716   -12.638 20.131  1.00 40.29 ? 2869 ARG A NH1 1 
ATOM   935  N NH2 . ARG A 1 139 ? 0.545   -10.575 21.104  1.00 43.95 ? 2869 ARG A NH2 1 
ATOM   936  N N   . GLU A 1 140 ? 5.507   -10.599 15.684  1.00 37.88 ? 2870 GLU A N   1 
ATOM   937  C CA  . GLU A 1 140 ? 6.046   -9.253  15.747  1.00 36.76 ? 2870 GLU A CA  1 
ATOM   938  C C   . GLU A 1 140 ? 5.921   -8.411  14.470  1.00 35.63 ? 2870 GLU A C   1 
ATOM   939  O O   . GLU A 1 140 ? 5.711   -7.212  14.564  1.00 34.86 ? 2870 GLU A O   1 
ATOM   940  C CB  . GLU A 1 140 ? 7.513   -9.302  16.153  1.00 37.58 ? 2870 GLU A CB  1 
ATOM   941  C CG  . GLU A 1 140 ? 7.775   -9.901  17.539  1.00 40.43 ? 2870 GLU A CG  1 
ATOM   942  C CD  . GLU A 1 140 ? 7.864   -11.432 17.549  1.00 43.57 ? 2870 GLU A CD  1 
ATOM   943  O OE1 . GLU A 1 140 ? 8.309   -12.028 16.543  1.00 45.67 ? 2870 GLU A OE1 1 
ATOM   944  O OE2 . GLU A 1 140 ? 7.492   -12.041 18.578  1.00 45.59 ? 2870 GLU A OE2 1 
ATOM   945  N N   . LEU A 1 141 ? 6.066   -9.022  13.292  1.00 34.72 ? 2871 LEU A N   1 
ATOM   946  C CA  . LEU A 1 141 ? 5.808   -8.307  12.052  1.00 34.38 ? 2871 LEU A CA  1 
ATOM   947  C C   . LEU A 1 141 ? 4.309   -8.139  11.855  1.00 33.91 ? 2871 LEU A C   1 
ATOM   948  O O   . LEU A 1 141 ? 3.854   -7.136  11.313  1.00 32.96 ? 2871 LEU A O   1 
ATOM   949  C CB  . LEU A 1 141 ? 6.439   -8.998  10.849  1.00 33.82 ? 2871 LEU A CB  1 
ATOM   950  C CG  . LEU A 1 141 ? 7.942   -8.807  10.693  1.00 35.60 ? 2871 LEU A CG  1 
ATOM   951  C CD1 . LEU A 1 141 ? 8.444   -9.663  9.528   1.00 35.04 ? 2871 LEU A CD1 1 
ATOM   952  C CD2 . LEU A 1 141 ? 8.317   -7.344  10.518  1.00 34.38 ? 2871 LEU A CD2 1 
ATOM   953  N N   . GLN A 1 142 ? 3.547   -9.127  12.315  1.00 34.06 ? 2872 GLN A N   1 
ATOM   954  C CA  . GLN A 1 142 ? 2.089   -9.054  12.262  1.00 34.38 ? 2872 GLN A CA  1 
ATOM   955  C C   . GLN A 1 142 ? 1.597   -7.908  13.154  1.00 33.57 ? 2872 GLN A C   1 
ATOM   956  O O   . GLN A 1 142 ? 0.640   -7.222  12.799  1.00 34.20 ? 2872 GLN A O   1 
ATOM   957  C CB  . GLN A 1 142 ? 1.424   -10.400 12.608  1.00 34.45 ? 2872 GLN A CB  1 
ATOM   958  C CG  . GLN A 1 142 ? -0.066  -10.464 12.246  1.00 36.95 ? 2872 GLN A CG  1 
ATOM   959  C CD  . GLN A 1 142 ? -0.695  -11.853 12.480  1.00 41.75 ? 2872 GLN A CD  1 
ATOM   960  O OE1 . GLN A 1 142 ? -0.069  -12.894 12.225  1.00 44.37 ? 2872 GLN A OE1 1 
ATOM   961  N NE2 . GLN A 1 142 ? -1.937  -11.865 12.950  1.00 40.60 ? 2872 GLN A NE2 1 
ATOM   962  N N   . ALA A 1 143 ? 2.288   -7.667  14.262  1.00 32.52 ? 2873 ALA A N   1 
ATOM   963  C CA  . ALA A 1 143 ? 1.954   -6.576  15.193  1.00 32.02 ? 2873 ALA A CA  1 
ATOM   964  C C   . ALA A 1 143 ? 2.303   -5.201  14.634  1.00 31.29 ? 2873 ALA A C   1 
ATOM   965  O O   . ALA A 1 143 ? 1.605   -4.220  14.883  1.00 30.62 ? 2873 ALA A O   1 
ATOM   966  C CB  . ALA A 1 143 ? 2.669   -6.777  16.532  1.00 31.51 ? 2873 ALA A CB  1 
ATOM   967  N N   . MET A 1 144 ? 3.429   -5.135  13.928  1.00 30.87 ? 2874 MET A N   1 
ATOM   968  C CA  . MET A 1 144 ? 3.792   -3.963  13.143  1.00 29.95 ? 2874 MET A CA  1 
ATOM   969  C C   . MET A 1 144 ? 2.745   -3.690  12.054  1.00 28.74 ? 2874 MET A C   1 
ATOM   970  O O   . MET A 1 144 ? 2.331   -2.542  11.856  1.00 28.46 ? 2874 MET A O   1 
ATOM   971  C CB  . MET A 1 144 ? 5.185   -4.167  12.543  1.00 29.88 ? 2874 MET A CB  1 
ATOM   972  C CG  . MET A 1 144 ? 6.250   -4.233  13.640  1.00 32.64 ? 2874 MET A CG  1 
ATOM   973  S SD  . MET A 1 144 ? 7.893   -4.755  13.135  1.00 36.99 ? 2874 MET A SD  1 
ATOM   974  C CE  . MET A 1 144 ? 8.502   -3.257  12.506  1.00 32.23 ? 2874 MET A CE  1 
ATOM   975  N N   . ALA A 1 145 ? 2.302   -4.745  11.370  1.00 26.96 ? 2875 ALA A N   1 
ATOM   976  C CA  . ALA A 1 145 ? 1.246   -4.609  10.354  1.00 26.23 ? 2875 ALA A CA  1 
ATOM   977  C C   . ALA A 1 145 ? -0.037  -3.967  10.909  1.00 26.63 ? 2875 ALA A C   1 
ATOM   978  O O   . ALA A 1 145 ? -0.700  -3.180  10.207  1.00 26.52 ? 2875 ALA A O   1 
ATOM   979  C CB  . ALA A 1 145 ? 0.933   -5.955  9.694   1.00 25.07 ? 2875 ALA A CB  1 
ATOM   980  N N   . GLU A 1 146 ? -0.376  -4.294  12.162  1.00 26.59 ? 2876 GLU A N   1 
ATOM   981  C CA  . GLU A 1 146 ? -1.519  -3.692  12.852  1.00 26.98 ? 2876 GLU A CA  1 
ATOM   982  C C   . GLU A 1 146 ? -1.377  -2.187  13.006  1.00 26.84 ? 2876 GLU A C   1 
ATOM   983  O O   . GLU A 1 146 ? -2.353  -1.443  12.851  1.00 27.16 ? 2876 GLU A O   1 
ATOM   984  C CB  . GLU A 1 146 ? -1.727  -4.330  14.242  1.00 27.92 ? 2876 GLU A CB  1 
ATOM   985  C CG  . GLU A 1 146 ? -2.269  -5.751  14.212  1.00 28.47 ? 2876 GLU A CG  1 
ATOM   986  C CD  . GLU A 1 146 ? -3.512  -5.882  13.355  1.00 32.23 ? 2876 GLU A CD  1 
ATOM   987  O OE1 . GLU A 1 146 ? -3.559  -6.825  12.546  1.00 34.76 ? 2876 GLU A OE1 1 
ATOM   988  O OE2 . GLU A 1 146 ? -4.428  -5.042  13.455  1.00 32.65 ? 2876 GLU A OE2 1 
ATOM   989  N N   . GLN A 1 147 ? -0.169  -1.733  13.332  1.00 26.34 ? 2877 GLN A N   1 
ATOM   990  C CA  A GLN A 1 147 ? 0.105   -0.299  13.453  0.50 26.11 ? 2877 GLN A CA  1 
ATOM   991  C CA  B GLN A 1 147 ? 0.058   -0.304  13.447  0.50 26.54 ? 2877 GLN A CA  1 
ATOM   992  C C   . GLN A 1 147 ? 0.030   0.424   12.099  1.00 25.79 ? 2877 GLN A C   1 
ATOM   993  O O   . GLN A 1 147 ? -0.523  1.517   12.000  1.00 26.08 ? 2877 GLN A O   1 
ATOM   994  C CB  A GLN A 1 147 ? 1.464   -0.040  14.127  0.50 26.04 ? 2877 GLN A CB  1 
ATOM   995  C CB  B GLN A 1 147 ? 1.337   -0.007  14.225  0.50 26.64 ? 2877 GLN A CB  1 
ATOM   996  C CG  A GLN A 1 147 ? 1.758   1.456   14.350  0.50 25.59 ? 2877 GLN A CG  1 
ATOM   997  C CG  B GLN A 1 147 ? 1.047   0.435   15.651  0.50 28.66 ? 2877 GLN A CG  1 
ATOM   998  C CD  A GLN A 1 147 ? 2.776   1.722   15.448  0.50 27.79 ? 2877 GLN A CD  1 
ATOM   999  C CD  B GLN A 1 147 ? 0.621   -0.699  16.540  0.50 29.04 ? 2877 GLN A CD  1 
ATOM   1000 O OE1 A GLN A 1 147 ? 3.470   0.812   15.912  0.50 28.65 ? 2877 GLN A OE1 1 
ATOM   1001 O OE1 B GLN A 1 147 ? -0.058  -0.487  17.528  0.50 29.63 ? 2877 GLN A OE1 1 
ATOM   1002 N NE2 A GLN A 1 147 ? 2.861   2.969   15.876  0.50 28.41 ? 2877 GLN A NE2 1 
ATOM   1003 N NE2 B GLN A 1 147 ? 1.036   -1.921  16.203  0.50 30.65 ? 2877 GLN A NE2 1 
ATOM   1004 N N   . LEU A 1 148 ? 0.619   -0.173  11.071  1.00 25.55 ? 2878 LEU A N   1 
ATOM   1005 C CA  . LEU A 1 148 ? 0.514   0.379   9.730   1.00 25.70 ? 2878 LEU A CA  1 
ATOM   1006 C C   . LEU A 1 148 ? -0.970  0.395   9.279   1.00 25.67 ? 2878 LEU A C   1 
ATOM   1007 O O   . LEU A 1 148 ? -1.425  1.370   8.741   1.00 25.92 ? 2878 LEU A O   1 
ATOM   1008 C CB  . LEU A 1 148 ? 1.351   -0.430  8.745   1.00 25.94 ? 2878 LEU A CB  1 
ATOM   1009 C CG  . LEU A 1 148 ? 2.846   -0.163  8.609   1.00 25.08 ? 2878 LEU A CG  1 
ATOM   1010 C CD1 . LEU A 1 148 ? 3.454   -1.385  7.947   1.00 27.85 ? 2878 LEU A CD1 1 
ATOM   1011 C CD2 . LEU A 1 148 ? 3.098   1.077   7.791   1.00 23.51 ? 2878 LEU A CD2 1 
ATOM   1012 N N   . ALA A 1 149 ? -1.715  -0.669  9.572   1.00 26.16 ? 2879 ALA A N   1 
ATOM   1013 C CA  . ALA A 1 149 ? -3.137  -0.782  9.213   1.00 26.08 ? 2879 ALA A CA  1 
ATOM   1014 C C   . ALA A 1 149 ? -4.008  0.315   9.841   1.00 26.37 ? 2879 ALA A C   1 
ATOM   1015 O O   . ALA A 1 149 ? -4.854  0.910   9.179   1.00 26.24 ? 2879 ALA A O   1 
ATOM   1016 C CB  . ALA A 1 149 ? -3.673  -2.155  9.592   1.00 25.98 ? 2879 ALA A CB  1 
ATOM   1017 N N   . GLU A 1 150 ? -3.785  0.581   11.123  1.00 26.62 ? 2880 GLU A N   1 
ATOM   1018 C CA  . GLU A 1 150 ? -4.486  1.642   11.825  1.00 26.69 ? 2880 GLU A CA  1 
ATOM   1019 C C   . GLU A 1 150 ? -4.136  3.006   11.229  1.00 26.30 ? 2880 GLU A C   1 
ATOM   1020 O O   . GLU A 1 150 ? -5.005  3.874   11.071  1.00 26.84 ? 2880 GLU A O   1 
ATOM   1021 C CB  . GLU A 1 150 ? -4.077  1.616   13.289  1.00 26.70 ? 2880 GLU A CB  1 
ATOM   1022 C CG  . GLU A 1 150 ? -4.667  2.715   14.133  1.00 26.78 ? 2880 GLU A CG  1 
ATOM   1023 C CD  . GLU A 1 150 ? -4.169  2.629   15.559  1.00 31.90 ? 2880 GLU A CD  1 
ATOM   1024 O OE1 . GLU A 1 150 ? -2.954  2.913   15.789  1.00 30.95 ? 2880 GLU A OE1 1 
ATOM   1025 O OE2 . GLU A 1 150 ? -4.982  2.278   16.442  1.00 30.92 ? 2880 GLU A OE2 1 
ATOM   1026 N N   . ASN A 1 151 ? -2.857  3.196   10.928  1.00 25.50 ? 2881 ASN A N   1 
ATOM   1027 C CA  . ASN A 1 151 ? -2.411  4.433   10.298  1.00 24.76 ? 2881 ASN A CA  1 
ATOM   1028 C C   . ASN A 1 151 ? -3.025  4.658   8.938   1.00 23.86 ? 2881 ASN A C   1 
ATOM   1029 O O   . ASN A 1 151 ? -3.353  5.783   8.628   1.00 23.67 ? 2881 ASN A O   1 
ATOM   1030 C CB  . ASN A 1 151 ? -0.895  4.520   10.208  1.00 23.77 ? 2881 ASN A CB  1 
ATOM   1031 C CG  . ASN A 1 151 ? -0.431  5.901   9.854   1.00 24.89 ? 2881 ASN A CG  1 
ATOM   1032 O OD1 . ASN A 1 151 ? -0.635  6.853   10.614  1.00 24.91 ? 2881 ASN A OD1 1 
ATOM   1033 N ND2 . ASN A 1 151 ? 0.192   6.033   8.681   1.00 23.52 ? 2881 ASN A ND2 1 
ATOM   1034 N N   . TYR A 1 152 ? -3.173  3.603   8.135   1.00 24.27 ? 2882 TYR A N   1 
ATOM   1035 C CA  . TYR A 1 152 ? -3.976  3.687   6.891   1.00 25.31 ? 2882 TYR A CA  1 
ATOM   1036 C C   . TYR A 1 152 ? -5.404  4.111   7.196   1.00 25.92 ? 2882 TYR A C   1 
ATOM   1037 O O   . TYR A 1 152 ? -6.008  4.910   6.446   1.00 26.50 ? 2882 TYR A O   1 
ATOM   1038 C CB  . TYR A 1 152 ? -4.019  2.367   6.121   1.00 24.00 ? 2882 TYR A CB  1 
ATOM   1039 C CG  . TYR A 1 152 ? -2.676  1.825   5.718   1.00 25.38 ? 2882 TYR A CG  1 
ATOM   1040 C CD1 . TYR A 1 152 ? -1.651  2.675   5.276   1.00 26.93 ? 2882 TYR A CD1 1 
ATOM   1041 C CD2 . TYR A 1 152 ? -2.430  0.457   5.742   1.00 24.70 ? 2882 TYR A CD2 1 
ATOM   1042 C CE1 . TYR A 1 152 ? -0.428  2.167   4.897   1.00 28.48 ? 2882 TYR A CE1 1 
ATOM   1043 C CE2 . TYR A 1 152 ? -1.196  -0.059  5.377   1.00 25.26 ? 2882 TYR A CE2 1 
ATOM   1044 C CZ  . TYR A 1 152 ? -0.199  0.788   4.952   1.00 28.25 ? 2882 TYR A CZ  1 
ATOM   1045 O OH  . TYR A 1 152 ? 1.030   0.274   4.557   1.00 28.28 ? 2882 TYR A OH  1 
ATOM   1046 N N   . HIS A 1 153 ? -5.963  3.549   8.270   1.00 26.37 ? 2883 HIS A N   1 
ATOM   1047 C CA  . HIS A 1 153 ? -7.324  3.901   8.649   1.00 26.37 ? 2883 HIS A CA  1 
ATOM   1048 C C   . HIS A 1 153 ? -7.390  5.394   8.988   1.00 26.46 ? 2883 HIS A C   1 
ATOM   1049 O O   . HIS A 1 153 ? -8.260  6.116   8.503   1.00 26.82 ? 2883 HIS A O   1 
ATOM   1050 C CB  . HIS A 1 153 ? -7.857  3.032   9.803   1.00 25.72 ? 2883 HIS A CB  1 
ATOM   1051 C CG  . HIS A 1 153 ? -9.268  3.358   10.177  1.00 26.53 ? 2883 HIS A CG  1 
ATOM   1052 N ND1 . HIS A 1 153 ? -10.338 3.107   9.337   1.00 27.06 ? 2883 HIS A ND1 1 
ATOM   1053 C CD2 . HIS A 1 153 ? -9.788  3.933   11.287  1.00 26.84 ? 2883 HIS A CD2 1 
ATOM   1054 C CE1 . HIS A 1 153 ? -11.453 3.520   9.913   1.00 28.31 ? 2883 HIS A CE1 1 
ATOM   1055 N NE2 . HIS A 1 153 ? -11.150 4.021   11.100  1.00 29.58 ? 2883 HIS A NE2 1 
ATOM   1056 N N   . ASN A 1 154 ? -6.450  5.860   9.797   1.00 26.52 ? 2884 ASN A N   1 
ATOM   1057 C CA  . ASN A 1 154 ? -6.404  7.271   10.174  1.00 26.35 ? 2884 ASN A CA  1 
ATOM   1058 C C   . ASN A 1 154 ? -6.193  8.224   9.014   1.00 26.81 ? 2884 ASN A C   1 
ATOM   1059 O O   . ASN A 1 154 ? -6.720  9.349   9.022   1.00 26.81 ? 2884 ASN A O   1 
ATOM   1060 C CB  . ASN A 1 154 ? -5.374  7.499   11.283  1.00 25.52 ? 2884 ASN A CB  1 
ATOM   1061 C CG  . ASN A 1 154 ? -5.771  6.797   12.573  1.00 26.09 ? 2884 ASN A CG  1 
ATOM   1062 O OD1 . ASN A 1 154 ? -6.959  6.596   12.818  1.00 28.69 ? 2884 ASN A OD1 1 
ATOM   1063 N ND2 . ASN A 1 154 ? -4.792  6.370   13.369  1.00 24.37 ? 2884 ASN A ND2 1 
ATOM   1064 N N   . THR A 1 155 ? -5.408  7.776   8.029   1.00 27.45 ? 2885 THR A N   1 
ATOM   1065 C CA  . THR A 1 155 ? -5.134  8.551   6.836   1.00 27.11 ? 2885 THR A CA  1 
ATOM   1066 C C   . THR A 1 155 ? -6.441  8.670   6.066   1.00 26.97 ? 2885 THR A C   1 
ATOM   1067 O O   . THR A 1 155 ? -6.890  9.772   5.772   1.00 27.32 ? 2885 THR A O   1 
ATOM   1068 C CB  . THR A 1 155 ? -4.009  7.897   5.981   1.00 27.60 ? 2885 THR A CB  1 
ATOM   1069 O OG1 . THR A 1 155 ? -2.835  7.776   6.779   1.00 28.12 ? 2885 THR A OG1 1 
ATOM   1070 C CG2 . THR A 1 155 ? -3.674  8.730   4.718   1.00 25.22 ? 2885 THR A CG2 1 
ATOM   1071 N N   . TRP A 1 156 ? -7.074  7.536   5.788   1.00 26.96 ? 2886 TRP A N   1 
ATOM   1072 C CA  . TRP A 1 156 ? -8.382  7.538   5.140   1.00 26.86 ? 2886 TRP A CA  1 
ATOM   1073 C C   . TRP A 1 156 ? -9.392  8.426   5.914   1.00 27.40 ? 2886 TRP A C   1 
ATOM   1074 O O   . TRP A 1 156 ? -10.187 9.172   5.322   1.00 26.19 ? 2886 TRP A O   1 
ATOM   1075 C CB  . TRP A 1 156 ? -8.932  6.110   5.009   1.00 26.34 ? 2886 TRP A CB  1 
ATOM   1076 C CG  . TRP A 1 156 ? -10.348 6.134   4.511   1.00 26.25 ? 2886 TRP A CG  1 
ATOM   1077 C CD1 . TRP A 1 156 ? -10.756 6.189   3.205   1.00 24.86 ? 2886 TRP A CD1 1 
ATOM   1078 C CD2 . TRP A 1 156 ? -11.538 6.176   5.306   1.00 27.22 ? 2886 TRP A CD2 1 
ATOM   1079 N NE1 . TRP A 1 156 ? -12.123 6.232   3.143   1.00 28.05 ? 2886 TRP A NE1 1 
ATOM   1080 C CE2 . TRP A 1 156 ? -12.632 6.224   4.415   1.00 27.90 ? 2886 TRP A CE2 1 
ATOM   1081 C CE3 . TRP A 1 156 ? -11.790 6.141   6.684   1.00 28.58 ? 2886 TRP A CE3 1 
ATOM   1082 C CZ2 . TRP A 1 156 ? -13.955 6.257   4.855   1.00 29.06 ? 2886 TRP A CZ2 1 
ATOM   1083 C CZ3 . TRP A 1 156 ? -13.116 6.170   7.125   1.00 28.88 ? 2886 TRP A CZ3 1 
ATOM   1084 C CH2 . TRP A 1 156 ? -14.177 6.228   6.217   1.00 29.85 ? 2886 TRP A CH2 1 
ATOM   1085 N N   . GLY A 1 157 ? -9.337  8.333   7.239   1.00 27.61 ? 2887 GLY A N   1 
ATOM   1086 C CA  . GLY A 1 157 ? -10.325 8.965   8.103   1.00 28.83 ? 2887 GLY A CA  1 
ATOM   1087 C C   . GLY A 1 157 ? -10.192 10.470  8.047   1.00 30.16 ? 2887 GLY A C   1 
ATOM   1088 O O   . GLY A 1 157 ? -11.187 11.180  7.843   1.00 29.91 ? 2887 GLY A O   1 
ATOM   1089 N N   . ARG A 1 158 ? -8.957  10.950  8.234   1.00 30.62 ? 2888 ARG A N   1 
ATOM   1090 C CA  . ARG A 1 158 ? -8.664  12.377  8.232   1.00 31.09 ? 2888 ARG A CA  1 
ATOM   1091 C C   . ARG A 1 158 ? -9.051  13.018  6.893   1.00 30.89 ? 2888 ARG A C   1 
ATOM   1092 O O   . ARG A 1 158 ? -9.662  14.096  6.848   1.00 30.72 ? 2888 ARG A O   1 
ATOM   1093 C CB  . ARG A 1 158 ? -7.184  12.614  8.575   1.00 30.99 ? 2888 ARG A CB  1 
ATOM   1094 C CG  . ARG A 1 158 ? -6.720  14.064  8.443   1.00 31.86 ? 2888 ARG A CG  1 
ATOM   1095 C CD  . ARG A 1 158 ? -7.471  15.058  9.317   1.00 33.11 ? 2888 ARG A CD  1 
ATOM   1096 N NE  . ARG A 1 158 ? -7.541  14.681  10.726  1.00 35.26 ? 2888 ARG A NE  1 
ATOM   1097 C CZ  . ARG A 1 158 ? -8.457  15.148  11.574  1.00 38.09 ? 2888 ARG A CZ  1 
ATOM   1098 N NH1 . ARG A 1 158 ? -9.379  16.013  11.146  1.00 40.17 ? 2888 ARG A NH1 1 
ATOM   1099 N NH2 . ARG A 1 158 ? -8.469  14.753  12.848  1.00 38.08 ? 2888 ARG A NH2 1 
ATOM   1100 N N   . LYS A 1 159 ? -8.707  12.332  5.814   1.00 31.58 ? 2889 LYS A N   1 
ATOM   1101 C CA  . LYS A 1 159 ? -9.069  12.737  4.468   1.00 31.99 ? 2889 LYS A CA  1 
ATOM   1102 C C   . LYS A 1 159 ? -10.592 12.761  4.294   1.00 32.06 ? 2889 LYS A C   1 
ATOM   1103 O O   . LYS A 1 159 ? -11.147 13.739  3.778   1.00 32.38 ? 2889 LYS A O   1 
ATOM   1104 C CB  . LYS A 1 159 ? -8.427  11.779  3.468   1.00 32.35 ? 2889 LYS A CB  1 
ATOM   1105 C CG  . LYS A 1 159 ? -8.617  12.156  2.027   1.00 34.95 ? 2889 LYS A CG  1 
ATOM   1106 C CD  . LYS A 1 159 ? -7.526  11.519  1.143   1.00 39.95 ? 2889 LYS A CD  1 
ATOM   1107 C CE  . LYS A 1 159 ? -7.764  10.039  0.886   1.00 44.12 ? 2889 LYS A CE  1 
ATOM   1108 N NZ  . LYS A 1 159 ? -9.151  9.741   0.405   1.00 47.03 ? 2889 LYS A NZ  1 
ATOM   1109 N N   . LYS A 1 160 ? -11.260 11.688  4.703   1.00 31.28 ? 2890 LYS A N   1 
ATOM   1110 C CA  . LYS A 1 160 ? -12.715 11.640  4.630   1.00 31.58 ? 2890 LYS A CA  1 
ATOM   1111 C C   . LYS A 1 160 ? -13.365 12.797  5.414   1.00 31.54 ? 2890 LYS A C   1 
ATOM   1112 O O   . LYS A 1 160 ? -14.337 13.400  4.940   1.00 31.49 ? 2890 LYS A O   1 
ATOM   1113 C CB  . LYS A 1 160 ? -13.256 10.259  5.067   1.00 31.06 ? 2890 LYS A CB  1 
ATOM   1114 C CG  . LYS A 1 160 ? -14.772 10.132  5.145   1.00 31.93 ? 2890 LYS A CG  1 
ATOM   1115 C CD  . LYS A 1 160 ? -15.438 10.279  3.770   1.00 33.28 ? 2890 LYS A CD  1 
ATOM   1116 C CE  . LYS A 1 160 ? -15.379 8.985   3.001   1.00 36.49 ? 2890 LYS A CE  1 
ATOM   1117 N NZ  . LYS A 1 160 ? -15.739 9.159   1.579   1.00 38.12 ? 2890 LYS A NZ  1 
ATOM   1118 N N   . LYS A 1 161 ? -12.834 13.130  6.586   1.00 31.61 ? 2891 LYS A N   1 
ATOM   1119 C CA  . LYS A 1 161 ? -13.368 14.284  7.319   1.00 32.91 ? 2891 LYS A CA  1 
ATOM   1120 C C   . LYS A 1 161 ? -13.254 15.579  6.505   1.00 32.86 ? 2891 LYS A C   1 
ATOM   1121 O O   . LYS A 1 161 ? -14.189 16.386  6.450   1.00 33.23 ? 2891 LYS A O   1 
ATOM   1122 C CB  . LYS A 1 161 ? -12.723 14.416  8.706   1.00 32.79 ? 2891 LYS A CB  1 
ATOM   1123 C CG  . LYS A 1 161 ? -13.347 13.464  9.715   1.00 34.20 ? 2891 LYS A CG  1 
ATOM   1124 C CD  . LYS A 1 161 ? -12.476 13.317  10.966  1.00 36.47 ? 2891 LYS A CD  1 
ATOM   1125 C CE  . LYS A 1 161 ? -12.670 14.479  11.922  1.00 36.42 ? 2891 LYS A CE  1 
ATOM   1126 N NZ  . LYS A 1 161 ? -14.036 14.516  12.463  1.00 36.31 ? 2891 LYS A NZ  1 
ATOM   1127 N N   . GLN A 1 162 ? -12.116 15.750  5.848   1.00 33.52 ? 2892 GLN A N   1 
ATOM   1128 C CA  . GLN A 1 162 ? -11.873 16.920  5.019   1.00 34.49 ? 2892 GLN A CA  1 
ATOM   1129 C C   . GLN A 1 162 ? -12.822 16.978  3.816   1.00 35.49 ? 2892 GLN A C   1 
ATOM   1130 O O   . GLN A 1 162 ? -13.464 18.016  3.563   1.00 35.23 ? 2892 GLN A O   1 
ATOM   1131 C CB  . GLN A 1 162 ? -10.385 17.023  4.662   1.00 34.39 ? 2892 GLN A CB  1 
ATOM   1132 C CG  . GLN A 1 162 ? -9.596  17.476  5.897   1.00 34.20 ? 2892 GLN A CG  1 
ATOM   1133 C CD  . GLN A 1 162 ? -8.109  17.133  5.919   1.00 32.50 ? 2892 GLN A CD  1 
ATOM   1134 O OE1 . GLN A 1 162 ? -7.530  16.717  4.929   1.00 30.93 ? 2892 GLN A OE1 1 
ATOM   1135 N NE2 . GLN A 1 162 ? -7.479  17.347  7.082   1.00 31.94 ? 2892 GLN A NE2 1 
ATOM   1136 N N   . GLU A 1 163 ? -12.966 15.852  3.125   1.00 36.31 ? 2893 GLU A N   1 
ATOM   1137 C CA  . GLU A 1 163 ? -13.899 15.766  2.010   1.00 37.67 ? 2893 GLU A CA  1 
ATOM   1138 C C   . GLU A 1 163 ? -15.344 16.055  2.444   1.00 37.31 ? 2893 GLU A C   1 
ATOM   1139 O O   . GLU A 1 163 ? -16.031 16.820  1.777   1.00 36.98 ? 2893 GLU A O   1 
ATOM   1140 C CB  . GLU A 1 163 ? -13.796 14.410  1.311   1.00 37.92 ? 2893 GLU A CB  1 
ATOM   1141 C CG  . GLU A 1 163 ? -15.015 14.039  0.464   1.00 41.28 ? 2893 GLU A CG  1 
ATOM   1142 C CD  . GLU A 1 163 ? -15.007 12.586  0.022   1.00 46.41 ? 2893 GLU A CD  1 
ATOM   1143 O OE1 . GLU A 1 163 ? -14.156 11.817  0.524   1.00 46.63 ? 2893 GLU A OE1 1 
ATOM   1144 O OE2 . GLU A 1 163 ? -15.851 12.217  -0.835  1.00 48.32 ? 2893 GLU A OE2 1 
ATOM   1145 N N   . LEU A 1 164 ? -15.795 15.460  3.550   1.00 37.47 ? 2894 LEU A N   1 
ATOM   1146 C CA  . LEU A 1 164 ? -17.170 15.711  4.035   1.00 38.15 ? 2894 LEU A CA  1 
ATOM   1147 C C   . LEU A 1 164 ? -17.427 17.179  4.363   1.00 38.49 ? 2894 LEU A C   1 
ATOM   1148 O O   . LEU A 1 164 ? -18.516 17.699  4.094   1.00 39.04 ? 2894 LEU A O   1 
ATOM   1149 C CB  . LEU A 1 164 ? -17.555 14.817  5.217   1.00 37.72 ? 2894 LEU A CB  1 
ATOM   1150 C CG  . LEU A 1 164 ? -17.724 13.315  4.944   1.00 38.45 ? 2894 LEU A CG  1 
ATOM   1151 C CD1 . LEU A 1 164 ? -17.967 12.604  6.253   1.00 38.70 ? 2894 LEU A CD1 1 
ATOM   1152 C CD2 . LEU A 1 164 ? -18.856 12.994  3.932   1.00 38.55 ? 2894 LEU A CD2 1 
ATOM   1153 N N   . GLU A 1 165 ? -16.422 17.859  4.908   1.00 39.00 ? 2895 GLU A N   1 
ATOM   1154 C CA  . GLU A 1 165 ? -16.550 19.281  5.207   1.00 39.54 ? 2895 GLU A CA  1 
ATOM   1155 C C   . GLU A 1 165 ? -16.698 20.121  3.943   1.00 39.68 ? 2895 GLU A C   1 
ATOM   1156 O O   . GLU A 1 165 ? -17.589 20.971  3.870   1.00 38.99 ? 2895 GLU A O   1 
ATOM   1157 C CB  . GLU A 1 165 ? -15.385 19.781  6.069   1.00 39.41 ? 2895 GLU A CB  1 
ATOM   1158 C CG  . GLU A 1 165 ? -15.522 19.357  7.514   1.00 42.36 ? 2895 GLU A CG  1 
ATOM   1159 C CD  . GLU A 1 165 ? -14.458 19.943  8.415   1.00 46.85 ? 2895 GLU A CD  1 
ATOM   1160 O OE1 . GLU A 1 165 ? -14.681 19.949  9.647   1.00 47.71 ? 2895 GLU A OE1 1 
ATOM   1161 O OE2 . GLU A 1 165 ? -13.408 20.399  7.901   1.00 49.19 ? 2895 GLU A OE2 1 
ATOM   1162 N N   . ALA A 1 166 ? -15.832 19.846  2.960   1.00 40.22 ? 2896 ALA A N   1 
ATOM   1163 C CA  . ALA A 1 166 ? -15.765 20.559  1.677   1.00 40.99 ? 2896 ALA A CA  1 
ATOM   1164 C C   . ALA A 1 166 ? -17.037 20.436  0.858   1.00 41.67 ? 2896 ALA A C   1 
ATOM   1165 O O   . ALA A 1 166 ? -17.289 21.260  -0.022  1.00 41.68 ? 2896 ALA A O   1 
ATOM   1166 C CB  . ALA A 1 166 ? -14.589 20.060  0.854   1.00 40.35 ? 2896 ALA A CB  1 
ATOM   1167 N N   . LYS A 1 167 ? -17.817 19.394  1.154   1.00 42.38 ? 2897 LYS A N   1 
ATOM   1168 C CA  . LYS A 1 167 ? -19.039 19.057  0.416   1.00 43.21 ? 2897 LYS A CA  1 
ATOM   1169 C C   . LYS A 1 167 ? -20.326 19.299  1.220   1.00 42.90 ? 2897 LYS A C   1 
ATOM   1170 O O   . LYS A 1 167 ? -21.398 18.923  0.791   1.00 42.91 ? 2897 LYS A O   1 
ATOM   1171 C CB  . LYS A 1 167 ? -18.978 17.604  -0.091  1.00 43.38 ? 2897 LYS A CB  1 
ATOM   1172 C CG  . LYS A 1 167 ? -17.843 17.350  -1.072  1.00 45.10 ? 2897 LYS A CG  1 
ATOM   1173 C CD  . LYS A 1 167 ? -17.847 15.922  -1.617  1.00 47.65 ? 2897 LYS A CD  1 
ATOM   1174 C CE  . LYS A 1 167 ? -16.731 15.732  -2.680  1.00 49.30 ? 2897 LYS A CE  1 
ATOM   1175 N NZ  . LYS A 1 167 ? -16.705 14.323  -3.216  1.00 49.61 ? 2897 LYS A NZ  1 
ATOM   1176 N N   . GLY A 1 168 ? -20.206 19.918  2.388   1.00 43.08 ? 2898 GLY A N   1 
ATOM   1177 C CA  . GLY A 1 168 ? -21.367 20.385  3.125   1.00 43.29 ? 2898 GLY A CA  1 
ATOM   1178 C C   . GLY A 1 168 ? -21.705 19.686  4.425   1.00 43.67 ? 2898 GLY A C   1 
ATOM   1179 O O   . GLY A 1 168 ? -22.747 19.967  5.018   1.00 43.70 ? 2898 GLY A O   1 
ATOM   1180 N N   . GLY A 1 169 ? -20.833 18.785  4.879   1.00 43.73 ? 2899 GLY A N   1 
ATOM   1181 C CA  . GLY A 1 169 ? -21.071 18.048  6.121   1.00 44.05 ? 2899 GLY A CA  1 
ATOM   1182 C C   . GLY A 1 169 ? -21.542 16.610  5.940   1.00 44.29 ? 2899 GLY A C   1 
ATOM   1183 O O   . GLY A 1 169 ? -21.493 16.037  4.840   1.00 44.32 ? 2899 GLY A O   1 
ATOM   1184 N N   . GLY A 1 170 ? -22.004 16.023  7.033   1.00 44.28 ? 2900 GLY A N   1 
ATOM   1185 C CA  . GLY A 1 170 ? -22.507 14.655  6.990   1.00 43.98 ? 2900 GLY A CA  1 
ATOM   1186 C C   . GLY A 1 170 ? -21.534 13.697  7.656   1.00 43.44 ? 2900 GLY A C   1 
ATOM   1187 O O   . GLY A 1 170 ? -20.581 14.113  8.315   1.00 42.41 ? 2900 GLY A O   1 
ATOM   1188 N N   . THR A 1 171 ? -21.771 12.404  7.490   1.00 43.16 ? 2901 THR A N   1 
ATOM   1189 C CA  . THR A 1 171 ? -20.934 11.438  8.184   1.00 42.82 ? 2901 THR A CA  1 
ATOM   1190 C C   . THR A 1 171 ? -20.704 10.162  7.391   1.00 41.52 ? 2901 THR A C   1 
ATOM   1191 O O   . THR A 1 171 ? -21.204 10.002  6.275   1.00 41.25 ? 2901 THR A O   1 
ATOM   1192 C CB  . THR A 1 171 ? -21.435 11.164  9.644   1.00 43.45 ? 2901 THR A CB  1 
ATOM   1193 O OG1 . THR A 1 171 ? -20.493 10.318  10.334  1.00 45.03 ? 2901 THR A OG1 1 
ATOM   1194 C CG2 . THR A 1 171 ? -22.841 10.545  9.651   1.00 42.94 ? 2901 THR A CG2 1 
ATOM   1195 N N   . HIS A 1 172 ? -19.927 9.267   7.982   1.00 40.11 ? 2902 HIS A N   1 
ATOM   1196 C CA  . HIS A 1 172 ? -19.598 7.997   7.356   1.00 39.37 ? 2902 HIS A CA  1 
ATOM   1197 C C   . HIS A 1 172 ? -19.499 6.956   8.458   1.00 38.15 ? 2902 HIS A C   1 
ATOM   1198 O O   . HIS A 1 172 ? -18.927 7.241   9.511   1.00 37.92 ? 2902 HIS A O   1 
ATOM   1199 C CB  . HIS A 1 172 ? -18.280 8.117   6.587   1.00 38.83 ? 2902 HIS A CB  1 
ATOM   1200 C CG  . HIS A 1 172 ? -18.015 6.979   5.657   1.00 39.41 ? 2902 HIS A CG  1 
ATOM   1201 N ND1 . HIS A 1 172 ? -17.645 5.728   6.101   1.00 39.68 ? 2902 HIS A ND1 1 
ATOM   1202 C CD2 . HIS A 1 172 ? -18.038 6.910   4.304   1.00 39.33 ? 2902 HIS A CD2 1 
ATOM   1203 C CE1 . HIS A 1 172 ? -17.467 4.931   5.061   1.00 40.31 ? 2902 HIS A CE1 1 
ATOM   1204 N NE2 . HIS A 1 172 ? -17.713 5.619   3.961   1.00 39.72 ? 2902 HIS A NE2 1 
ATOM   1205 N N   . PRO A 1 173 ? -20.067 5.759   8.227   1.00 37.82 ? 2903 PRO A N   1 
ATOM   1206 C CA  . PRO A 1 173 ? -20.087 4.705   9.257   1.00 37.40 ? 2903 PRO A CA  1 
ATOM   1207 C C   . PRO A 1 173 ? -18.705 4.219   9.694   1.00 37.24 ? 2903 PRO A C   1 
ATOM   1208 O O   . PRO A 1 173 ? -18.565 3.721   10.820  1.00 37.31 ? 2903 PRO A O   1 
ATOM   1209 C CB  . PRO A 1 173 ? -20.861 3.560   8.581   1.00 38.01 ? 2903 PRO A CB  1 
ATOM   1210 C CG  . PRO A 1 173 ? -20.828 3.886   7.059   1.00 37.23 ? 2903 PRO A CG  1 
ATOM   1211 C CD  . PRO A 1 173 ? -20.847 5.378   7.026   1.00 37.87 ? 2903 PRO A CD  1 
ATOM   1212 N N   . LEU A 1 174 ? -17.684 4.370   8.841   1.00 36.22 ? 2904 LEU A N   1 
ATOM   1213 C CA  . LEU A 1 174 ? -16.364 3.869   9.197   1.00 35.63 ? 2904 LEU A CA  1 
ATOM   1214 C C   . LEU A 1 174 ? -15.486 4.919   9.888   1.00 34.87 ? 2904 LEU A C   1 
ATOM   1215 O O   . LEU A 1 174 ? -14.315 4.669   10.149  1.00 33.44 ? 2904 LEU A O   1 
ATOM   1216 C CB  . LEU A 1 174 ? -15.645 3.245   7.994   1.00 35.84 ? 2904 LEU A CB  1 
ATOM   1217 C CG  . LEU A 1 174 ? -16.355 2.118   7.244   1.00 37.85 ? 2904 LEU A CG  1 
ATOM   1218 C CD1 . LEU A 1 174 ? -15.541 1.692   6.041   1.00 37.08 ? 2904 LEU A CD1 1 
ATOM   1219 C CD2 . LEU A 1 174 ? -16.650 0.929   8.150   1.00 38.67 ? 2904 LEU A CD2 1 
ATOM   1220 N N   . LEU A 1 175 ? -16.060 6.088   10.177  1.00 34.27 ? 2905 LEU A N   1 
ATOM   1221 C CA  . LEU A 1 175 ? -15.355 7.116   10.947  1.00 33.81 ? 2905 LEU A CA  1 
ATOM   1222 C C   . LEU A 1 175 ? -15.391 6.790   12.429  1.00 33.62 ? 2905 LEU A C   1 
ATOM   1223 O O   . LEU A 1 175 ? -15.984 7.505   13.246  1.00 33.53 ? 2905 LEU A O   1 
ATOM   1224 C CB  . LEU A 1 175 ? -15.882 8.532   10.652  1.00 32.95 ? 2905 LEU A CB  1 
ATOM   1225 C CG  . LEU A 1 175 ? -15.448 9.143   9.311   1.00 33.58 ? 2905 LEU A CG  1 
ATOM   1226 C CD1 . LEU A 1 175 ? -16.123 10.498  9.087   1.00 32.60 ? 2905 LEU A CD1 1 
ATOM   1227 C CD2 . LEU A 1 175 ? -13.912 9.266   9.207   1.00 31.45 ? 2905 LEU A CD2 1 
ATOM   1228 N N   . VAL A 1 176 ? -14.743 5.682   12.760  1.00 33.84 ? 2906 VAL A N   1 
ATOM   1229 C CA  . VAL A 1 176 ? -14.632 5.203   14.129  1.00 33.84 ? 2906 VAL A CA  1 
ATOM   1230 C C   . VAL A 1 176 ? -13.171 4.789   14.342  1.00 33.67 ? 2906 VAL A C   1 
ATOM   1231 O O   . VAL A 1 176 ? -12.455 4.564   13.367  1.00 33.38 ? 2906 VAL A O   1 
ATOM   1232 C CB  . VAL A 1 176 ? -15.603 4.006   14.396  1.00 34.18 ? 2906 VAL A CB  1 
ATOM   1233 C CG1 . VAL A 1 176 ? -17.073 4.440   14.245  1.00 34.89 ? 2906 VAL A CG1 1 
ATOM   1234 C CG2 . VAL A 1 176 ? -15.304 2.825   13.472  1.00 33.46 ? 2906 VAL A CG2 1 
ATOM   1235 N N   . PRO A 1 177 ? -12.725 4.682   15.607  1.00 33.62 ? 2907 PRO A N   1 
ATOM   1236 C CA  . PRO A 1 177 ? -11.372 4.147   15.840  1.00 33.00 ? 2907 PRO A CA  1 
ATOM   1237 C C   . PRO A 1 177 ? -11.158 2.790   15.152  1.00 32.17 ? 2907 PRO A C   1 
ATOM   1238 O O   . PRO A 1 177 ? -12.070 1.965   15.129  1.00 31.50 ? 2907 PRO A O   1 
ATOM   1239 C CB  . PRO A 1 177 ? -11.311 3.996   17.367  1.00 32.92 ? 2907 PRO A CB  1 
ATOM   1240 C CG  . PRO A 1 177 ? -12.252 5.071   17.886  1.00 33.91 ? 2907 PRO A CG  1 
ATOM   1241 C CD  . PRO A 1 177 ? -13.405 5.054   16.872  1.00 33.77 ? 2907 PRO A CD  1 
ATOM   1242 N N   . TYR A 1 178 ? -9.970  2.588   14.576  1.00 30.87 ? 2908 TYR A N   1 
ATOM   1243 C CA  . TYR A 1 178 ? -9.619  1.318   13.927  1.00 30.42 ? 2908 TYR A CA  1 
ATOM   1244 C C   . TYR A 1 178 ? -9.892  0.078   14.790  1.00 30.37 ? 2908 TYR A C   1 
ATOM   1245 O O   . TYR A 1 178 ? -10.370 -0.943  14.291  1.00 29.57 ? 2908 TYR A O   1 
ATOM   1246 C CB  . TYR A 1 178 ? -8.142  1.343   13.500  1.00 30.19 ? 2908 TYR A CB  1 
ATOM   1247 C CG  . TYR A 1 178 ? -7.588  0.004   13.059  1.00 30.20 ? 2908 TYR A CG  1 
ATOM   1248 C CD1 . TYR A 1 178 ? -7.729  -0.424  11.743  1.00 30.65 ? 2908 TYR A CD1 1 
ATOM   1249 C CD2 . TYR A 1 178 ? -6.937  -0.834  13.953  1.00 30.00 ? 2908 TYR A CD2 1 
ATOM   1250 C CE1 . TYR A 1 178 ? -7.228  -1.628  11.323  1.00 31.92 ? 2908 TYR A CE1 1 
ATOM   1251 C CE2 . TYR A 1 178 ? -6.420  -2.064  13.537  1.00 32.23 ? 2908 TYR A CE2 1 
ATOM   1252 C CZ  . TYR A 1 178 ? -6.569  -2.449  12.216  1.00 32.91 ? 2908 TYR A CZ  1 
ATOM   1253 O OH  . TYR A 1 178 ? -6.074  -3.649  11.775  1.00 30.31 ? 2908 TYR A OH  1 
ATOM   1254 N N   . ASP A 1 179 ? -9.541  0.151   16.071  1.00 31.44 ? 2909 ASP A N   1 
ATOM   1255 C CA  . ASP A 1 179 ? -9.818  -0.957  16.988  1.00 32.86 ? 2909 ASP A CA  1 
ATOM   1256 C C   . ASP A 1 179 ? -11.291 -1.354  17.134  1.00 33.81 ? 2909 ASP A C   1 
ATOM   1257 O O   . ASP A 1 179 ? -11.567 -2.492  17.524  1.00 34.31 ? 2909 ASP A O   1 
ATOM   1258 C CB  . ASP A 1 179 ? -9.217  -0.706  18.371  1.00 32.90 ? 2909 ASP A CB  1 
ATOM   1259 C CG  . ASP A 1 179 ? -7.726  -0.913  18.394  1.00 32.32 ? 2909 ASP A CG  1 
ATOM   1260 O OD1 . ASP A 1 179 ? -7.186  -1.420  17.410  1.00 34.31 ? 2909 ASP A OD1 1 
ATOM   1261 O OD2 . ASP A 1 179 ? -7.083  -0.549  19.384  1.00 34.94 ? 2909 ASP A OD2 1 
ATOM   1262 N N   . THR A 1 180 ? -12.221 -0.442  16.837  1.00 34.51 ? 2910 THR A N   1 
ATOM   1263 C CA  . THR A 1 180 ? -13.659 -0.750  16.948  1.00 35.20 ? 2910 THR A CA  1 
ATOM   1264 C C   . THR A 1 180 ? -14.243 -1.351  15.671  1.00 35.90 ? 2910 THR A C   1 
ATOM   1265 O O   . THR A 1 180 ? -15.368 -1.864  15.672  1.00 35.54 ? 2910 THR A O   1 
ATOM   1266 C CB  . THR A 1 180 ? -14.498 0.491   17.340  1.00 35.61 ? 2910 THR A CB  1 
ATOM   1267 O OG1 . THR A 1 180 ? -14.581 1.383   16.224  1.00 36.41 ? 2910 THR A OG1 1 
ATOM   1268 C CG2 . THR A 1 180 ? -13.885 1.236   18.565  1.00 35.65 ? 2910 THR A CG2 1 
ATOM   1269 N N   . LEU A 1 181 ? -13.484 -1.274  14.577  1.00 36.22 ? 2911 LEU A N   1 
ATOM   1270 C CA  . LEU A 1 181 ? -13.897 -1.872  13.319  1.00 36.55 ? 2911 LEU A CA  1 
ATOM   1271 C C   . LEU A 1 181 ? -14.092 -3.366  13.501  1.00 37.24 ? 2911 LEU A C   1 
ATOM   1272 O O   . LEU A 1 181 ? -13.509 -3.974  14.414  1.00 38.02 ? 2911 LEU A O   1 
ATOM   1273 C CB  . LEU A 1 181 ? -12.831 -1.623  12.237  1.00 36.56 ? 2911 LEU A CB  1 
ATOM   1274 C CG  . LEU A 1 181 ? -12.542 -0.181  11.798  1.00 35.81 ? 2911 LEU A CG  1 
ATOM   1275 C CD1 . LEU A 1 181 ? -11.307 -0.140  10.902  1.00 34.12 ? 2911 LEU A CD1 1 
ATOM   1276 C CD2 . LEU A 1 181 ? -13.755 0.450   11.078  1.00 33.97 ? 2911 LEU A CD2 1 
ATOM   1277 N N   . THR A 1 182 ? -14.908 -3.967  12.637  1.00 37.24 ? 2912 THR A N   1 
ATOM   1278 C CA  . THR A 1 182 ? -15.012 -5.420  12.594  1.00 36.34 ? 2912 THR A CA  1 
ATOM   1279 C C   . THR A 1 182 ? -13.819 -5.974  11.833  1.00 36.42 ? 2912 THR A C   1 
ATOM   1280 O O   . THR A 1 182 ? -13.090 -5.222  11.154  1.00 36.05 ? 2912 THR A O   1 
ATOM   1281 C CB  . THR A 1 182 ? -16.357 -5.909  11.978  1.00 36.85 ? 2912 THR A CB  1 
ATOM   1282 O OG1 . THR A 1 182 ? -16.394 -5.633  10.576  1.00 35.41 ? 2912 THR A OG1 1 
ATOM   1283 C CG2 . THR A 1 182 ? -17.588 -5.243  12.686  1.00 36.82 ? 2912 THR A CG2 1 
ATOM   1284 N N   . ALA A 1 183 ? -13.614 -7.284  11.976  1.00 35.66 ? 2913 ALA A N   1 
ATOM   1285 C CA  . ALA A 1 183 ? -12.608 -8.033  11.247  1.00 35.31 ? 2913 ALA A CA  1 
ATOM   1286 C C   . ALA A 1 183 ? -12.730 -7.750  9.762   1.00 35.34 ? 2913 ALA A C   1 
ATOM   1287 O O   . ALA A 1 183 ? -11.740 -7.425  9.103   1.00 36.08 ? 2913 ALA A O   1 
ATOM   1288 C CB  . ALA A 1 183 ? -12.762 -9.549  11.532  1.00 35.00 ? 2913 ALA A CB  1 
ATOM   1289 N N   . LYS A 1 184 ? -13.947 -7.872  9.240   1.00 35.58 ? 2914 LYS A N   1 
ATOM   1290 C CA  . LYS A 1 184 ? -14.234 -7.602  7.832   1.00 35.56 ? 2914 LYS A CA  1 
ATOM   1291 C C   . LYS A 1 184 ? -13.795 -6.175  7.472   1.00 34.49 ? 2914 LYS A C   1 
ATOM   1292 O O   . LYS A 1 184 ? -13.152 -5.951  6.444   1.00 33.91 ? 2914 LYS A O   1 
ATOM   1293 C CB  . LYS A 1 184 ? -15.736 -7.824  7.549   1.00 36.55 ? 2914 LYS A CB  1 
ATOM   1294 C CG  . LYS A 1 184 ? -16.143 -7.860  6.067   1.00 39.34 ? 2914 LYS A CG  1 
ATOM   1295 C CD  . LYS A 1 184 ? -15.480 -9.026  5.289   1.00 44.53 ? 2914 LYS A CD  1 
ATOM   1296 C CE  . LYS A 1 184 ? -15.535 -8.832  3.752   1.00 47.61 ? 2914 LYS A CE  1 
ATOM   1297 N NZ  . LYS A 1 184 ? -15.194 -10.107 3.001   1.00 49.44 ? 2914 LYS A NZ  1 
ATOM   1298 N N   . GLU A 1 185 ? -14.122 -5.226  8.347   1.00 33.30 ? 2915 GLU A N   1 
ATOM   1299 C CA  . GLU A 1 185 ? -13.740 -3.816  8.154   1.00 32.81 ? 2915 GLU A CA  1 
ATOM   1300 C C   . GLU A 1 185 ? -12.236 -3.547  8.230   1.00 31.80 ? 2915 GLU A C   1 
ATOM   1301 O O   . GLU A 1 185 ? -11.740 -2.666  7.533   1.00 31.74 ? 2915 GLU A O   1 
ATOM   1302 C CB  . GLU A 1 185 ? -14.519 -2.907  9.108   1.00 32.35 ? 2915 GLU A CB  1 
ATOM   1303 C CG  . GLU A 1 185 ? -15.970 -2.843  8.697   1.00 34.46 ? 2915 GLU A CG  1 
ATOM   1304 C CD  . GLU A 1 185 ? -16.903 -2.337  9.768   1.00 34.34 ? 2915 GLU A CD  1 
ATOM   1305 O OE1 . GLU A 1 185 ? -16.535 -2.266  10.956  1.00 35.67 ? 2915 GLU A OE1 1 
ATOM   1306 O OE2 . GLU A 1 185 ? -18.037 -2.001  9.396   1.00 38.12 ? 2915 GLU A OE2 1 
ATOM   1307 N N   . LYS A 1 186 ? -11.520 -4.320  9.050   1.00 30.74 ? 2916 LYS A N   1 
ATOM   1308 C CA  . LYS A 1 186 ? -10.058 -4.168  9.203   1.00 30.20 ? 2916 LYS A CA  1 
ATOM   1309 C C   . LYS A 1 186 ? -9.271  -4.750  8.018   1.00 30.18 ? 2916 LYS A C   1 
ATOM   1310 O O   . LYS A 1 186 ? -8.077  -4.430  7.837   1.00 30.42 ? 2916 LYS A O   1 
ATOM   1311 C CB  . LYS A 1 186 ? -9.567  -4.818  10.502  1.00 29.37 ? 2916 LYS A CB  1 
ATOM   1312 C CG  . LYS A 1 186 ? -9.877  -4.014  11.734  1.00 28.59 ? 2916 LYS A CG  1 
ATOM   1313 C CD  . LYS A 1 186 ? -9.415  -4.718  13.017  1.00 32.48 ? 2916 LYS A CD  1 
ATOM   1314 C CE  . LYS A 1 186 ? -10.143 -4.153  14.227  1.00 33.04 ? 2916 LYS A CE  1 
ATOM   1315 N NZ  . LYS A 1 186 ? -9.894  -4.905  15.465  1.00 39.92 ? 2916 LYS A NZ  1 
ATOM   1316 N N   . ALA A 1 187 ? -9.941  -5.560  7.199   1.00 28.88 ? 2917 ALA A N   1 
ATOM   1317 C CA  . ALA A 1 187 ? -9.248  -6.489  6.290   1.00 29.43 ? 2917 ALA A CA  1 
ATOM   1318 C C   . ALA A 1 187 ? -8.346  -5.814  5.271   1.00 29.00 ? 2917 ALA A C   1 
ATOM   1319 O O   . ALA A 1 187 ? -7.243  -6.267  5.032   1.00 29.74 ? 2917 ALA A O   1 
ATOM   1320 C CB  . ALA A 1 187 ? -10.278 -7.428  5.539   1.00 29.11 ? 2917 ALA A CB  1 
ATOM   1321 N N   . ARG A 1 188 ? -8.854  -4.754  4.651   1.00 29.23 ? 2918 ARG A N   1 
ATOM   1322 C CA  . ARG A 1 188 ? -8.222  -4.109  3.524   1.00 29.18 ? 2918 ARG A CA  1 
ATOM   1323 C C   . ARG A 1 188 ? -6.950  -3.373  3.976   1.00 28.90 ? 2918 ARG A C   1 
ATOM   1324 O O   . ARG A 1 188 ? -5.941  -3.393  3.277   1.00 28.68 ? 2918 ARG A O   1 
ATOM   1325 C CB  . ARG A 1 188 ? -9.220  -3.156  2.844   1.00 29.51 ? 2918 ARG A CB  1 
ATOM   1326 N N   . ASP A 1 189 ? -7.009  -2.752  5.154   1.00 28.93 ? 2919 ASP A N   1 
ATOM   1327 C CA  . ASP A 1 189 ? -5.833  -2.115  5.774   1.00 28.75 ? 2919 ASP A CA  1 
ATOM   1328 C C   . ASP A 1 189 ? -4.811  -3.161  6.222   1.00 28.73 ? 2919 ASP A C   1 
ATOM   1329 O O   . ASP A 1 189 ? -3.605  -2.998  5.979   1.00 28.02 ? 2919 ASP A O   1 
ATOM   1330 C CB  . ASP A 1 189 ? -6.226  -1.244  6.964   1.00 28.48 ? 2919 ASP A CB  1 
ATOM   1331 C CG  . ASP A 1 189 ? -7.119  -0.073  6.578   1.00 28.86 ? 2919 ASP A CG  1 
ATOM   1332 O OD1 . ASP A 1 189 ? -7.966  0.304   7.428   1.00 26.92 ? 2919 ASP A OD1 1 
ATOM   1333 O OD2 . ASP A 1 189 ? -6.967  0.470   5.451   1.00 28.47 ? 2919 ASP A OD2 1 
ATOM   1334 N N   . ARG A 1 190 ? -5.299  -4.235  6.858   1.00 28.81 ? 2920 ARG A N   1 
ATOM   1335 C CA  . ARG A 1 190 ? -4.436  -5.363  7.256   1.00 29.12 ? 2920 ARG A CA  1 
ATOM   1336 C C   . ARG A 1 190 ? -3.735  -5.952  6.058   1.00 29.62 ? 2920 ARG A C   1 
ATOM   1337 O O   . ARG A 1 190 ? -2.541  -6.238  6.099   1.00 30.49 ? 2920 ARG A O   1 
ATOM   1338 C CB  . ARG A 1 190 ? -5.235  -6.457  7.949   1.00 28.59 ? 2920 ARG A CB  1 
ATOM   1339 C CG  . ARG A 1 190 ? -5.557  -6.114  9.362   1.00 27.38 ? 2920 ARG A CG  1 
ATOM   1340 C CD  . ARG A 1 190 ? -6.353  -7.212  9.996   1.00 25.91 ? 2920 ARG A CD  1 
ATOM   1341 N NE  . ARG A 1 190 ? -6.343  -7.035  11.435  1.00 27.73 ? 2920 ARG A NE  1 
ATOM   1342 C CZ  . ARG A 1 190 ? -7.206  -7.594  12.280  1.00 29.92 ? 2920 ARG A CZ  1 
ATOM   1343 N NH1 . ARG A 1 190 ? -8.188  -8.377  11.841  1.00 26.96 ? 2920 ARG A NH1 1 
ATOM   1344 N NH2 . ARG A 1 190 ? -7.062  -7.379  13.580  1.00 32.25 ? 2920 ARG A NH2 1 
ATOM   1345 N N   . GLU A 1 191 ? -4.477  -6.100  4.979   1.00 30.20 ? 2921 GLU A N   1 
ATOM   1346 C CA  . GLU A 1 191 ? -3.936  -6.706  3.785   1.00 31.15 ? 2921 GLU A CA  1 
ATOM   1347 C C   . GLU A 1 191 ? -2.858  -5.858  3.125   1.00 30.53 ? 2921 GLU A C   1 
ATOM   1348 O O   . GLU A 1 191 ? -1.805  -6.392  2.732   1.00 31.22 ? 2921 GLU A O   1 
ATOM   1349 C CB  . GLU A 1 191 ? -5.069  -7.100  2.835   1.00 31.66 ? 2921 GLU A CB  1 
ATOM   1350 C CG  . GLU A 1 191 ? -4.625  -7.854  1.599   1.00 37.78 ? 2921 GLU A CG  1 
ATOM   1351 C CD  . GLU A 1 191 ? -4.803  -7.007  0.363   1.00 46.46 ? 2921 GLU A CD  1 
ATOM   1352 O OE1 . GLU A 1 191 ? -5.985  -6.779  -0.030  1.00 48.07 ? 2921 GLU A OE1 1 
ATOM   1353 O OE2 . GLU A 1 191 ? -3.767  -6.544  -0.184  1.00 48.87 ? 2921 GLU A OE2 1 
ATOM   1354 N N   . LYS A 1 192 ? -3.068  -4.543  3.049   1.00 29.92 ? 2922 LYS A N   1 
ATOM   1355 C CA  . LYS A 1 192 ? -2.040  -3.632  2.509   1.00 29.00 ? 2922 LYS A CA  1 
ATOM   1356 C C   . LYS A 1 192 ? -0.747  -3.647  3.330   1.00 29.00 ? 2922 LYS A C   1 
ATOM   1357 O O   . LYS A 1 192 ? 0.369   -3.562  2.771   1.00 28.00 ? 2922 LYS A O   1 
ATOM   1358 C CB  . LYS A 1 192 ? -2.580  -2.199  2.446   1.00 29.09 ? 2922 LYS A CB  1 
ATOM   1359 C CG  . LYS A 1 192 ? -1.649  -1.188  1.794   1.00 29.49 ? 2922 LYS A CG  1 
ATOM   1360 C CD  . LYS A 1 192 ? -2.245  0.227   1.854   1.00 31.93 ? 2922 LYS A CD  1 
ATOM   1361 C CE  . LYS A 1 192 ? -1.240  1.287   1.351   1.00 32.96 ? 2922 LYS A CE  1 
ATOM   1362 N NZ  . LYS A 1 192 ? -1.876  2.658   1.301   1.00 32.57 ? 2922 LYS A NZ  1 
ATOM   1363 N N   . ALA A 1 193 ? -0.910  -3.730  4.654   1.00 28.03 ? 2923 ALA A N   1 
ATOM   1364 C CA  . ALA A 1 193 ? 0.209   -3.705  5.591   1.00 28.03 ? 2923 ALA A CA  1 
ATOM   1365 C C   . ALA A 1 193 ? 1.001   -5.012  5.474   1.00 28.51 ? 2923 ALA A C   1 
ATOM   1366 O O   . ALA A 1 193 ? 2.234   -4.964  5.332   1.00 28.67 ? 2923 ALA A O   1 
ATOM   1367 C CB  . ALA A 1 193 ? -0.278  -3.464  7.036   1.00 26.97 ? 2923 ALA A CB  1 
ATOM   1368 N N   . GLN A 1 194 ? 0.279   -6.144  5.490   1.00 28.24 ? 2924 GLN A N   1 
ATOM   1369 C CA  . GLN A 1 194 ? 0.811   -7.487  5.242   1.00 29.72 ? 2924 GLN A CA  1 
ATOM   1370 C C   . GLN A 1 194 ? 1.626   -7.565  3.933   1.00 29.46 ? 2924 GLN A C   1 
ATOM   1371 O O   . GLN A 1 194 ? 2.747   -8.085  3.904   1.00 30.14 ? 2924 GLN A O   1 
ATOM   1372 C CB  . GLN A 1 194 ? -0.348  -8.500  5.129   1.00 30.04 ? 2924 GLN A CB  1 
ATOM   1373 C CG  . GLN A 1 194 ? -0.819  -9.164  6.422   1.00 33.16 ? 2924 GLN A CG  1 
ATOM   1374 C CD  . GLN A 1 194 ? -1.810  -10.285 6.143   1.00 38.15 ? 2924 GLN A CD  1 
ATOM   1375 O OE1 . GLN A 1 194 ? -1.822  -10.879 5.041   1.00 41.54 ? 2924 GLN A OE1 1 
ATOM   1376 N NE2 . GLN A 1 194 ? -2.660  -10.573 7.115   1.00 37.71 ? 2924 GLN A NE2 1 
ATOM   1377 N N   . GLU A 1 195 ? 1.058   -7.040  2.856   1.00 29.41 ? 2925 GLU A N   1 
ATOM   1378 C CA  A GLU A 1 195 ? 1.724   -7.100  1.562   0.50 29.48 ? 2925 GLU A CA  1 
ATOM   1379 C CA  B GLU A 1 195 ? 1.698   -7.049  1.546   0.50 29.40 ? 2925 GLU A CA  1 
ATOM   1380 C C   . GLU A 1 195 ? 3.077   -6.383  1.600   1.00 29.26 ? 2925 GLU A C   1 
ATOM   1381 O O   . GLU A 1 195 ? 4.068   -6.905  1.057   1.00 29.15 ? 2925 GLU A O   1 
ATOM   1382 C CB  A GLU A 1 195 ? 0.820   -6.583  0.437   0.50 29.67 ? 2925 GLU A CB  1 
ATOM   1383 C CB  B GLU A 1 195 ? 0.793   -6.342  0.535   0.50 29.55 ? 2925 GLU A CB  1 
ATOM   1384 C CG  A GLU A 1 195 ? -0.391  -7.485  0.167   0.50 30.87 ? 2925 GLU A CG  1 
ATOM   1385 C CG  B GLU A 1 195 ? 1.252   -6.410  -0.898  0.50 30.42 ? 2925 GLU A CG  1 
ATOM   1386 C CD  A GLU A 1 195 ? -0.010  -8.811  -0.475  0.50 32.54 ? 2925 GLU A CD  1 
ATOM   1387 C CD  B GLU A 1 195 ? 0.290   -5.702  -1.831  0.50 31.88 ? 2925 GLU A CD  1 
ATOM   1388 O OE1 A GLU A 1 195 ? 0.319   -8.778  -1.675  0.50 34.55 ? 2925 GLU A OE1 1 
ATOM   1389 O OE1 B GLU A 1 195 ? -0.810  -6.252  -2.066  0.50 30.92 ? 2925 GLU A OE1 1 
ATOM   1390 O OE2 A GLU A 1 195 ? -0.060  -9.876  0.195   0.50 31.82 ? 2925 GLU A OE2 1 
ATOM   1391 O OE2 B GLU A 1 195 ? 0.643   -4.597  -2.320  0.50 32.06 ? 2925 GLU A OE2 1 
ATOM   1392 N N   . LEU A 1 196 ? 3.128   -5.224  2.263   1.00 28.45 ? 2926 LEU A N   1 
ATOM   1393 C CA  . LEU A 1 196 ? 4.355   -4.454  2.383   1.00 27.34 ? 2926 LEU A CA  1 
ATOM   1394 C C   . LEU A 1 196 ? 5.438   -5.205  3.145   1.00 27.19 ? 2926 LEU A C   1 
ATOM   1395 O O   . LEU A 1 196 ? 6.586   -5.326  2.693   1.00 27.11 ? 2926 LEU A O   1 
ATOM   1396 C CB  . LEU A 1 196 ? 4.089   -3.092  3.022   1.00 27.75 ? 2926 LEU A CB  1 
ATOM   1397 C CG  . LEU A 1 196 ? 5.342   -2.267  3.381   1.00 25.83 ? 2926 LEU A CG  1 
ATOM   1398 C CD1 . LEU A 1 196 ? 6.215   -1.977  2.159   1.00 23.61 ? 2926 LEU A CD1 1 
ATOM   1399 C CD2 . LEU A 1 196 ? 4.989   -0.993  4.127   1.00 25.29 ? 2926 LEU A CD2 1 
ATOM   1400 N N   . LEU A 1 197 ? 5.072   -5.713  4.311   1.00 27.37 ? 2927 LEU A N   1 
ATOM   1401 C CA  . LEU A 1 197 ? 5.998   -6.476  5.115   1.00 27.17 ? 2927 LEU A CA  1 
ATOM   1402 C C   . LEU A 1 197 ? 6.422   -7.816  4.481   1.00 27.53 ? 2927 LEU A C   1 
ATOM   1403 O O   . LEU A 1 197 ? 7.582   -8.180  4.537   1.00 28.64 ? 2927 LEU A O   1 
ATOM   1404 C CB  . LEU A 1 197 ? 5.447   -6.616  6.537   1.00 27.46 ? 2927 LEU A CB  1 
ATOM   1405 C CG  . LEU A 1 197 ? 5.109   -5.284  7.231   1.00 26.25 ? 2927 LEU A CG  1 
ATOM   1406 C CD1 . LEU A 1 197 ? 4.551   -5.549  8.655   1.00 26.84 ? 2927 LEU A CD1 1 
ATOM   1407 C CD2 . LEU A 1 197 ? 6.338   -4.394  7.336   1.00 27.20 ? 2927 LEU A CD2 1 
ATOM   1408 N N   . LYS A 1 198 ? 5.506   -8.540  3.857   1.00 28.22 ? 2928 LYS A N   1 
ATOM   1409 C CA  . LYS A 1 198 ? 5.872   -9.764  3.144   1.00 28.11 ? 2928 LYS A CA  1 
ATOM   1410 C C   . LYS A 1 198 ? 6.803   -9.515  1.972   1.00 28.74 ? 2928 LYS A C   1 
ATOM   1411 O O   . LYS A 1 198 ? 7.736   -10.320 1.724   1.00 28.96 ? 2928 LYS A O   1 
ATOM   1412 C CB  . LYS A 1 198 ? 4.648   -10.464 2.597   1.00 28.30 ? 2928 LYS A CB  1 
ATOM   1413 C CG  . LYS A 1 198 ? 3.698   -11.083 3.606   1.00 28.43 ? 2928 LYS A CG  1 
ATOM   1414 C CD  . LYS A 1 198 ? 2.630   -11.741 2.759   1.00 33.15 ? 2928 LYS A CD  1 
ATOM   1415 C CE  . LYS A 1 198 ? 1.528   -12.387 3.546   1.00 36.88 ? 2928 LYS A CE  1 
ATOM   1416 N NZ  . LYS A 1 198 ? 0.451   -12.721 2.571   1.00 35.46 ? 2928 LYS A NZ  1 
ATOM   1417 N N   . PHE A 1 199 ? 6.566   -8.422  1.242   1.00 28.53 ? 2929 PHE A N   1 
ATOM   1418 C CA  . PHE A 1 199 ? 7.424   -8.097  0.122   1.00 29.20 ? 2929 PHE A CA  1 
ATOM   1419 C C   . PHE A 1 199 ? 8.786   -7.616  0.626   1.00 29.12 ? 2929 PHE A C   1 
ATOM   1420 O O   . PHE A 1 199 ? 9.805   -7.927  0.016   1.00 29.52 ? 2929 PHE A O   1 
ATOM   1421 C CB  . PHE A 1 199 ? 6.760   -7.138  -0.891  1.00 29.23 ? 2929 PHE A CB  1 
ATOM   1422 C CG  . PHE A 1 199 ? 7.413   -7.147  -2.258  1.00 28.87 ? 2929 PHE A CG  1 
ATOM   1423 C CD1 . PHE A 1 199 ? 7.055   -8.101  -3.214  1.00 32.24 ? 2929 PHE A CD1 1 
ATOM   1424 C CD2 . PHE A 1 199 ? 8.392   -6.206  -2.589  1.00 28.60 ? 2929 PHE A CD2 1 
ATOM   1425 C CE1 . PHE A 1 199 ? 7.674   -8.117  -4.485  1.00 32.99 ? 2929 PHE A CE1 1 
ATOM   1426 C CE2 . PHE A 1 199 ? 9.012   -6.210  -3.845  1.00 28.60 ? 2929 PHE A CE2 1 
ATOM   1427 C CZ  . PHE A 1 199 ? 8.656   -7.161  -4.795  1.00 30.17 ? 2929 PHE A CZ  1 
ATOM   1428 N N   . LEU A 1 200 ? 8.813   -6.903  1.753   1.00 29.87 ? 2930 LEU A N   1 
ATOM   1429 C CA  . LEU A 1 200 ? 10.082  -6.568  2.419   1.00 29.30 ? 2930 LEU A CA  1 
ATOM   1430 C C   . LEU A 1 200 ? 10.848  -7.829  2.795   1.00 30.19 ? 2930 LEU A C   1 
ATOM   1431 O O   . LEU A 1 200 ? 12.034  -7.978  2.468   1.00 28.90 ? 2930 LEU A O   1 
ATOM   1432 C CB  . LEU A 1 200 ? 9.859   -5.710  3.665   1.00 29.42 ? 2930 LEU A CB  1 
ATOM   1433 C CG  . LEU A 1 200 ? 9.700   -4.195  3.450   1.00 27.91 ? 2930 LEU A CG  1 
ATOM   1434 C CD1 . LEU A 1 200 ? 9.186   -3.510  4.700   1.00 29.14 ? 2930 LEU A CD1 1 
ATOM   1435 C CD2 . LEU A 1 200 ? 11.008  -3.593  3.022   1.00 28.17 ? 2930 LEU A CD2 1 
ATOM   1436 N N   . GLN A 1 201 ? 10.148  -8.755  3.460   1.00 30.26 ? 2931 GLN A N   1 
ATOM   1437 C CA  . GLN A 1 201 ? 10.750  -10.023 3.853   1.00 30.93 ? 2931 GLN A CA  1 
ATOM   1438 C C   . GLN A 1 201 ? 11.264  -10.847 2.663   1.00 31.88 ? 2931 GLN A C   1 
ATOM   1439 O O   . GLN A 1 201 ? 12.366  -11.376 2.715   1.00 31.93 ? 2931 GLN A O   1 
ATOM   1440 C CB  . GLN A 1 201 ? 9.755   -10.846 4.653   1.00 30.33 ? 2931 GLN A CB  1 
ATOM   1441 C CG  . GLN A 1 201 ? 10.292  -12.128 5.237   1.00 29.41 ? 2931 GLN A CG  1 
ATOM   1442 C CD  . GLN A 1 201 ? 9.320   -12.703 6.271   1.00 29.39 ? 2931 GLN A CD  1 
ATOM   1443 O OE1 . GLN A 1 201 ? 9.030   -12.056 7.275   1.00 30.27 ? 2931 GLN A OE1 1 
ATOM   1444 N NE2 . GLN A 1 201 ? 8.785   -13.889 6.003   1.00 29.47 ? 2931 GLN A NE2 1 
ATOM   1445 N N   . MET A 1 202 ? 10.451  -10.975 1.615   1.00 32.84 ? 2932 MET A N   1 
ATOM   1446 C CA  . MET A 1 202 ? 10.806  -11.760 0.445   1.00 33.98 ? 2932 MET A CA  1 
ATOM   1447 C C   . MET A 1 202 ? 12.075  -11.225 -0.218  1.00 33.47 ? 2932 MET A C   1 
ATOM   1448 O O   . MET A 1 202 ? 12.829  -11.984 -0.800  1.00 32.66 ? 2932 MET A O   1 
ATOM   1449 C CB  . MET A 1 202 ? 9.662   -11.772 -0.567  1.00 35.08 ? 2932 MET A CB  1 
ATOM   1450 C CG  . MET A 1 202 ? 9.931   -12.662 -1.772  1.00 41.24 ? 2932 MET A CG  1 
ATOM   1451 S SD  . MET A 1 202 ? 8.654   -12.594 -3.052  1.00 52.08 ? 2932 MET A SD  1 
ATOM   1452 C CE  . MET A 1 202 ? 7.584   -13.917 -2.473  1.00 50.59 ? 2932 MET A CE  1 
ATOM   1453 N N   . ASN A 1 203 ? 12.292  -9.914  -0.120  1.00 33.10 ? 2933 ASN A N   1 
ATOM   1454 C CA  . ASN A 1 203 ? 13.479  -9.258  -0.689  1.00 32.59 ? 2933 ASN A CA  1 
ATOM   1455 C C   . ASN A 1 203 ? 14.694  -9.142  0.233   1.00 32.42 ? 2933 ASN A C   1 
ATOM   1456 O O   . ASN A 1 203 ? 15.649  -8.437  -0.088  1.00 32.90 ? 2933 ASN A O   1 
ATOM   1457 C CB  . ASN A 1 203 ? 13.094  -7.893  -1.233  1.00 31.99 ? 2933 ASN A CB  1 
ATOM   1458 C CG  . ASN A 1 203 ? 12.402  -7.999  -2.581  1.00 33.76 ? 2933 ASN A CG  1 
ATOM   1459 O OD1 . ASN A 1 203 ? 13.057  -7.907  -3.626  1.00 36.31 ? 2933 ASN A OD1 1 
ATOM   1460 N ND2 . ASN A 1 203 ? 11.088  -8.246  -2.570  1.00 30.47 ? 2933 ASN A ND2 1 
ATOM   1461 N N   . GLY A 1 204 ? 14.656  -9.827  1.372   1.00 32.28 ? 2934 GLY A N   1 
ATOM   1462 C CA  . GLY A 1 204 ? 15.811  -9.871  2.281   1.00 32.03 ? 2934 GLY A CA  1 
ATOM   1463 C C   . GLY A 1 204 ? 15.894  -8.769  3.323   1.00 31.89 ? 2934 GLY A C   1 
ATOM   1464 O O   . GLY A 1 204 ? 16.902  -8.641  4.007   1.00 32.73 ? 2934 GLY A O   1 
ATOM   1465 N N   . TYR A 1 205 ? 14.849  -7.965  3.463   1.00 31.73 ? 2935 TYR A N   1 
ATOM   1466 C CA  . TYR A 1 205 ? 14.883  -6.895  4.448   1.00 31.86 ? 2935 TYR A CA  1 
ATOM   1467 C C   . TYR A 1 205 ? 14.445  -7.349  5.836   1.00 32.37 ? 2935 TYR A C   1 
ATOM   1468 O O   . TYR A 1 205 ? 13.454  -8.081  5.980   1.00 32.59 ? 2935 TYR A O   1 
ATOM   1469 C CB  . TYR A 1 205 ? 14.036  -5.704  3.996   1.00 31.79 ? 2935 TYR A CB  1 
ATOM   1470 C CG  . TYR A 1 205 ? 14.604  -4.952  2.812   1.00 31.96 ? 2935 TYR A CG  1 
ATOM   1471 C CD1 . TYR A 1 205 ? 14.322  -5.355  1.504   1.00 29.95 ? 2935 TYR A CD1 1 
ATOM   1472 C CD2 . TYR A 1 205 ? 15.423  -3.838  3.000   1.00 31.93 ? 2935 TYR A CD2 1 
ATOM   1473 C CE1 . TYR A 1 205 ? 14.837  -4.661  0.417   1.00 30.87 ? 2935 TYR A CE1 1 
ATOM   1474 C CE2 . TYR A 1 205 ? 15.949  -3.137  1.916   1.00 30.85 ? 2935 TYR A CE2 1 
ATOM   1475 C CZ  . TYR A 1 205 ? 15.647  -3.556  0.630   1.00 32.90 ? 2935 TYR A CZ  1 
ATOM   1476 O OH  . TYR A 1 205 ? 16.163  -2.883  -0.454  1.00 35.33 ? 2935 TYR A OH  1 
ATOM   1477 N N   . ALA A 1 206 ? 15.190  -6.900  6.847   1.00 32.28 ? 2936 ALA A N   1 
ATOM   1478 C CA  . ALA A 1 206 ? 14.832  -7.111  8.246   1.00 33.21 ? 2936 ALA A CA  1 
ATOM   1479 C C   . ALA A 1 206 ? 14.140  -5.855  8.813   1.00 33.84 ? 2936 ALA A C   1 
ATOM   1480 O O   . ALA A 1 206 ? 14.708  -4.772  8.789   1.00 34.09 ? 2936 ALA A O   1 
ATOM   1481 C CB  . ALA A 1 206 ? 16.081  -7.471  9.073   1.00 32.53 ? 2936 ALA A CB  1 
ATOM   1482 N N   . VAL A 1 207 ? 12.909  -5.997  9.302   1.00 34.33 ? 2937 VAL A N   1 
ATOM   1483 C CA  . VAL A 1 207 ? 12.209  -4.857  9.901   1.00 35.56 ? 2937 VAL A CA  1 
ATOM   1484 C C   . VAL A 1 207 ? 12.001  -5.075  11.401  1.00 36.98 ? 2937 VAL A C   1 
ATOM   1485 O O   . VAL A 1 207 ? 11.346  -6.042  11.790  1.00 37.32 ? 2937 VAL A O   1 
ATOM   1486 C CB  . VAL A 1 207 ? 10.838  -4.619  9.226   1.00 35.25 ? 2937 VAL A CB  1 
ATOM   1487 C CG1 . VAL A 1 207 ? 10.202  -3.327  9.734   1.00 33.71 ? 2937 VAL A CG1 1 
ATOM   1488 C CG2 . VAL A 1 207 ? 10.990  -4.603  7.716   1.00 34.11 ? 2937 VAL A CG2 1 
ATOM   1489 N N   . THR A 1 208 ? 12.561  -4.189  12.226  1.00 38.00 ? 2938 THR A N   1 
ATOM   1490 C CA  . THR A 1 208 ? 12.421  -4.275  13.693  1.00 40.01 ? 2938 THR A CA  1 
ATOM   1491 C C   . THR A 1 208 ? 11.904  -2.945  14.235  1.00 41.16 ? 2938 THR A C   1 
ATOM   1492 O O   . THR A 1 208 ? 12.016  -1.910  13.560  1.00 41.11 ? 2938 THR A O   1 
ATOM   1493 C CB  . THR A 1 208 ? 13.767  -4.598  14.414  1.00 40.17 ? 2938 THR A CB  1 
ATOM   1494 O OG1 . THR A 1 208 ? 14.643  -3.474  14.295  1.00 40.12 ? 2938 THR A OG1 1 
ATOM   1495 C CG2 . THR A 1 208 ? 14.454  -5.823  13.805  1.00 40.63 ? 2938 THR A CG2 1 
ATOM   1496 N N   . SER A 1 209 ? 11.344  -2.981  15.449  1.00 42.44 ? 2939 SER A N   1 
ATOM   1497 C CA  . SER A 1 209 ? 10.763  -1.797  16.101  1.00 43.10 ? 2939 SER A CA  1 
ATOM   1498 C C   . SER A 1 209 ? 11.788  -0.727  16.452  1.00 43.44 ? 2939 SER A C   1 
ATOM   1499 O O   . SER A 1 209 ? 12.852  -1.025  16.997  1.00 44.24 ? 2939 SER A O   1 
ATOM   1500 C CB  . SER A 1 209 ? 9.982   -2.208  17.354  1.00 43.30 ? 2939 SER A CB  1 
ATOM   1501 O OG  . SER A 1 209 ? 8.754   -2.810  16.984  1.00 44.81 ? 2939 SER A OG  1 
HETATM 1502 C C1  . GOL B 2 .   ? -6.680  8.295   16.452  1.00 47.25 ? 3001 GOL A C1  1 
HETATM 1503 O O1  . GOL B 2 .   ? -5.399  8.854   16.188  1.00 43.85 ? 3001 GOL A O1  1 
HETATM 1504 C C2  . GOL B 2 .   ? -6.623  6.829   16.930  1.00 48.63 ? 3001 GOL A C2  1 
HETATM 1505 O O2  . GOL B 2 .   ? -7.877  6.201   16.719  1.00 48.38 ? 3001 GOL A O2  1 
HETATM 1506 C C3  . GOL B 2 .   ? -5.565  6.002   16.196  1.00 47.10 ? 3001 GOL A C3  1 
HETATM 1507 O O3  . GOL B 2 .   ? -4.319  6.142   16.840  1.00 49.04 ? 3001 GOL A O3  1 
HETATM 1508 C C1  . GOL C 2 .   ? -11.727 1.571   6.013   1.00 52.91 ? 3002 GOL A C1  1 
HETATM 1509 O O1  . GOL C 2 .   ? -12.159 1.920   7.311   1.00 52.89 ? 3002 GOL A O1  1 
HETATM 1510 C C2  . GOL C 2 .   ? -10.475 2.355   5.644   1.00 50.86 ? 3002 GOL A C2  1 
HETATM 1511 O O2  . GOL C 2 .   ? -9.642  2.355   6.772   1.00 48.44 ? 3002 GOL A O2  1 
HETATM 1512 C C3  . GOL C 2 .   ? -9.782  1.580   4.528   1.00 54.19 ? 3002 GOL A C3  1 
HETATM 1513 O O3  . GOL C 2 .   ? -8.898  2.383   3.774   1.00 55.01 ? 3002 GOL A O3  1 
HETATM 1514 C C1  . GOL D 2 .   ? 0.504   15.894  7.243   1.00 66.96 ? 3003 GOL A C1  1 
HETATM 1515 O O1  . GOL D 2 .   ? 1.675   16.049  8.018   1.00 67.69 ? 3003 GOL A O1  1 
HETATM 1516 C C2  . GOL D 2 .   ? 0.431   14.517  6.570   1.00 67.70 ? 3003 GOL A C2  1 
HETATM 1517 O O2  . GOL D 2 .   ? 1.657   13.795  6.610   1.00 66.10 ? 3003 GOL A O2  1 
HETATM 1518 C C3  . GOL D 2 .   ? -0.706  13.714  7.201   1.00 67.05 ? 3003 GOL A C3  1 
HETATM 1519 O O3  . GOL D 2 .   ? -0.456  12.341  7.003   1.00 67.67 ? 3003 GOL A O3  1 
HETATM 1520 O O   . HOH E 3 .   ? 0.970   8.923   7.661   1.00 28.33 ? 3101 HOH A O   1 
HETATM 1521 O O   . HOH E 3 .   ? 5.570   10.444  0.147   1.00 38.14 ? 3102 HOH A O   1 
HETATM 1522 O O   . HOH E 3 .   ? -18.250 22.186  6.254   1.00 30.83 ? 3103 HOH A O   1 
HETATM 1523 O O   . HOH E 3 .   ? -7.883  4.637   14.418  1.00 25.55 ? 3104 HOH A O   1 
HETATM 1524 O O   . HOH E 3 .   ? 2.160   0.540   0.758   1.00 29.07 ? 3105 HOH A O   1 
HETATM 1525 O O   . HOH E 3 .   ? -4.254  3.172   2.497   1.00 33.36 ? 3106 HOH A O   1 
HETATM 1526 O O   . HOH E 3 .   ? -1.763  6.467   13.053  1.00 29.62 ? 3107 HOH A O   1 
HETATM 1527 O O   . HOH E 3 .   ? 14.294  11.601  8.051   1.00 36.30 ? 3108 HOH A O   1 
HETATM 1528 O O   . HOH E 3 .   ? 8.364   -17.522 5.005   1.00 40.98 ? 3109 HOH A O   1 
HETATM 1529 O O   . HOH E 3 .   ? 0.094   4.413   1.935   1.00 24.71 ? 3110 HOH A O   1 
HETATM 1530 O O   . HOH E 3 .   ? 10.190  -15.503 3.368   1.00 51.91 ? 3111 HOH A O   1 
HETATM 1531 O O   . HOH E 3 .   ? 1.395   1.106   -4.608  1.00 28.32 ? 3112 HOH A O   1 
HETATM 1532 O O   . HOH E 3 .   ? -9.782  -1.825  6.059   1.00 35.03 ? 3113 HOH A O   1 
HETATM 1533 O O   . HOH E 3 .   ? 20.878  5.602   2.082   1.00 35.39 ? 3114 HOH A O   1 
HETATM 1534 O O   . HOH E 3 .   ? 18.675  13.099  1.141   1.00 47.41 ? 3115 HOH A O   1 
HETATM 1535 O O   . HOH E 3 .   ? -18.166 2.808   -24.183 1.00 39.19 ? 3116 HOH A O   1 
HETATM 1536 O O   . HOH E 3 .   ? -2.640  -9.398  9.596   1.00 40.60 ? 3117 HOH A O   1 
HETATM 1537 O O   . HOH E 3 .   ? 22.776  -4.480  3.265   1.00 31.87 ? 3118 HOH A O   1 
HETATM 1538 O O   . HOH E 3 .   ? -11.901 -4.072  4.784   1.00 37.75 ? 3119 HOH A O   1 
HETATM 1539 O O   . HOH E 3 .   ? -1.594  14.142  10.498  1.00 40.43 ? 3120 HOH A O   1 
HETATM 1540 O O   . HOH E 3 .   ? 1.675   7.480   15.309  1.00 35.20 ? 3121 HOH A O   1 
HETATM 1541 O O   . HOH E 3 .   ? -5.598  0.536   3.224   1.00 31.45 ? 3122 HOH A O   1 
HETATM 1542 O O   . HOH E 3 .   ? -6.060  -3.897  0.428   1.00 36.99 ? 3123 HOH A O   1 
HETATM 1543 O O   . HOH E 3 .   ? -12.512 21.520  10.244  1.00 37.74 ? 3124 HOH A O   1 
HETATM 1544 O O   . HOH E 3 .   ? -1.763  -7.525  11.054  1.00 39.70 ? 3125 HOH A O   1 
HETATM 1545 O O   . HOH E 3 .   ? -7.241  11.509  18.574  1.00 41.45 ? 3126 HOH A O   1 
HETATM 1546 O O   . HOH E 3 .   ? -9.991  15.557  1.177   1.00 38.04 ? 3127 HOH A O   1 
HETATM 1547 O O   . HOH E 3 .   ? 12.472  -9.036  10.301  1.00 46.94 ? 3128 HOH A O   1 
HETATM 1548 O O   . HOH E 3 .   ? 0.735   0.672   -1.734  1.00 37.14 ? 3129 HOH A O   1 
HETATM 1549 O O   . HOH E 3 .   ? 1.641   -1.829  0.951   1.00 25.95 ? 3130 HOH A O   1 
HETATM 1550 O O   . HOH E 3 .   ? 16.154  -3.922  10.722  1.00 33.36 ? 3131 HOH A O   1 
HETATM 1551 O O   . HOH E 3 .   ? 11.085  -9.050  7.673   1.00 38.11 ? 3132 HOH A O   1 
HETATM 1552 O O   . HOH E 3 .   ? -2.264  -13.233 3.524   1.00 40.61 ? 3133 HOH A O   1 
HETATM 1553 O O   . HOH E 3 .   ? -1.325  -16.963 2.414   1.00 41.71 ? 3134 HOH A O   1 
HETATM 1554 O O   . HOH E 3 .   ? -7.633  -3.932  16.755  1.00 38.89 ? 3135 HOH A O   1 
HETATM 1555 O O   . HOH E 3 .   ? 7.380   15.773  9.289   1.00 49.36 ? 3136 HOH A O   1 
HETATM 1556 O O   . HOH E 3 .   ? -1.154  0.941   -5.340  1.00 42.94 ? 3137 HOH A O   1 
HETATM 1557 O O   . HOH E 3 .   ? -4.097  14.838  11.144  1.00 51.94 ? 3138 HOH A O   1 
HETATM 1558 O O   . HOH E 3 .   ? -13.838 3.790   -24.471 1.00 49.33 ? 3139 HOH A O   1 
HETATM 1559 O O   . HOH E 3 .   ? 0.937   5.070   4.923   1.00 31.31 ? 3140 HOH A O   1 
HETATM 1560 O O   . HOH E 3 .   ? 18.108  -10.124 -2.611  1.00 46.28 ? 3141 HOH A O   1 
HETATM 1561 O O   . HOH E 3 .   ? 0.497   3.691   7.392   1.00 26.10 ? 3142 HOH A O   1 
HETATM 1562 O O   . HOH E 3 .   ? -15.342 -8.677  14.557  1.00 56.30 ? 3143 HOH A O   1 
HETATM 1563 O O   . HOH E 3 .   ? 9.707   8.466   -6.162  1.00 52.48 ? 3144 HOH A O   1 
HETATM 1564 O O   . HOH E 3 .   ? 11.281  -8.789  13.351  1.00 46.38 ? 3145 HOH A O   1 
HETATM 1565 O O   . HOH E 3 .   ? -9.934  -5.744  -26.176 1.00 40.85 ? 3146 HOH A O   1 
HETATM 1566 O O   . HOH E 3 .   ? 15.784  -4.021  -2.792  1.00 34.65 ? 3147 HOH A O   1 
HETATM 1567 O O   . HOH E 3 .   ? 0.547   -2.016  -1.586  1.00 35.73 ? 3148 HOH A O   1 
HETATM 1568 O O   . HOH E 3 .   ? -5.815  -5.300  15.657  1.00 39.60 ? 3149 HOH A O   1 
HETATM 1569 O O   . HOH E 3 .   ? -10.214 9.551   18.013  1.00 42.68 ? 3150 HOH A O   1 
HETATM 1570 O O   . HOH E 3 .   ? 13.821  4.737   11.418  1.00 41.73 ? 3151 HOH A O   1 
HETATM 1571 O O   . HOH E 3 .   ? 15.416  9.304   7.536   1.00 51.18 ? 3152 HOH A O   1 
HETATM 1572 O O   . HOH E 3 .   ? 17.899  -0.375  3.144   1.00 45.24 ? 3153 HOH A O   1 
HETATM 1573 O O   . HOH E 3 .   ? -1.909  1.496   -2.113  1.00 47.22 ? 3154 HOH A O   1 
HETATM 1574 O O   . HOH E 3 .   ? 21.413  -1.818  13.203  1.00 59.17 ? 3155 HOH A O   1 
HETATM 1575 O O   . HOH E 3 .   ? -18.285 -5.204  6.501   1.00 53.54 ? 3156 HOH A O   1 
HETATM 1576 O O   . HOH E 3 .   ? 9.786   11.714  -1.449  1.00 58.93 ? 3157 HOH A O   1 
HETATM 1577 O O   . HOH E 3 .   ? -0.742  3.526   13.942  1.00 33.17 ? 3158 HOH A O   1 
HETATM 1578 O O   . HOH E 3 .   ? 2.459   12.649  13.698  1.00 51.33 ? 3159 HOH A O   1 
HETATM 1579 O O   . HOH E 3 .   ? 19.077  -5.363  10.656  1.00 51.93 ? 3160 HOH A O   1 
HETATM 1580 O O   . HOH E 3 .   ? 11.929  10.899  0.547   1.00 33.67 ? 3161 HOH A O   1 
HETATM 1581 O O   . HOH E 3 .   ? -5.449  5.210   3.375   1.00 37.21 ? 3162 HOH A O   1 
HETATM 1582 O O   . HOH E 3 .   ? 19.289  10.395  3.806   1.00 54.37 ? 3163 HOH A O   1 
HETATM 1583 O O   . HOH E 3 .   ? -17.049 12.703  16.571  1.00 56.07 ? 3164 HOH A O   1 
HETATM 1584 O O   . HOH E 3 .   ? 6.213   1.173   17.226  1.00 52.70 ? 3165 HOH A O   1 
HETATM 1585 O O   . HOH E 3 .   ? 8.781   -17.451 -0.424  1.00 64.14 ? 3166 HOH A O   1 
HETATM 1586 O O   . HOH E 3 .   ? 9.879   -15.073 0.530   1.00 58.34 ? 3167 HOH A O   1 
HETATM 1587 O O   . HOH E 3 .   ? -12.693 -1.624  3.149   1.00 47.11 ? 3168 HOH A O   1 
HETATM 1588 O O   . HOH E 3 .   ? 11.778  -10.493 15.790  1.00 44.95 ? 3169 HOH A O   1 
HETATM 1589 O O   . HOH E 3 .   ? 12.699  -8.567  -6.345  1.00 36.91 ? 3170 HOH A O   1 
HETATM 1590 O O   . HOH E 3 .   ? 14.020  -17.295 -6.814  1.00 47.54 ? 3171 HOH A O   1 
HETATM 1591 O O   . HOH E 3 .   ? 3.193   8.922   5.705   1.00 34.13 ? 3172 HOH A O   1 
HETATM 1592 O O   . HOH E 3 .   ? 3.466   -1.752  16.121  1.00 40.08 ? 3173 HOH A O   1 
HETATM 1593 O O   . HOH E 3 .   ? 4.300   11.852  -5.606  1.00 49.72 ? 3174 HOH A O   1 
HETATM 1594 O O   . HOH E 3 .   ? -2.223  7.759   15.447  1.00 42.66 ? 3175 HOH A O   1 
HETATM 1595 O O   . HOH E 3 .   ? -17.345 8.227   15.834  1.00 53.20 ? 3176 HOH A O   1 
HETATM 1596 O O   . HOH E 3 .   ? -18.277 0.068   12.487  1.00 55.88 ? 3177 HOH A O   1 
HETATM 1597 O O   . HOH E 3 .   ? 15.248  -13.776 3.327   1.00 41.79 ? 3178 HOH A O   1 
HETATM 1598 O O   . HOH E 3 .   ? -9.757  2.310   -26.430 1.00 57.51 ? 3179 HOH A O   1 
HETATM 1599 O O   . HOH E 3 .   ? -6.312  -4.679  20.468  1.00 35.73 ? 3180 HOH A O   1 
HETATM 1600 O O   . HOH E 3 .   ? 16.275  2.339   8.272   1.00 48.45 ? 3181 HOH A O   1 
HETATM 1601 O O   . HOH E 3 .   ? 15.132  3.944   9.538   1.00 45.41 ? 3182 HOH A O   1 
HETATM 1602 O O   . HOH E 3 .   ? 9.107   9.744   -17.653 1.00 45.69 ? 3183 HOH A O   1 
HETATM 1603 O O   . HOH E 3 .   ? 1.045   -15.633 -11.360 1.00 48.11 ? 3184 HOH A O   1 
HETATM 1604 O O   . HOH E 3 .   ? -3.978  -17.895 -1.469  1.00 52.74 ? 3185 HOH A O   1 
HETATM 1605 O O   . HOH E 3 .   ? -10.336 -7.713  15.189  1.00 49.90 ? 3186 HOH A O   1 
HETATM 1606 O O   . HOH E 3 .   ? -8.347  -10.097 -20.192 1.00 52.30 ? 3187 HOH A O   1 
HETATM 1607 O O   . HOH E 3 .   ? 10.764  -6.325  15.829  1.00 43.67 ? 3188 HOH A O   1 
# 
loop_
_pdbx_poly_seq_scheme.asym_id 
_pdbx_poly_seq_scheme.entity_id 
_pdbx_poly_seq_scheme.seq_id 
_pdbx_poly_seq_scheme.mon_id 
_pdbx_poly_seq_scheme.ndb_seq_num 
_pdbx_poly_seq_scheme.pdb_seq_num 
_pdbx_poly_seq_scheme.auth_seq_num 
_pdbx_poly_seq_scheme.pdb_mon_id 
_pdbx_poly_seq_scheme.auth_mon_id 
_pdbx_poly_seq_scheme.pdb_strand_id 
_pdbx_poly_seq_scheme.pdb_ins_code 
_pdbx_poly_seq_scheme.hetero 
A 1 1   SER 1   2731 ?    ?   ?   A . n 
A 1 2   ASN 2   2732 ?    ?   ?   A . n 
A 1 3   ALA 3   2733 ?    ?   ?   A . n 
A 1 4   ASN 4   2734 2734 ASN ASN A . n 
A 1 5   PHE 5   2735 2735 PHE PHE A . n 
A 1 6   ASP 6   2736 2736 ASP ASP A . n 
A 1 7   PRO 7   2737 2737 PRO PRO A . n 
A 1 8   ARG 8   2738 2738 ARG ARG A . n 
A 1 9   PRO 9   2739 2739 PRO PRO A . n 
A 1 10  VAL 10  2740 2740 VAL VAL A . n 
A 1 11  GLU 11  2741 2741 GLU GLU A . n 
A 1 12  THR 12  2742 2742 THR THR A . n 
A 1 13  LEU 13  2743 2743 LEU LEU A . n 
A 1 14  ASN 14  2744 2744 ASN ASN A . n 
A 1 15  VAL 15  2745 2745 VAL VAL A . n 
A 1 16  ILE 16  2746 2746 ILE ILE A . n 
A 1 17  ILE 17  2747 2747 ILE ILE A . n 
A 1 18  PRO 18  2748 2748 PRO PRO A . n 
A 1 19  GLU 19  2749 2749 GLU GLU A . n 
A 1 20  LYS 20  2750 2750 LYS LYS A . n 
A 1 21  LEU 21  2751 2751 LEU LEU A . n 
A 1 22  ASP 22  2752 2752 ASP ASP A . n 
A 1 23  SER 23  2753 2753 SER SER A . n 
A 1 24  PHE 24  2754 2754 PHE PHE A . n 
A 1 25  ILE 25  2755 2755 ILE ILE A . n 
A 1 26  ASN 26  2756 2756 ASN ASN A . n 
A 1 27  LYS 27  2757 2757 LYS LYS A . n 
A 1 28  PHE 28  2758 2758 PHE PHE A . n 
A 1 29  ALA 29  2759 2759 ALA ALA A . n 
A 1 30  GLU 30  2760 2760 GLU GLU A . n 
A 1 31  TYR 31  2761 2761 TYR TYR A . n 
A 1 32  THR 32  2762 2762 THR THR A . n 
A 1 33  HIS 33  2763 2763 HIS HIS A . n 
A 1 34  GLU 34  2764 2764 GLU GLU A . n 
A 1 35  LYS 35  2765 2765 LYS LYS A . n 
A 1 36  TRP 36  2766 2766 TRP TRP A . n 
A 1 37  ALA 37  2767 2767 ALA ALA A . n 
A 1 38  PHE 38  2768 2768 PHE PHE A . n 
A 1 39  ASP 39  2769 2769 ASP ASP A . n 
A 1 40  LYS 40  2770 2770 LYS LYS A . n 
A 1 41  ILE 41  2771 2771 ILE ILE A . n 
A 1 42  GLN 42  2772 2772 GLN GLN A . n 
A 1 43  ASN 43  2773 2773 ASN ASN A . n 
A 1 44  ASN 44  2774 2774 ASN ASN A . n 
A 1 45  TRP 45  2775 2775 TRP TRP A . n 
A 1 46  SER 46  2776 2776 SER SER A . n 
A 1 47  TYR 47  2777 2777 TYR TYR A . n 
A 1 48  GLY 48  2778 2778 GLY GLY A . n 
A 1 49  GLU 49  2779 2779 GLU GLU A . n 
A 1 50  ASN 50  2780 2780 ASN ASN A . n 
A 1 51  VAL 51  2781 2781 VAL VAL A . n 
A 1 52  ASP 52  2782 2782 ASP ASP A . n 
A 1 53  GLU 53  2783 2783 GLU GLU A . n 
A 1 54  GLU 54  2784 2784 GLU GLU A . n 
A 1 55  LEU 55  2785 2785 LEU LEU A . n 
A 1 56  LYS 56  2786 2786 LYS LYS A . n 
A 1 57  THR 57  2787 2787 THR THR A . n 
A 1 58  HIS 58  2788 2788 HIS HIS A . n 
A 1 59  PRO 59  2789 2789 PRO PRO A . n 
A 1 60  MET 60  2790 2790 MET MET A . n 
A 1 61  LEU 61  2791 2791 LEU LEU A . n 
A 1 62  ARG 62  2792 2792 ARG ARG A . n 
A 1 63  PRO 63  2793 2793 PRO PRO A . n 
A 1 64  TYR 64  2794 2794 TYR TYR A . n 
A 1 65  LYS 65  2795 2795 LYS LYS A . n 
A 1 66  THR 66  2796 2796 THR THR A . n 
A 1 67  PHE 67  2797 2797 PHE PHE A . n 
A 1 68  SER 68  2798 2798 SER SER A . n 
A 1 69  GLU 69  2799 2799 GLU GLU A . n 
A 1 70  LYS 70  2800 2800 LYS LYS A . n 
A 1 71  ASP 71  2801 2801 ASP ASP A . n 
A 1 72  LYS 72  2802 2802 LYS LYS A . n 
A 1 73  GLU 73  2803 2803 GLU GLU A . n 
A 1 74  ILE 74  2804 2804 ILE ILE A . n 
A 1 75  TYR 75  2805 2805 TYR TYR A . n 
A 1 76  ARG 76  2806 2806 ARG ARG A . n 
A 1 77  TRP 77  2807 2807 TRP TRP A . n 
A 1 78  PRO 78  2808 2808 PRO PRO A . n 
A 1 79  ILE 79  2809 2809 ILE ILE A . n 
A 1 80  LYS 80  2810 2810 LYS LYS A . n 
A 1 81  GLU 81  2811 2811 GLU GLU A . n 
A 1 82  SER 82  2812 2812 SER SER A . n 
A 1 83  LEU 83  2813 2813 LEU LEU A . n 
A 1 84  LYS 84  2814 2814 LYS LYS A . n 
A 1 85  ALA 85  2815 2815 ALA ALA A . n 
A 1 86  MET 86  2816 2816 MET MET A . n 
A 1 87  ILE 87  2817 2817 ILE ILE A . n 
A 1 88  ALA 88  2818 2818 ALA ALA A . n 
A 1 89  TRP 89  2819 2819 TRP TRP A . n 
A 1 90  GLU 90  2820 2820 GLU GLU A . n 
A 1 91  TRP 91  2821 2821 TRP TRP A . n 
A 1 92  THR 92  2822 2822 THR THR A . n 
A 1 93  ILE 93  2823 2823 ILE ILE A . n 
A 1 94  GLU 94  2824 2824 GLU GLU A . n 
A 1 95  LYS 95  2825 2825 LYS LYS A . n 
A 1 96  ALA 96  2826 2826 ALA ALA A . n 
A 1 97  ARG 97  2827 2827 ARG ARG A . n 
A 1 98  GLU 98  2828 2828 GLU GLU A . n 
A 1 99  GLY 99  2829 2829 GLY GLY A . n 
A 1 100 GLU 100 2830 2830 GLU GLU A . n 
A 1 101 GLU 101 2831 2831 GLU GLU A . n 
A 1 102 GLU 102 2832 ?    ?   ?   A . n 
A 1 103 ARG 103 2833 ?    ?   ?   A . n 
A 1 104 THR 104 2834 ?    ?   ?   A . n 
A 1 105 GLU 105 2835 ?    ?   ?   A . n 
A 1 106 LYS 106 2836 ?    ?   ?   A . n 
A 1 107 LYS 107 2837 ?    ?   ?   A . n 
A 1 108 LYS 108 2838 ?    ?   ?   A . n 
A 1 109 THR 109 2839 ?    ?   ?   A . n 
A 1 110 ARG 110 2840 ?    ?   ?   A . n 
A 1 111 LYS 111 2841 ?    ?   ?   A . n 
A 1 112 ILE 112 2842 ?    ?   ?   A . n 
A 1 113 SER 113 2843 ?    ?   ?   A . n 
A 1 114 GLN 114 2844 ?    ?   ?   A . n 
A 1 115 THR 115 2845 ?    ?   ?   A . n 
A 1 116 ALA 116 2846 ?    ?   ?   A . n 
A 1 117 GLN 117 2847 ?    ?   ?   A . n 
A 1 118 THR 118 2848 ?    ?   ?   A . n 
A 1 119 TYR 119 2849 ?    ?   ?   A . n 
A 1 120 ASP 120 2850 ?    ?   ?   A . n 
A 1 121 PRO 121 2851 ?    ?   ?   A . n 
A 1 122 ARG 122 2852 ?    ?   ?   A . n 
A 1 123 GLU 123 2853 ?    ?   ?   A . n 
A 1 124 GLY 124 2854 ?    ?   ?   A . n 
A 1 125 TYR 125 2855 2855 TYR TYR A . n 
A 1 126 ASN 126 2856 2856 ASN ASN A . n 
A 1 127 PRO 127 2857 2857 PRO PRO A . n 
A 1 128 GLN 128 2858 2858 GLN GLN A . n 
A 1 129 PRO 129 2859 2859 PRO PRO A . n 
A 1 130 PRO 130 2860 2860 PRO PRO A . n 
A 1 131 ASP 131 2861 2861 ASP ASP A . n 
A 1 132 LEU 132 2862 2862 LEU LEU A . n 
A 1 133 SER 133 2863 2863 SER SER A . n 
A 1 134 GLY 134 2864 2864 GLY GLY A . n 
A 1 135 VAL 135 2865 2865 VAL VAL A . n 
A 1 136 THR 136 2866 2866 THR THR A . n 
A 1 137 LEU 137 2867 2867 LEU LEU A . n 
A 1 138 SER 138 2868 2868 SER SER A . n 
A 1 139 ARG 139 2869 2869 ARG ARG A . n 
A 1 140 GLU 140 2870 2870 GLU GLU A . n 
A 1 141 LEU 141 2871 2871 LEU LEU A . n 
A 1 142 GLN 142 2872 2872 GLN GLN A . n 
A 1 143 ALA 143 2873 2873 ALA ALA A . n 
A 1 144 MET 144 2874 2874 MET MET A . n 
A 1 145 ALA 145 2875 2875 ALA ALA A . n 
A 1 146 GLU 146 2876 2876 GLU GLU A . n 
A 1 147 GLN 147 2877 2877 GLN GLN A . n 
A 1 148 LEU 148 2878 2878 LEU LEU A . n 
A 1 149 ALA 149 2879 2879 ALA ALA A . n 
A 1 150 GLU 150 2880 2880 GLU GLU A . n 
A 1 151 ASN 151 2881 2881 ASN ASN A . n 
A 1 152 TYR 152 2882 2882 TYR TYR A . n 
A 1 153 HIS 153 2883 2883 HIS HIS A . n 
A 1 154 ASN 154 2884 2884 ASN ASN A . n 
A 1 155 THR 155 2885 2885 THR THR A . n 
A 1 156 TRP 156 2886 2886 TRP TRP A . n 
A 1 157 GLY 157 2887 2887 GLY GLY A . n 
A 1 158 ARG 158 2888 2888 ARG ARG A . n 
A 1 159 LYS 159 2889 2889 LYS LYS A . n 
A 1 160 LYS 160 2890 2890 LYS LYS A . n 
A 1 161 LYS 161 2891 2891 LYS LYS A . n 
A 1 162 GLN 162 2892 2892 GLN GLN A . n 
A 1 163 GLU 163 2893 2893 GLU GLU A . n 
A 1 164 LEU 164 2894 2894 LEU LEU A . n 
A 1 165 GLU 165 2895 2895 GLU GLU A . n 
A 1 166 ALA 166 2896 2896 ALA ALA A . n 
A 1 167 LYS 167 2897 2897 LYS LYS A . n 
A 1 168 GLY 168 2898 2898 GLY GLY A . n 
A 1 169 GLY 169 2899 2899 GLY GLY A . n 
A 1 170 GLY 170 2900 2900 GLY GLY A . n 
A 1 171 THR 171 2901 2901 THR THR A . n 
A 1 172 HIS 172 2902 2902 HIS HIS A . n 
A 1 173 PRO 173 2903 2903 PRO PRO A . n 
A 1 174 LEU 174 2904 2904 LEU LEU A . n 
A 1 175 LEU 175 2905 2905 LEU LEU A . n 
A 1 176 VAL 176 2906 2906 VAL VAL A . n 
A 1 177 PRO 177 2907 2907 PRO PRO A . n 
A 1 178 TYR 178 2908 2908 TYR TYR A . n 
A 1 179 ASP 179 2909 2909 ASP ASP A . n 
A 1 180 THR 180 2910 2910 THR THR A . n 
A 1 181 LEU 181 2911 2911 LEU LEU A . n 
A 1 182 THR 182 2912 2912 THR THR A . n 
A 1 183 ALA 183 2913 2913 ALA ALA A . n 
A 1 184 LYS 184 2914 2914 LYS LYS A . n 
A 1 185 GLU 185 2915 2915 GLU GLU A . n 
A 1 186 LYS 186 2916 2916 LYS LYS A . n 
A 1 187 ALA 187 2917 2917 ALA ALA A . n 
A 1 188 ARG 188 2918 2918 ARG ARG A . n 
A 1 189 ASP 189 2919 2919 ASP ASP A . n 
A 1 190 ARG 190 2920 2920 ARG ARG A . n 
A 1 191 GLU 191 2921 2921 GLU GLU A . n 
A 1 192 LYS 192 2922 2922 LYS LYS A . n 
A 1 193 ALA 193 2923 2923 ALA ALA A . n 
A 1 194 GLN 194 2924 2924 GLN GLN A . n 
A 1 195 GLU 195 2925 2925 GLU GLU A . n 
A 1 196 LEU 196 2926 2926 LEU LEU A . n 
A 1 197 LEU 197 2927 2927 LEU LEU A . n 
A 1 198 LYS 198 2928 2928 LYS LYS A . n 
A 1 199 PHE 199 2929 2929 PHE PHE A . n 
A 1 200 LEU 200 2930 2930 LEU LEU A . n 
A 1 201 GLN 201 2931 2931 GLN GLN A . n 
A 1 202 MET 202 2932 2932 MET MET A . n 
A 1 203 ASN 203 2933 2933 ASN ASN A . n 
A 1 204 GLY 204 2934 2934 GLY GLY A . n 
A 1 205 TYR 205 2935 2935 TYR TYR A . n 
A 1 206 ALA 206 2936 2936 ALA ALA A . n 
A 1 207 VAL 207 2937 2937 VAL VAL A . n 
A 1 208 THR 208 2938 2938 THR THR A . n 
A 1 209 SER 209 2939 2939 SER SER A . n 
A 1 210 GLY 210 2940 ?    ?   ?   A . n 
# 
loop_
_pdbx_nonpoly_scheme.asym_id 
_pdbx_nonpoly_scheme.entity_id 
_pdbx_nonpoly_scheme.mon_id 
_pdbx_nonpoly_scheme.ndb_seq_num 
_pdbx_nonpoly_scheme.pdb_seq_num 
_pdbx_nonpoly_scheme.auth_seq_num 
_pdbx_nonpoly_scheme.pdb_mon_id 
_pdbx_nonpoly_scheme.auth_mon_id 
_pdbx_nonpoly_scheme.pdb_strand_id 
_pdbx_nonpoly_scheme.pdb_ins_code 
B 2 GOL 1  3001 1   GOL GOL A . 
C 2 GOL 1  3002 2   GOL GOL A . 
D 2 GOL 1  3003 3   GOL GOL A . 
E 3 HOH 1  3101 4   HOH HOH A . 
E 3 HOH 2  3102 5   HOH HOH A . 
E 3 HOH 3  3103 6   HOH HOH A . 
E 3 HOH 4  3104 7   HOH HOH A . 
E 3 HOH 5  3105 8   HOH HOH A . 
E 3 HOH 6  3106 10  HOH HOH A . 
E 3 HOH 7  3107 11  HOH HOH A . 
E 3 HOH 8  3108 12  HOH HOH A . 
E 3 HOH 9  3109 13  HOH HOH A . 
E 3 HOH 10 3110 19  HOH HOH A . 
E 3 HOH 11 3111 20  HOH HOH A . 
E 3 HOH 12 3112 22  HOH HOH A . 
E 3 HOH 13 3113 23  HOH HOH A . 
E 3 HOH 14 3114 25  HOH HOH A . 
E 3 HOH 15 3115 26  HOH HOH A . 
E 3 HOH 16 3116 27  HOH HOH A . 
E 3 HOH 17 3117 28  HOH HOH A . 
E 3 HOH 18 3118 29  HOH HOH A . 
E 3 HOH 19 3119 31  HOH HOH A . 
E 3 HOH 20 3120 33  HOH HOH A . 
E 3 HOH 21 3121 36  HOH HOH A . 
E 3 HOH 22 3122 38  HOH HOH A . 
E 3 HOH 23 3123 41  HOH HOH A . 
E 3 HOH 24 3124 42  HOH HOH A . 
E 3 HOH 25 3125 43  HOH HOH A . 
E 3 HOH 26 3126 45  HOH HOH A . 
E 3 HOH 27 3127 48  HOH HOH A . 
E 3 HOH 28 3128 49  HOH HOH A . 
E 3 HOH 29 3129 52  HOH HOH A . 
E 3 HOH 30 3130 53  HOH HOH A . 
E 3 HOH 31 3131 55  HOH HOH A . 
E 3 HOH 32 3132 56  HOH HOH A . 
E 3 HOH 33 3133 57  HOH HOH A . 
E 3 HOH 34 3134 61  HOH HOH A . 
E 3 HOH 35 3135 67  HOH HOH A . 
E 3 HOH 36 3136 69  HOH HOH A . 
E 3 HOH 37 3137 71  HOH HOH A . 
E 3 HOH 38 3138 72  HOH HOH A . 
E 3 HOH 39 3139 74  HOH HOH A . 
E 3 HOH 40 3140 77  HOH HOH A . 
E 3 HOH 41 3141 79  HOH HOH A . 
E 3 HOH 42 3142 82  HOH HOH A . 
E 3 HOH 43 3143 88  HOH HOH A . 
E 3 HOH 44 3144 90  HOH HOH A . 
E 3 HOH 45 3145 91  HOH HOH A . 
E 3 HOH 46 3146 94  HOH HOH A . 
E 3 HOH 47 3147 102 HOH HOH A . 
E 3 HOH 48 3148 105 HOH HOH A . 
E 3 HOH 49 3149 109 HOH HOH A . 
E 3 HOH 50 3150 110 HOH HOH A . 
E 3 HOH 51 3151 111 HOH HOH A . 
E 3 HOH 52 3152 114 HOH HOH A . 
E 3 HOH 53 3153 115 HOH HOH A . 
E 3 HOH 54 3154 120 HOH HOH A . 
E 3 HOH 55 3155 122 HOH HOH A . 
E 3 HOH 56 3156 127 HOH HOH A . 
E 3 HOH 57 3157 130 HOH HOH A . 
E 3 HOH 58 3158 137 HOH HOH A . 
E 3 HOH 59 3159 142 HOH HOH A . 
E 3 HOH 60 3160 149 HOH HOH A . 
E 3 HOH 61 3161 151 HOH HOH A . 
E 3 HOH 62 3162 155 HOH HOH A . 
E 3 HOH 63 3163 157 HOH HOH A . 
E 3 HOH 64 3164 158 HOH HOH A . 
E 3 HOH 65 3165 167 HOH HOH A . 
E 3 HOH 66 3166 171 HOH HOH A . 
E 3 HOH 67 3167 172 HOH HOH A . 
E 3 HOH 68 3168 174 HOH HOH A . 
E 3 HOH 69 3169 175 HOH HOH A . 
E 3 HOH 70 3170 177 HOH HOH A . 
E 3 HOH 71 3171 178 HOH HOH A . 
E 3 HOH 72 3172 180 HOH HOH A . 
E 3 HOH 73 3173 181 HOH HOH A . 
E 3 HOH 74 3174 185 HOH HOH A . 
E 3 HOH 75 3175 186 HOH HOH A . 
E 3 HOH 76 3176 187 HOH HOH A . 
E 3 HOH 77 3177 188 HOH HOH A . 
E 3 HOH 78 3178 189 HOH HOH A . 
E 3 HOH 79 3179 191 HOH HOH A . 
E 3 HOH 80 3180 192 HOH HOH A . 
E 3 HOH 81 3181 193 HOH HOH A . 
E 3 HOH 82 3182 194 HOH HOH A . 
E 3 HOH 83 3183 196 HOH HOH A . 
E 3 HOH 84 3184 198 HOH HOH A . 
E 3 HOH 85 3185 199 HOH HOH A . 
E 3 HOH 86 3186 200 HOH HOH A . 
E 3 HOH 87 3187 201 HOH HOH A . 
E 3 HOH 88 3188 202 HOH HOH A . 
# 
_pdbx_struct_assembly.id                   1 
_pdbx_struct_assembly.details              author_and_software_defined_assembly 
_pdbx_struct_assembly.method_details       PISA 
_pdbx_struct_assembly.oligomeric_details   monomeric 
_pdbx_struct_assembly.oligomeric_count     1 
# 
_pdbx_struct_assembly_gen.assembly_id       1 
_pdbx_struct_assembly_gen.oper_expression   1 
_pdbx_struct_assembly_gen.asym_id_list      A,B,C,D,E 
# 
_pdbx_struct_oper_list.id                   1 
_pdbx_struct_oper_list.type                 'identity operation' 
_pdbx_struct_oper_list.name                 1_555 
_pdbx_struct_oper_list.symmetry_operation   x,y,z 
_pdbx_struct_oper_list.matrix[1][1]         1.0000000000 
_pdbx_struct_oper_list.matrix[1][2]         0.0000000000 
_pdbx_struct_oper_list.matrix[1][3]         0.0000000000 
_pdbx_struct_oper_list.vector[1]            0.0000000000 
_pdbx_struct_oper_list.matrix[2][1]         0.0000000000 
_pdbx_struct_oper_list.matrix[2][2]         1.0000000000 
_pdbx_struct_oper_list.matrix[2][3]         0.0000000000 
_pdbx_struct_oper_list.vector[2]            0.0000000000 
_pdbx_struct_oper_list.matrix[3][1]         0.0000000000 
_pdbx_struct_oper_list.matrix[3][2]         0.0000000000 
_pdbx_struct_oper_list.matrix[3][3]         1.0000000000 
_pdbx_struct_oper_list.vector[3]            0.0000000000 
# 
loop_
_pdbx_audit_revision_history.ordinal 
_pdbx_audit_revision_history.data_content_type 
_pdbx_audit_revision_history.major_revision 
_pdbx_audit_revision_history.minor_revision 
_pdbx_audit_revision_history.revision_date 
1 'Structure model' 1 0 2012-06-13 
2 'Structure model' 1 1 2012-10-17 
3 'Structure model' 1 2 2017-11-15 
4 'Structure model' 1 3 2023-09-13 
# 
_pdbx_audit_revision_details.ordinal             1 
_pdbx_audit_revision_details.revision_ordinal    1 
_pdbx_audit_revision_details.data_content_type   'Structure model' 
_pdbx_audit_revision_details.provider            repository 
_pdbx_audit_revision_details.type                'Initial release' 
_pdbx_audit_revision_details.description         ? 
_pdbx_audit_revision_details.details             ? 
# 
loop_
_pdbx_audit_revision_group.ordinal 
_pdbx_audit_revision_group.revision_ordinal 
_pdbx_audit_revision_group.data_content_type 
_pdbx_audit_revision_group.group 
1 2 'Structure model' 'Database references'    
2 3 'Structure model' 'Refinement description' 
3 4 'Structure model' 'Data collection'        
4 4 'Structure model' 'Database references'    
5 4 'Structure model' 'Derived calculations'   
6 4 'Structure model' 'Refinement description' 
# 
loop_
_pdbx_audit_revision_category.ordinal 
_pdbx_audit_revision_category.revision_ordinal 
_pdbx_audit_revision_category.data_content_type 
_pdbx_audit_revision_category.category 
1 3 'Structure model' software                      
2 4 'Structure model' chem_comp_atom                
3 4 'Structure model' chem_comp_bond                
4 4 'Structure model' database_2                    
5 4 'Structure model' pdbx_initial_refinement_model 
6 4 'Structure model' struct_ref_seq_dif            
7 4 'Structure model' struct_site                   
# 
loop_
_pdbx_audit_revision_item.ordinal 
_pdbx_audit_revision_item.revision_ordinal 
_pdbx_audit_revision_item.data_content_type 
_pdbx_audit_revision_item.item 
1  3 'Structure model' '_software.classification'            
2  3 'Structure model' '_software.contact_author'            
3  3 'Structure model' '_software.contact_author_email'      
4  3 'Structure model' '_software.date'                      
5  3 'Structure model' '_software.language'                  
6  3 'Structure model' '_software.location'                  
7  3 'Structure model' '_software.name'                      
8  3 'Structure model' '_software.type'                      
9  3 'Structure model' '_software.version'                   
10 4 'Structure model' '_database_2.pdbx_DOI'                
11 4 'Structure model' '_database_2.pdbx_database_accession' 
12 4 'Structure model' '_struct_ref_seq_dif.details'         
13 4 'Structure model' '_struct_site.pdbx_auth_asym_id'      
14 4 'Structure model' '_struct_site.pdbx_auth_comp_id'      
15 4 'Structure model' '_struct_site.pdbx_auth_seq_id'       
# 
loop_
_software.pdbx_ordinal 
_software.name 
_software.version 
_software.date 
_software.type 
_software.contact_author 
_software.contact_author_email 
_software.classification 
_software.location 
_software.language 
_software.citation_id 
1 DENZO       .        ?                package 'Zbyszek Otwinowski' hkl@hkl-xray.com         'data reduction'  
http://www.hkl-xray.com/                     ?          ? 
2 SCALEPACK   .        ?                package 'Zbyszek Otwinowski' hkl@hkl-xray.com         'data scaling'    
http://www.hkl-xray.com/                     ?          ? 
3 REFMAC      5.6.0117 ?                program 'Garib N. Murshudov' garib@ysbl.york.ac.uk    refinement        
http://www.ccp4.ac.uk/dist/html/refmac5.html Fortran_77 ? 
4 PDB_EXTRACT 3.11     'April 22, 2011' package PDB                  deposit@deposit.rcsb.org 'data extraction' 
http://sw-tools.pdb.org/apps/PDB_EXTRACT/    C++        ? 
5 HKL-3000    .        ?                ?       ?                    ?                        'data collection' ? ?          ? 
6 HKL-3000    .        ?                ?       ?                    ?                        'data reduction'  ? ?          ? 
7 PHASER      .        ?                ?       ?                    ?                        phasing           ? ?          ? 
# 
loop_
_pdbx_unobs_or_zero_occ_atoms.id 
_pdbx_unobs_or_zero_occ_atoms.PDB_model_num 
_pdbx_unobs_or_zero_occ_atoms.polymer_flag 
_pdbx_unobs_or_zero_occ_atoms.occupancy_flag 
_pdbx_unobs_or_zero_occ_atoms.auth_asym_id 
_pdbx_unobs_or_zero_occ_atoms.auth_comp_id 
_pdbx_unobs_or_zero_occ_atoms.auth_seq_id 
_pdbx_unobs_or_zero_occ_atoms.PDB_ins_code 
_pdbx_unobs_or_zero_occ_atoms.auth_atom_id 
_pdbx_unobs_or_zero_occ_atoms.label_alt_id 
_pdbx_unobs_or_zero_occ_atoms.label_asym_id 
_pdbx_unobs_or_zero_occ_atoms.label_comp_id 
_pdbx_unobs_or_zero_occ_atoms.label_seq_id 
_pdbx_unobs_or_zero_occ_atoms.label_atom_id 
1  1 Y 1 A ASN 2734 ? CG  ? A ASN 4   CG  
2  1 Y 1 A ASN 2734 ? OD1 ? A ASN 4   OD1 
3  1 Y 1 A ASN 2734 ? ND2 ? A ASN 4   ND2 
4  1 Y 1 A LYS 2765 ? CG  ? A LYS 35  CG  
5  1 Y 1 A LYS 2765 ? CD  ? A LYS 35  CD  
6  1 Y 1 A LYS 2765 ? CE  ? A LYS 35  CE  
7  1 Y 1 A LYS 2765 ? NZ  ? A LYS 35  NZ  
8  1 Y 1 A GLU 2779 ? CG  ? A GLU 49  CG  
9  1 Y 1 A GLU 2779 ? CD  ? A GLU 49  CD  
10 1 Y 1 A GLU 2779 ? OE1 ? A GLU 49  OE1 
11 1 Y 1 A GLU 2779 ? OE2 ? A GLU 49  OE2 
12 1 Y 1 A ASN 2780 ? CG  ? A ASN 50  CG  
13 1 Y 1 A ASN 2780 ? OD1 ? A ASN 50  OD1 
14 1 Y 1 A ASN 2780 ? ND2 ? A ASN 50  ND2 
15 1 Y 1 A GLU 2783 ? CG  ? A GLU 53  CG  
16 1 Y 1 A GLU 2783 ? CD  ? A GLU 53  CD  
17 1 Y 1 A GLU 2783 ? OE1 ? A GLU 53  OE1 
18 1 Y 1 A GLU 2783 ? OE2 ? A GLU 53  OE2 
19 1 Y 1 A LYS 2795 ? CG  ? A LYS 65  CG  
20 1 Y 1 A LYS 2795 ? CD  ? A LYS 65  CD  
21 1 Y 1 A LYS 2795 ? CE  ? A LYS 65  CE  
22 1 Y 1 A LYS 2795 ? NZ  ? A LYS 65  NZ  
23 1 Y 1 A LYS 2800 ? CG  ? A LYS 70  CG  
24 1 Y 1 A LYS 2800 ? CD  ? A LYS 70  CD  
25 1 Y 1 A LYS 2800 ? CE  ? A LYS 70  CE  
26 1 Y 1 A LYS 2800 ? NZ  ? A LYS 70  NZ  
27 1 Y 1 A GLU 2830 ? CG  ? A GLU 100 CG  
28 1 Y 1 A GLU 2830 ? CD  ? A GLU 100 CD  
29 1 Y 1 A GLU 2830 ? OE1 ? A GLU 100 OE1 
30 1 Y 1 A GLU 2830 ? OE2 ? A GLU 100 OE2 
31 1 Y 1 A GLU 2831 ? CG  ? A GLU 101 CG  
32 1 Y 1 A GLU 2831 ? CD  ? A GLU 101 CD  
33 1 Y 1 A GLU 2831 ? OE1 ? A GLU 101 OE1 
34 1 Y 1 A GLU 2831 ? OE2 ? A GLU 101 OE2 
35 1 Y 1 A ARG 2918 ? CG  ? A ARG 188 CG  
36 1 Y 1 A ARG 2918 ? CD  ? A ARG 188 CD  
37 1 Y 1 A ARG 2918 ? NE  ? A ARG 188 NE  
38 1 Y 1 A ARG 2918 ? CZ  ? A ARG 188 CZ  
39 1 Y 1 A ARG 2918 ? NH1 ? A ARG 188 NH1 
40 1 Y 1 A ARG 2918 ? NH2 ? A ARG 188 NH2 
# 
loop_
_pdbx_unobs_or_zero_occ_residues.id 
_pdbx_unobs_or_zero_occ_residues.PDB_model_num 
_pdbx_unobs_or_zero_occ_residues.polymer_flag 
_pdbx_unobs_or_zero_occ_residues.occupancy_flag 
_pdbx_unobs_or_zero_occ_residues.auth_asym_id 
_pdbx_unobs_or_zero_occ_residues.auth_comp_id 
_pdbx_unobs_or_zero_occ_residues.auth_seq_id 
_pdbx_unobs_or_zero_occ_residues.PDB_ins_code 
_pdbx_unobs_or_zero_occ_residues.label_asym_id 
_pdbx_unobs_or_zero_occ_residues.label_comp_id 
_pdbx_unobs_or_zero_occ_residues.label_seq_id 
1  1 Y 1 A SER 2731 ? A SER 1   
2  1 Y 1 A ASN 2732 ? A ASN 2   
3  1 Y 1 A ALA 2733 ? A ALA 3   
4  1 Y 1 A GLU 2832 ? A GLU 102 
5  1 Y 1 A ARG 2833 ? A ARG 103 
6  1 Y 1 A THR 2834 ? A THR 104 
7  1 Y 1 A GLU 2835 ? A GLU 105 
8  1 Y 1 A LYS 2836 ? A LYS 106 
9  1 Y 1 A LYS 2837 ? A LYS 107 
10 1 Y 1 A LYS 2838 ? A LYS 108 
11 1 Y 1 A THR 2839 ? A THR 109 
12 1 Y 1 A ARG 2840 ? A ARG 110 
13 1 Y 1 A LYS 2841 ? A LYS 111 
14 1 Y 1 A ILE 2842 ? A ILE 112 
15 1 Y 1 A SER 2843 ? A SER 113 
16 1 Y 1 A GLN 2844 ? A GLN 114 
17 1 Y 1 A THR 2845 ? A THR 115 
18 1 Y 1 A ALA 2846 ? A ALA 116 
19 1 Y 1 A GLN 2847 ? A GLN 117 
20 1 Y 1 A THR 2848 ? A THR 118 
21 1 Y 1 A TYR 2849 ? A TYR 119 
22 1 Y 1 A ASP 2850 ? A ASP 120 
23 1 Y 1 A PRO 2851 ? A PRO 121 
24 1 Y 1 A ARG 2852 ? A ARG 122 
25 1 Y 1 A GLU 2853 ? A GLU 123 
26 1 Y 1 A GLY 2854 ? A GLY 124 
27 1 Y 1 A GLY 2940 ? A GLY 210 
# 
loop_
_chem_comp_atom.comp_id 
_chem_comp_atom.atom_id 
_chem_comp_atom.type_symbol 
_chem_comp_atom.pdbx_aromatic_flag 
_chem_comp_atom.pdbx_stereo_config 
_chem_comp_atom.pdbx_ordinal 
ALA N    N N N 1   
ALA CA   C N S 2   
ALA C    C N N 3   
ALA O    O N N 4   
ALA CB   C N N 5   
ALA OXT  O N N 6   
ALA H    H N N 7   
ALA H2   H N N 8   
ALA HA   H N N 9   
ALA HB1  H N N 10  
ALA HB2  H N N 11  
ALA HB3  H N N 12  
ALA HXT  H N N 13  
ARG N    N N N 14  
ARG CA   C N S 15  
ARG C    C N N 16  
ARG O    O N N 17  
ARG CB   C N N 18  
ARG CG   C N N 19  
ARG CD   C N N 20  
ARG NE   N N N 21  
ARG CZ   C N N 22  
ARG NH1  N N N 23  
ARG NH2  N N N 24  
ARG OXT  O N N 25  
ARG H    H N N 26  
ARG H2   H N N 27  
ARG HA   H N N 28  
ARG HB2  H N N 29  
ARG HB3  H N N 30  
ARG HG2  H N N 31  
ARG HG3  H N N 32  
ARG HD2  H N N 33  
ARG HD3  H N N 34  
ARG HE   H N N 35  
ARG HH11 H N N 36  
ARG HH12 H N N 37  
ARG HH21 H N N 38  
ARG HH22 H N N 39  
ARG HXT  H N N 40  
ASN N    N N N 41  
ASN CA   C N S 42  
ASN C    C N N 43  
ASN O    O N N 44  
ASN CB   C N N 45  
ASN CG   C N N 46  
ASN OD1  O N N 47  
ASN ND2  N N N 48  
ASN OXT  O N N 49  
ASN H    H N N 50  
ASN H2   H N N 51  
ASN HA   H N N 52  
ASN HB2  H N N 53  
ASN HB3  H N N 54  
ASN HD21 H N N 55  
ASN HD22 H N N 56  
ASN HXT  H N N 57  
ASP N    N N N 58  
ASP CA   C N S 59  
ASP C    C N N 60  
ASP O    O N N 61  
ASP CB   C N N 62  
ASP CG   C N N 63  
ASP OD1  O N N 64  
ASP OD2  O N N 65  
ASP OXT  O N N 66  
ASP H    H N N 67  
ASP H2   H N N 68  
ASP HA   H N N 69  
ASP HB2  H N N 70  
ASP HB3  H N N 71  
ASP HD2  H N N 72  
ASP HXT  H N N 73  
GLN N    N N N 74  
GLN CA   C N S 75  
GLN C    C N N 76  
GLN O    O N N 77  
GLN CB   C N N 78  
GLN CG   C N N 79  
GLN CD   C N N 80  
GLN OE1  O N N 81  
GLN NE2  N N N 82  
GLN OXT  O N N 83  
GLN H    H N N 84  
GLN H2   H N N 85  
GLN HA   H N N 86  
GLN HB2  H N N 87  
GLN HB3  H N N 88  
GLN HG2  H N N 89  
GLN HG3  H N N 90  
GLN HE21 H N N 91  
GLN HE22 H N N 92  
GLN HXT  H N N 93  
GLU N    N N N 94  
GLU CA   C N S 95  
GLU C    C N N 96  
GLU O    O N N 97  
GLU CB   C N N 98  
GLU CG   C N N 99  
GLU CD   C N N 100 
GLU OE1  O N N 101 
GLU OE2  O N N 102 
GLU OXT  O N N 103 
GLU H    H N N 104 
GLU H2   H N N 105 
GLU HA   H N N 106 
GLU HB2  H N N 107 
GLU HB3  H N N 108 
GLU HG2  H N N 109 
GLU HG3  H N N 110 
GLU HE2  H N N 111 
GLU HXT  H N N 112 
GLY N    N N N 113 
GLY CA   C N N 114 
GLY C    C N N 115 
GLY O    O N N 116 
GLY OXT  O N N 117 
GLY H    H N N 118 
GLY H2   H N N 119 
GLY HA2  H N N 120 
GLY HA3  H N N 121 
GLY HXT  H N N 122 
GOL C1   C N N 123 
GOL O1   O N N 124 
GOL C2   C N N 125 
GOL O2   O N N 126 
GOL C3   C N N 127 
GOL O3   O N N 128 
GOL H11  H N N 129 
GOL H12  H N N 130 
GOL HO1  H N N 131 
GOL H2   H N N 132 
GOL HO2  H N N 133 
GOL H31  H N N 134 
GOL H32  H N N 135 
GOL HO3  H N N 136 
HIS N    N N N 137 
HIS CA   C N S 138 
HIS C    C N N 139 
HIS O    O N N 140 
HIS CB   C N N 141 
HIS CG   C Y N 142 
HIS ND1  N Y N 143 
HIS CD2  C Y N 144 
HIS CE1  C Y N 145 
HIS NE2  N Y N 146 
HIS OXT  O N N 147 
HIS H    H N N 148 
HIS H2   H N N 149 
HIS HA   H N N 150 
HIS HB2  H N N 151 
HIS HB3  H N N 152 
HIS HD1  H N N 153 
HIS HD2  H N N 154 
HIS HE1  H N N 155 
HIS HE2  H N N 156 
HIS HXT  H N N 157 
HOH O    O N N 158 
HOH H1   H N N 159 
HOH H2   H N N 160 
ILE N    N N N 161 
ILE CA   C N S 162 
ILE C    C N N 163 
ILE O    O N N 164 
ILE CB   C N S 165 
ILE CG1  C N N 166 
ILE CG2  C N N 167 
ILE CD1  C N N 168 
ILE OXT  O N N 169 
ILE H    H N N 170 
ILE H2   H N N 171 
ILE HA   H N N 172 
ILE HB   H N N 173 
ILE HG12 H N N 174 
ILE HG13 H N N 175 
ILE HG21 H N N 176 
ILE HG22 H N N 177 
ILE HG23 H N N 178 
ILE HD11 H N N 179 
ILE HD12 H N N 180 
ILE HD13 H N N 181 
ILE HXT  H N N 182 
LEU N    N N N 183 
LEU CA   C N S 184 
LEU C    C N N 185 
LEU O    O N N 186 
LEU CB   C N N 187 
LEU CG   C N N 188 
LEU CD1  C N N 189 
LEU CD2  C N N 190 
LEU OXT  O N N 191 
LEU H    H N N 192 
LEU H2   H N N 193 
LEU HA   H N N 194 
LEU HB2  H N N 195 
LEU HB3  H N N 196 
LEU HG   H N N 197 
LEU HD11 H N N 198 
LEU HD12 H N N 199 
LEU HD13 H N N 200 
LEU HD21 H N N 201 
LEU HD22 H N N 202 
LEU HD23 H N N 203 
LEU HXT  H N N 204 
LYS N    N N N 205 
LYS CA   C N S 206 
LYS C    C N N 207 
LYS O    O N N 208 
LYS CB   C N N 209 
LYS CG   C N N 210 
LYS CD   C N N 211 
LYS CE   C N N 212 
LYS NZ   N N N 213 
LYS OXT  O N N 214 
LYS H    H N N 215 
LYS H2   H N N 216 
LYS HA   H N N 217 
LYS HB2  H N N 218 
LYS HB3  H N N 219 
LYS HG2  H N N 220 
LYS HG3  H N N 221 
LYS HD2  H N N 222 
LYS HD3  H N N 223 
LYS HE2  H N N 224 
LYS HE3  H N N 225 
LYS HZ1  H N N 226 
LYS HZ2  H N N 227 
LYS HZ3  H N N 228 
LYS HXT  H N N 229 
MET N    N N N 230 
MET CA   C N S 231 
MET C    C N N 232 
MET O    O N N 233 
MET CB   C N N 234 
MET CG   C N N 235 
MET SD   S N N 236 
MET CE   C N N 237 
MET OXT  O N N 238 
MET H    H N N 239 
MET H2   H N N 240 
MET HA   H N N 241 
MET HB2  H N N 242 
MET HB3  H N N 243 
MET HG2  H N N 244 
MET HG3  H N N 245 
MET HE1  H N N 246 
MET HE2  H N N 247 
MET HE3  H N N 248 
MET HXT  H N N 249 
PHE N    N N N 250 
PHE CA   C N S 251 
PHE C    C N N 252 
PHE O    O N N 253 
PHE CB   C N N 254 
PHE CG   C Y N 255 
PHE CD1  C Y N 256 
PHE CD2  C Y N 257 
PHE CE1  C Y N 258 
PHE CE2  C Y N 259 
PHE CZ   C Y N 260 
PHE OXT  O N N 261 
PHE H    H N N 262 
PHE H2   H N N 263 
PHE HA   H N N 264 
PHE HB2  H N N 265 
PHE HB3  H N N 266 
PHE HD1  H N N 267 
PHE HD2  H N N 268 
PHE HE1  H N N 269 
PHE HE2  H N N 270 
PHE HZ   H N N 271 
PHE HXT  H N N 272 
PRO N    N N N 273 
PRO CA   C N S 274 
PRO C    C N N 275 
PRO O    O N N 276 
PRO CB   C N N 277 
PRO CG   C N N 278 
PRO CD   C N N 279 
PRO OXT  O N N 280 
PRO H    H N N 281 
PRO HA   H N N 282 
PRO HB2  H N N 283 
PRO HB3  H N N 284 
PRO HG2  H N N 285 
PRO HG3  H N N 286 
PRO HD2  H N N 287 
PRO HD3  H N N 288 
PRO HXT  H N N 289 
SER N    N N N 290 
SER CA   C N S 291 
SER C    C N N 292 
SER O    O N N 293 
SER CB   C N N 294 
SER OG   O N N 295 
SER OXT  O N N 296 
SER H    H N N 297 
SER H2   H N N 298 
SER HA   H N N 299 
SER HB2  H N N 300 
SER HB3  H N N 301 
SER HG   H N N 302 
SER HXT  H N N 303 
THR N    N N N 304 
THR CA   C N S 305 
THR C    C N N 306 
THR O    O N N 307 
THR CB   C N R 308 
THR OG1  O N N 309 
THR CG2  C N N 310 
THR OXT  O N N 311 
THR H    H N N 312 
THR H2   H N N 313 
THR HA   H N N 314 
THR HB   H N N 315 
THR HG1  H N N 316 
THR HG21 H N N 317 
THR HG22 H N N 318 
THR HG23 H N N 319 
THR HXT  H N N 320 
TRP N    N N N 321 
TRP CA   C N S 322 
TRP C    C N N 323 
TRP O    O N N 324 
TRP CB   C N N 325 
TRP CG   C Y N 326 
TRP CD1  C Y N 327 
TRP CD2  C Y N 328 
TRP NE1  N Y N 329 
TRP CE2  C Y N 330 
TRP CE3  C Y N 331 
TRP CZ2  C Y N 332 
TRP CZ3  C Y N 333 
TRP CH2  C Y N 334 
TRP OXT  O N N 335 
TRP H    H N N 336 
TRP H2   H N N 337 
TRP HA   H N N 338 
TRP HB2  H N N 339 
TRP HB3  H N N 340 
TRP HD1  H N N 341 
TRP HE1  H N N 342 
TRP HE3  H N N 343 
TRP HZ2  H N N 344 
TRP HZ3  H N N 345 
TRP HH2  H N N 346 
TRP HXT  H N N 347 
TYR N    N N N 348 
TYR CA   C N S 349 
TYR C    C N N 350 
TYR O    O N N 351 
TYR CB   C N N 352 
TYR CG   C Y N 353 
TYR CD1  C Y N 354 
TYR CD2  C Y N 355 
TYR CE1  C Y N 356 
TYR CE2  C Y N 357 
TYR CZ   C Y N 358 
TYR OH   O N N 359 
TYR OXT  O N N 360 
TYR H    H N N 361 
TYR H2   H N N 362 
TYR HA   H N N 363 
TYR HB2  H N N 364 
TYR HB3  H N N 365 
TYR HD1  H N N 366 
TYR HD2  H N N 367 
TYR HE1  H N N 368 
TYR HE2  H N N 369 
TYR HH   H N N 370 
TYR HXT  H N N 371 
VAL N    N N N 372 
VAL CA   C N S 373 
VAL C    C N N 374 
VAL O    O N N 375 
VAL CB   C N N 376 
VAL CG1  C N N 377 
VAL CG2  C N N 378 
VAL OXT  O N N 379 
VAL H    H N N 380 
VAL H2   H N N 381 
VAL HA   H N N 382 
VAL HB   H N N 383 
VAL HG11 H N N 384 
VAL HG12 H N N 385 
VAL HG13 H N N 386 
VAL HG21 H N N 387 
VAL HG22 H N N 388 
VAL HG23 H N N 389 
VAL HXT  H N N 390 
# 
loop_
_chem_comp_bond.comp_id 
_chem_comp_bond.atom_id_1 
_chem_comp_bond.atom_id_2 
_chem_comp_bond.value_order 
_chem_comp_bond.pdbx_aromatic_flag 
_chem_comp_bond.pdbx_stereo_config 
_chem_comp_bond.pdbx_ordinal 
ALA N   CA   sing N N 1   
ALA N   H    sing N N 2   
ALA N   H2   sing N N 3   
ALA CA  C    sing N N 4   
ALA CA  CB   sing N N 5   
ALA CA  HA   sing N N 6   
ALA C   O    doub N N 7   
ALA C   OXT  sing N N 8   
ALA CB  HB1  sing N N 9   
ALA CB  HB2  sing N N 10  
ALA CB  HB3  sing N N 11  
ALA OXT HXT  sing N N 12  
ARG N   CA   sing N N 13  
ARG N   H    sing N N 14  
ARG N   H2   sing N N 15  
ARG CA  C    sing N N 16  
ARG CA  CB   sing N N 17  
ARG CA  HA   sing N N 18  
ARG C   O    doub N N 19  
ARG C   OXT  sing N N 20  
ARG CB  CG   sing N N 21  
ARG CB  HB2  sing N N 22  
ARG CB  HB3  sing N N 23  
ARG CG  CD   sing N N 24  
ARG CG  HG2  sing N N 25  
ARG CG  HG3  sing N N 26  
ARG CD  NE   sing N N 27  
ARG CD  HD2  sing N N 28  
ARG CD  HD3  sing N N 29  
ARG NE  CZ   sing N N 30  
ARG NE  HE   sing N N 31  
ARG CZ  NH1  sing N N 32  
ARG CZ  NH2  doub N N 33  
ARG NH1 HH11 sing N N 34  
ARG NH1 HH12 sing N N 35  
ARG NH2 HH21 sing N N 36  
ARG NH2 HH22 sing N N 37  
ARG OXT HXT  sing N N 38  
ASN N   CA   sing N N 39  
ASN N   H    sing N N 40  
ASN N   H2   sing N N 41  
ASN CA  C    sing N N 42  
ASN CA  CB   sing N N 43  
ASN CA  HA   sing N N 44  
ASN C   O    doub N N 45  
ASN C   OXT  sing N N 46  
ASN CB  CG   sing N N 47  
ASN CB  HB2  sing N N 48  
ASN CB  HB3  sing N N 49  
ASN CG  OD1  doub N N 50  
ASN CG  ND2  sing N N 51  
ASN ND2 HD21 sing N N 52  
ASN ND2 HD22 sing N N 53  
ASN OXT HXT  sing N N 54  
ASP N   CA   sing N N 55  
ASP N   H    sing N N 56  
ASP N   H2   sing N N 57  
ASP CA  C    sing N N 58  
ASP CA  CB   sing N N 59  
ASP CA  HA   sing N N 60  
ASP C   O    doub N N 61  
ASP C   OXT  sing N N 62  
ASP CB  CG   sing N N 63  
ASP CB  HB2  sing N N 64  
ASP CB  HB3  sing N N 65  
ASP CG  OD1  doub N N 66  
ASP CG  OD2  sing N N 67  
ASP OD2 HD2  sing N N 68  
ASP OXT HXT  sing N N 69  
GLN N   CA   sing N N 70  
GLN N   H    sing N N 71  
GLN N   H2   sing N N 72  
GLN CA  C    sing N N 73  
GLN CA  CB   sing N N 74  
GLN CA  HA   sing N N 75  
GLN C   O    doub N N 76  
GLN C   OXT  sing N N 77  
GLN CB  CG   sing N N 78  
GLN CB  HB2  sing N N 79  
GLN CB  HB3  sing N N 80  
GLN CG  CD   sing N N 81  
GLN CG  HG2  sing N N 82  
GLN CG  HG3  sing N N 83  
GLN CD  OE1  doub N N 84  
GLN CD  NE2  sing N N 85  
GLN NE2 HE21 sing N N 86  
GLN NE2 HE22 sing N N 87  
GLN OXT HXT  sing N N 88  
GLU N   CA   sing N N 89  
GLU N   H    sing N N 90  
GLU N   H2   sing N N 91  
GLU CA  C    sing N N 92  
GLU CA  CB   sing N N 93  
GLU CA  HA   sing N N 94  
GLU C   O    doub N N 95  
GLU C   OXT  sing N N 96  
GLU CB  CG   sing N N 97  
GLU CB  HB2  sing N N 98  
GLU CB  HB3  sing N N 99  
GLU CG  CD   sing N N 100 
GLU CG  HG2  sing N N 101 
GLU CG  HG3  sing N N 102 
GLU CD  OE1  doub N N 103 
GLU CD  OE2  sing N N 104 
GLU OE2 HE2  sing N N 105 
GLU OXT HXT  sing N N 106 
GLY N   CA   sing N N 107 
GLY N   H    sing N N 108 
GLY N   H2   sing N N 109 
GLY CA  C    sing N N 110 
GLY CA  HA2  sing N N 111 
GLY CA  HA3  sing N N 112 
GLY C   O    doub N N 113 
GLY C   OXT  sing N N 114 
GLY OXT HXT  sing N N 115 
GOL C1  O1   sing N N 116 
GOL C1  C2   sing N N 117 
GOL C1  H11  sing N N 118 
GOL C1  H12  sing N N 119 
GOL O1  HO1  sing N N 120 
GOL C2  O2   sing N N 121 
GOL C2  C3   sing N N 122 
GOL C2  H2   sing N N 123 
GOL O2  HO2  sing N N 124 
GOL C3  O3   sing N N 125 
GOL C3  H31  sing N N 126 
GOL C3  H32  sing N N 127 
GOL O3  HO3  sing N N 128 
HIS N   CA   sing N N 129 
HIS N   H    sing N N 130 
HIS N   H2   sing N N 131 
HIS CA  C    sing N N 132 
HIS CA  CB   sing N N 133 
HIS CA  HA   sing N N 134 
HIS C   O    doub N N 135 
HIS C   OXT  sing N N 136 
HIS CB  CG   sing N N 137 
HIS CB  HB2  sing N N 138 
HIS CB  HB3  sing N N 139 
HIS CG  ND1  sing Y N 140 
HIS CG  CD2  doub Y N 141 
HIS ND1 CE1  doub Y N 142 
HIS ND1 HD1  sing N N 143 
HIS CD2 NE2  sing Y N 144 
HIS CD2 HD2  sing N N 145 
HIS CE1 NE2  sing Y N 146 
HIS CE1 HE1  sing N N 147 
HIS NE2 HE2  sing N N 148 
HIS OXT HXT  sing N N 149 
HOH O   H1   sing N N 150 
HOH O   H2   sing N N 151 
ILE N   CA   sing N N 152 
ILE N   H    sing N N 153 
ILE N   H2   sing N N 154 
ILE CA  C    sing N N 155 
ILE CA  CB   sing N N 156 
ILE CA  HA   sing N N 157 
ILE C   O    doub N N 158 
ILE C   OXT  sing N N 159 
ILE CB  CG1  sing N N 160 
ILE CB  CG2  sing N N 161 
ILE CB  HB   sing N N 162 
ILE CG1 CD1  sing N N 163 
ILE CG1 HG12 sing N N 164 
ILE CG1 HG13 sing N N 165 
ILE CG2 HG21 sing N N 166 
ILE CG2 HG22 sing N N 167 
ILE CG2 HG23 sing N N 168 
ILE CD1 HD11 sing N N 169 
ILE CD1 HD12 sing N N 170 
ILE CD1 HD13 sing N N 171 
ILE OXT HXT  sing N N 172 
LEU N   CA   sing N N 173 
LEU N   H    sing N N 174 
LEU N   H2   sing N N 175 
LEU CA  C    sing N N 176 
LEU CA  CB   sing N N 177 
LEU CA  HA   sing N N 178 
LEU C   O    doub N N 179 
LEU C   OXT  sing N N 180 
LEU CB  CG   sing N N 181 
LEU CB  HB2  sing N N 182 
LEU CB  HB3  sing N N 183 
LEU CG  CD1  sing N N 184 
LEU CG  CD2  sing N N 185 
LEU CG  HG   sing N N 186 
LEU CD1 HD11 sing N N 187 
LEU CD1 HD12 sing N N 188 
LEU CD1 HD13 sing N N 189 
LEU CD2 HD21 sing N N 190 
LEU CD2 HD22 sing N N 191 
LEU CD2 HD23 sing N N 192 
LEU OXT HXT  sing N N 193 
LYS N   CA   sing N N 194 
LYS N   H    sing N N 195 
LYS N   H2   sing N N 196 
LYS CA  C    sing N N 197 
LYS CA  CB   sing N N 198 
LYS CA  HA   sing N N 199 
LYS C   O    doub N N 200 
LYS C   OXT  sing N N 201 
LYS CB  CG   sing N N 202 
LYS CB  HB2  sing N N 203 
LYS CB  HB3  sing N N 204 
LYS CG  CD   sing N N 205 
LYS CG  HG2  sing N N 206 
LYS CG  HG3  sing N N 207 
LYS CD  CE   sing N N 208 
LYS CD  HD2  sing N N 209 
LYS CD  HD3  sing N N 210 
LYS CE  NZ   sing N N 211 
LYS CE  HE2  sing N N 212 
LYS CE  HE3  sing N N 213 
LYS NZ  HZ1  sing N N 214 
LYS NZ  HZ2  sing N N 215 
LYS NZ  HZ3  sing N N 216 
LYS OXT HXT  sing N N 217 
MET N   CA   sing N N 218 
MET N   H    sing N N 219 
MET N   H2   sing N N 220 
MET CA  C    sing N N 221 
MET CA  CB   sing N N 222 
MET CA  HA   sing N N 223 
MET C   O    doub N N 224 
MET C   OXT  sing N N 225 
MET CB  CG   sing N N 226 
MET CB  HB2  sing N N 227 
MET CB  HB3  sing N N 228 
MET CG  SD   sing N N 229 
MET CG  HG2  sing N N 230 
MET CG  HG3  sing N N 231 
MET SD  CE   sing N N 232 
MET CE  HE1  sing N N 233 
MET CE  HE2  sing N N 234 
MET CE  HE3  sing N N 235 
MET OXT HXT  sing N N 236 
PHE N   CA   sing N N 237 
PHE N   H    sing N N 238 
PHE N   H2   sing N N 239 
PHE CA  C    sing N N 240 
PHE CA  CB   sing N N 241 
PHE CA  HA   sing N N 242 
PHE C   O    doub N N 243 
PHE C   OXT  sing N N 244 
PHE CB  CG   sing N N 245 
PHE CB  HB2  sing N N 246 
PHE CB  HB3  sing N N 247 
PHE CG  CD1  doub Y N 248 
PHE CG  CD2  sing Y N 249 
PHE CD1 CE1  sing Y N 250 
PHE CD1 HD1  sing N N 251 
PHE CD2 CE2  doub Y N 252 
PHE CD2 HD2  sing N N 253 
PHE CE1 CZ   doub Y N 254 
PHE CE1 HE1  sing N N 255 
PHE CE2 CZ   sing Y N 256 
PHE CE2 HE2  sing N N 257 
PHE CZ  HZ   sing N N 258 
PHE OXT HXT  sing N N 259 
PRO N   CA   sing N N 260 
PRO N   CD   sing N N 261 
PRO N   H    sing N N 262 
PRO CA  C    sing N N 263 
PRO CA  CB   sing N N 264 
PRO CA  HA   sing N N 265 
PRO C   O    doub N N 266 
PRO C   OXT  sing N N 267 
PRO CB  CG   sing N N 268 
PRO CB  HB2  sing N N 269 
PRO CB  HB3  sing N N 270 
PRO CG  CD   sing N N 271 
PRO CG  HG2  sing N N 272 
PRO CG  HG3  sing N N 273 
PRO CD  HD2  sing N N 274 
PRO CD  HD3  sing N N 275 
PRO OXT HXT  sing N N 276 
SER N   CA   sing N N 277 
SER N   H    sing N N 278 
SER N   H2   sing N N 279 
SER CA  C    sing N N 280 
SER CA  CB   sing N N 281 
SER CA  HA   sing N N 282 
SER C   O    doub N N 283 
SER C   OXT  sing N N 284 
SER CB  OG   sing N N 285 
SER CB  HB2  sing N N 286 
SER CB  HB3  sing N N 287 
SER OG  HG   sing N N 288 
SER OXT HXT  sing N N 289 
THR N   CA   sing N N 290 
THR N   H    sing N N 291 
THR N   H2   sing N N 292 
THR CA  C    sing N N 293 
THR CA  CB   sing N N 294 
THR CA  HA   sing N N 295 
THR C   O    doub N N 296 
THR C   OXT  sing N N 297 
THR CB  OG1  sing N N 298 
THR CB  CG2  sing N N 299 
THR CB  HB   sing N N 300 
THR OG1 HG1  sing N N 301 
THR CG2 HG21 sing N N 302 
THR CG2 HG22 sing N N 303 
THR CG2 HG23 sing N N 304 
THR OXT HXT  sing N N 305 
TRP N   CA   sing N N 306 
TRP N   H    sing N N 307 
TRP N   H2   sing N N 308 
TRP CA  C    sing N N 309 
TRP CA  CB   sing N N 310 
TRP CA  HA   sing N N 311 
TRP C   O    doub N N 312 
TRP C   OXT  sing N N 313 
TRP CB  CG   sing N N 314 
TRP CB  HB2  sing N N 315 
TRP CB  HB3  sing N N 316 
TRP CG  CD1  doub Y N 317 
TRP CG  CD2  sing Y N 318 
TRP CD1 NE1  sing Y N 319 
TRP CD1 HD1  sing N N 320 
TRP CD2 CE2  doub Y N 321 
TRP CD2 CE3  sing Y N 322 
TRP NE1 CE2  sing Y N 323 
TRP NE1 HE1  sing N N 324 
TRP CE2 CZ2  sing Y N 325 
TRP CE3 CZ3  doub Y N 326 
TRP CE3 HE3  sing N N 327 
TRP CZ2 CH2  doub Y N 328 
TRP CZ2 HZ2  sing N N 329 
TRP CZ3 CH2  sing Y N 330 
TRP CZ3 HZ3  sing N N 331 
TRP CH2 HH2  sing N N 332 
TRP OXT HXT  sing N N 333 
TYR N   CA   sing N N 334 
TYR N   H    sing N N 335 
TYR N   H2   sing N N 336 
TYR CA  C    sing N N 337 
TYR CA  CB   sing N N 338 
TYR CA  HA   sing N N 339 
TYR C   O    doub N N 340 
TYR C   OXT  sing N N 341 
TYR CB  CG   sing N N 342 
TYR CB  HB2  sing N N 343 
TYR CB  HB3  sing N N 344 
TYR CG  CD1  doub Y N 345 
TYR CG  CD2  sing Y N 346 
TYR CD1 CE1  sing Y N 347 
TYR CD1 HD1  sing N N 348 
TYR CD2 CE2  doub Y N 349 
TYR CD2 HD2  sing N N 350 
TYR CE1 CZ   doub Y N 351 
TYR CE1 HE1  sing N N 352 
TYR CE2 CZ   sing Y N 353 
TYR CE2 HE2  sing N N 354 
TYR CZ  OH   sing N N 355 
TYR OH  HH   sing N N 356 
TYR OXT HXT  sing N N 357 
VAL N   CA   sing N N 358 
VAL N   H    sing N N 359 
VAL N   H2   sing N N 360 
VAL CA  C    sing N N 361 
VAL CA  CB   sing N N 362 
VAL CA  HA   sing N N 363 
VAL C   O    doub N N 364 
VAL C   OXT  sing N N 365 
VAL CB  CG1  sing N N 366 
VAL CB  CG2  sing N N 367 
VAL CB  HB   sing N N 368 
VAL CG1 HG11 sing N N 369 
VAL CG1 HG12 sing N N 370 
VAL CG1 HG13 sing N N 371 
VAL CG2 HG21 sing N N 372 
VAL CG2 HG22 sing N N 373 
VAL CG2 HG23 sing N N 374 
VAL OXT HXT  sing N N 375 
# 
loop_
_pdbx_entity_nonpoly.entity_id 
_pdbx_entity_nonpoly.name 
_pdbx_entity_nonpoly.comp_id 
2 GLYCEROL GOL 
3 water    HOH 
# 
_pdbx_initial_refinement_model.id               1 
_pdbx_initial_refinement_model.entity_id_list   ? 
_pdbx_initial_refinement_model.type             'experimental model' 
_pdbx_initial_refinement_model.source_name      PDB 
_pdbx_initial_refinement_model.accession_code   4ERT 
_pdbx_initial_refinement_model.details          ? 
# 
